data_3WTR
# 
_entry.id   3WTR 
# 
_audit_conform.dict_name       mmcif_pdbx.dic 
_audit_conform.dict_version    5.381 
_audit_conform.dict_location   http://mmcif.pdb.org/dictionaries/ascii/mmcif_pdbx.dic 
# 
loop_
_database_2.database_id 
_database_2.database_code 
_database_2.pdbx_database_accession 
_database_2.pdbx_DOI 
PDB   3WTR         pdb_00003wtr 10.2210/pdb3wtr/pdb 
RCSB  RCSB096781   ?            ?                   
WWPDB D_1000096781 ?            ?                   
# 
_pdbx_database_status.status_code                     REL 
_pdbx_database_status.entry_id                        3WTR 
_pdbx_database_status.recvd_initial_deposition_date   2014-04-19 
_pdbx_database_status.deposit_site                    PDBJ 
_pdbx_database_status.process_site                    PDBJ 
_pdbx_database_status.methods_development_category    ? 
_pdbx_database_status.status_code_sf                  REL 
_pdbx_database_status.status_code_mr                  ? 
_pdbx_database_status.SG_entry                        ? 
_pdbx_database_status.status_code_cs                  ? 
_pdbx_database_status.pdb_format_compatible           Y 
_pdbx_database_status.status_code_nmr_data            ? 
# 
loop_
_audit_author.name 
_audit_author.pdbx_ordinal 
'Kobayashi, K.' 1 
'Ishii, R.'     2 
'Ishitani, R.'  3 
'Nureki, O.'    4 
# 
_citation.id                        primary 
_citation.title                     
'The non-canonical hydroxylase structure of YfcM reveals a metal ion-coordination motif required for EF-P hydroxylation' 
_citation.journal_abbrev            'Nucleic Acids Res.' 
_citation.journal_volume            42 
_citation.page_first                12295 
_citation.page_last                 12305 
_citation.year                      2014 
_citation.journal_id_ASTM           NARHAD 
_citation.country                   UK 
_citation.journal_id_ISSN           0305-1048 
_citation.journal_id_CSD            0389 
_citation.book_publisher            ? 
_citation.pdbx_database_id_PubMed   25274739 
_citation.pdbx_database_id_DOI      10.1093/nar/gku898 
# 
loop_
_citation_author.citation_id 
_citation_author.name 
_citation_author.ordinal 
_citation_author.identifier_ORCID 
primary 'Kobayashi, K.' 1 ? 
primary 'Katz, A.'      2 ? 
primary 'Rajkovic, A.'  3 ? 
primary 'Ishii, R.'     4 ? 
primary 'Branson, O.E.' 5 ? 
primary 'Freitas, M.A.' 6 ? 
primary 'Ishitani, R.'  7 ? 
primary 'Ibba, M.'      8 ? 
primary 'Nureki, O.'    9 ? 
# 
_cell.entry_id           3WTR 
_cell.length_a           124.289 
_cell.length_b           36.938 
_cell.length_c           37.544 
_cell.angle_alpha        90.00 
_cell.angle_beta         101.27 
_cell.angle_gamma        90.00 
_cell.Z_PDB              4 
_cell.pdbx_unique_axis   ? 
_cell.length_a_esd       ? 
_cell.length_b_esd       ? 
_cell.length_c_esd       ? 
_cell.angle_alpha_esd    ? 
_cell.angle_beta_esd     ? 
_cell.angle_gamma_esd    ? 
# 
_symmetry.entry_id                         3WTR 
_symmetry.space_group_name_H-M             'C 1 2 1' 
_symmetry.pdbx_full_space_group_name_H-M   ? 
_symmetry.cell_setting                     ? 
_symmetry.Int_Tables_number                5 
_symmetry.space_group_name_Hall            ? 
# 
loop_
_entity.id 
_entity.type 
_entity.src_method 
_entity.pdbx_description 
_entity.formula_weight 
_entity.pdbx_number_of_molecules 
_entity.pdbx_ec 
_entity.pdbx_mutation 
_entity.pdbx_fragment 
_entity.details 
1 polymer     man 'Uncharacterized protein' 22219.680 1  ? ? ? ? 
2 non-polymer syn 'COBALT (II) ION'         58.933    1  ? ? ? ? 
3 water       nat water                     18.015    73 ? ? ? ? 
# 
_entity_poly.entity_id                      1 
_entity_poly.type                           'polypeptide(L)' 
_entity_poly.nstd_linkage                   no 
_entity_poly.nstd_monomer                   no 
_entity_poly.pdbx_seq_one_letter_code       
;MNSTHHYEQLIEIFNSCFADEFNTRLIKGDDEPIYLPADAEVPYNRIVFAHGFYASAIHEISHWCIAGKARRELVDFGYW
YCPDGRDAQTQSQFEDVEVKPQALDWLFCVAAGYPFNVSCDNLEGDFEPDRVVFQRRVHAQVMDYLANGIPERPARFIKA
LQNYYYTPELTAEQFPWPEALSLEHHHHHH
;
_entity_poly.pdbx_seq_one_letter_code_can   
;MNSTHHYEQLIEIFNSCFADEFNTRLIKGDDEPIYLPADAEVPYNRIVFAHGFYASAIHEISHWCIAGKARRELVDFGYW
YCPDGRDAQTQSQFEDVEVKPQALDWLFCVAAGYPFNVSCDNLEGDFEPDRVVFQRRVHAQVMDYLANGIPERPARFIKA
LQNYYYTPELTAEQFPWPEALSLEHHHHHH
;
_entity_poly.pdbx_strand_id                 A 
_entity_poly.pdbx_target_identifier         ? 
# 
loop_
_entity_poly_seq.entity_id 
_entity_poly_seq.num 
_entity_poly_seq.mon_id 
_entity_poly_seq.hetero 
1 1   MET n 
1 2   ASN n 
1 3   SER n 
1 4   THR n 
1 5   HIS n 
1 6   HIS n 
1 7   TYR n 
1 8   GLU n 
1 9   GLN n 
1 10  LEU n 
1 11  ILE n 
1 12  GLU n 
1 13  ILE n 
1 14  PHE n 
1 15  ASN n 
1 16  SER n 
1 17  CYS n 
1 18  PHE n 
1 19  ALA n 
1 20  ASP n 
1 21  GLU n 
1 22  PHE n 
1 23  ASN n 
1 24  THR n 
1 25  ARG n 
1 26  LEU n 
1 27  ILE n 
1 28  LYS n 
1 29  GLY n 
1 30  ASP n 
1 31  ASP n 
1 32  GLU n 
1 33  PRO n 
1 34  ILE n 
1 35  TYR n 
1 36  LEU n 
1 37  PRO n 
1 38  ALA n 
1 39  ASP n 
1 40  ALA n 
1 41  GLU n 
1 42  VAL n 
1 43  PRO n 
1 44  TYR n 
1 45  ASN n 
1 46  ARG n 
1 47  ILE n 
1 48  VAL n 
1 49  PHE n 
1 50  ALA n 
1 51  HIS n 
1 52  GLY n 
1 53  PHE n 
1 54  TYR n 
1 55  ALA n 
1 56  SER n 
1 57  ALA n 
1 58  ILE n 
1 59  HIS n 
1 60  GLU n 
1 61  ILE n 
1 62  SER n 
1 63  HIS n 
1 64  TRP n 
1 65  CYS n 
1 66  ILE n 
1 67  ALA n 
1 68  GLY n 
1 69  LYS n 
1 70  ALA n 
1 71  ARG n 
1 72  ARG n 
1 73  GLU n 
1 74  LEU n 
1 75  VAL n 
1 76  ASP n 
1 77  PHE n 
1 78  GLY n 
1 79  TYR n 
1 80  TRP n 
1 81  TYR n 
1 82  CYS n 
1 83  PRO n 
1 84  ASP n 
1 85  GLY n 
1 86  ARG n 
1 87  ASP n 
1 88  ALA n 
1 89  GLN n 
1 90  THR n 
1 91  GLN n 
1 92  SER n 
1 93  GLN n 
1 94  PHE n 
1 95  GLU n 
1 96  ASP n 
1 97  VAL n 
1 98  GLU n 
1 99  VAL n 
1 100 LYS n 
1 101 PRO n 
1 102 GLN n 
1 103 ALA n 
1 104 LEU n 
1 105 ASP n 
1 106 TRP n 
1 107 LEU n 
1 108 PHE n 
1 109 CYS n 
1 110 VAL n 
1 111 ALA n 
1 112 ALA n 
1 113 GLY n 
1 114 TYR n 
1 115 PRO n 
1 116 PHE n 
1 117 ASN n 
1 118 VAL n 
1 119 SER n 
1 120 CYS n 
1 121 ASP n 
1 122 ASN n 
1 123 LEU n 
1 124 GLU n 
1 125 GLY n 
1 126 ASP n 
1 127 PHE n 
1 128 GLU n 
1 129 PRO n 
1 130 ASP n 
1 131 ARG n 
1 132 VAL n 
1 133 VAL n 
1 134 PHE n 
1 135 GLN n 
1 136 ARG n 
1 137 ARG n 
1 138 VAL n 
1 139 HIS n 
1 140 ALA n 
1 141 GLN n 
1 142 VAL n 
1 143 MET n 
1 144 ASP n 
1 145 TYR n 
1 146 LEU n 
1 147 ALA n 
1 148 ASN n 
1 149 GLY n 
1 150 ILE n 
1 151 PRO n 
1 152 GLU n 
1 153 ARG n 
1 154 PRO n 
1 155 ALA n 
1 156 ARG n 
1 157 PHE n 
1 158 ILE n 
1 159 LYS n 
1 160 ALA n 
1 161 LEU n 
1 162 GLN n 
1 163 ASN n 
1 164 TYR n 
1 165 TYR n 
1 166 TYR n 
1 167 THR n 
1 168 PRO n 
1 169 GLU n 
1 170 LEU n 
1 171 THR n 
1 172 ALA n 
1 173 GLU n 
1 174 GLN n 
1 175 PHE n 
1 176 PRO n 
1 177 TRP n 
1 178 PRO n 
1 179 GLU n 
1 180 ALA n 
1 181 LEU n 
1 182 SER n 
1 183 LEU n 
1 184 GLU n 
1 185 HIS n 
1 186 HIS n 
1 187 HIS n 
1 188 HIS n 
1 189 HIS n 
1 190 HIS n 
# 
_entity_src_gen.entity_id                          1 
_entity_src_gen.pdbx_src_id                        1 
_entity_src_gen.pdbx_alt_source_flag               sample 
_entity_src_gen.pdbx_seq_type                      ? 
_entity_src_gen.pdbx_beg_seq_num                   ? 
_entity_src_gen.pdbx_end_seq_num                   ? 
_entity_src_gen.gene_src_common_name               ? 
_entity_src_gen.gene_src_genus                     ? 
_entity_src_gen.pdbx_gene_src_gene                 WCE_02429 
_entity_src_gen.gene_src_species                   ? 
_entity_src_gen.gene_src_strain                    KTE5 
_entity_src_gen.gene_src_tissue                    ? 
_entity_src_gen.gene_src_tissue_fraction           ? 
_entity_src_gen.gene_src_details                   ? 
_entity_src_gen.pdbx_gene_src_fragment             ? 
_entity_src_gen.pdbx_gene_src_scientific_name      'Escherichia coli' 
_entity_src_gen.pdbx_gene_src_ncbi_taxonomy_id     1169326 
_entity_src_gen.pdbx_gene_src_variant              ? 
_entity_src_gen.pdbx_gene_src_cell_line            ? 
_entity_src_gen.pdbx_gene_src_atcc                 ? 
_entity_src_gen.pdbx_gene_src_organ                ? 
_entity_src_gen.pdbx_gene_src_organelle            ? 
_entity_src_gen.pdbx_gene_src_cell                 ? 
_entity_src_gen.pdbx_gene_src_cellular_location    ? 
_entity_src_gen.host_org_common_name               ? 
_entity_src_gen.pdbx_host_org_scientific_name      'Escherichia coli' 
_entity_src_gen.pdbx_host_org_ncbi_taxonomy_id     562 
_entity_src_gen.host_org_genus                     ? 
_entity_src_gen.pdbx_host_org_gene                 ? 
_entity_src_gen.pdbx_host_org_organ                ? 
_entity_src_gen.host_org_species                   ? 
_entity_src_gen.pdbx_host_org_tissue               ? 
_entity_src_gen.pdbx_host_org_tissue_fraction      ? 
_entity_src_gen.pdbx_host_org_strain               ? 
_entity_src_gen.pdbx_host_org_variant              ? 
_entity_src_gen.pdbx_host_org_cell_line            ? 
_entity_src_gen.pdbx_host_org_atcc                 ? 
_entity_src_gen.pdbx_host_org_culture_collection   ? 
_entity_src_gen.pdbx_host_org_cell                 ? 
_entity_src_gen.pdbx_host_org_organelle            ? 
_entity_src_gen.pdbx_host_org_cellular_location    ? 
_entity_src_gen.pdbx_host_org_vector_type          ? 
_entity_src_gen.pdbx_host_org_vector               ? 
_entity_src_gen.host_org_details                   ? 
_entity_src_gen.expression_system_id               ? 
_entity_src_gen.plasmid_name                       ? 
_entity_src_gen.plasmid_details                    ? 
_entity_src_gen.pdbx_description                   ? 
# 
_struct_ref.id                         1 
_struct_ref.db_name                    UNP 
_struct_ref.db_code                    L2V0E0_ECOLX 
_struct_ref.pdbx_db_accession          L2V0E0 
_struct_ref.entity_id                  1 
_struct_ref.pdbx_seq_one_letter_code   
;MNSTHHYEQLIEIFNSCFADEFNTRLIKGDDEPIYLPADAEVPYNRIVFAHGFYASAIHEISHWCIAGKARRELVDFGYW
YCPDGRDAQTQSQFEDVEVKPQALDWLFCVAAGYPFNVSCDNLEGDFEPDRVVFQRRVHAQVMDYLANGIPERPARFIKA
LQNYYYTPELTAEQFPWPEALS
;
_struct_ref.pdbx_align_begin           1 
_struct_ref.pdbx_db_isoform            ? 
# 
_struct_ref_seq.align_id                      1 
_struct_ref_seq.ref_id                        1 
_struct_ref_seq.pdbx_PDB_id_code              3WTR 
_struct_ref_seq.pdbx_strand_id                A 
_struct_ref_seq.seq_align_beg                 1 
_struct_ref_seq.pdbx_seq_align_beg_ins_code   ? 
_struct_ref_seq.seq_align_end                 182 
_struct_ref_seq.pdbx_seq_align_end_ins_code   ? 
_struct_ref_seq.pdbx_db_accession             L2V0E0 
_struct_ref_seq.db_align_beg                  1 
_struct_ref_seq.pdbx_db_align_beg_ins_code    ? 
_struct_ref_seq.db_align_end                  182 
_struct_ref_seq.pdbx_db_align_end_ins_code    ? 
_struct_ref_seq.pdbx_auth_seq_align_beg       1 
_struct_ref_seq.pdbx_auth_seq_align_end       182 
# 
loop_
_struct_ref_seq_dif.align_id 
_struct_ref_seq_dif.pdbx_pdb_id_code 
_struct_ref_seq_dif.mon_id 
_struct_ref_seq_dif.pdbx_pdb_strand_id 
_struct_ref_seq_dif.seq_num 
_struct_ref_seq_dif.pdbx_pdb_ins_code 
_struct_ref_seq_dif.pdbx_seq_db_name 
_struct_ref_seq_dif.pdbx_seq_db_accession_code 
_struct_ref_seq_dif.db_mon_id 
_struct_ref_seq_dif.pdbx_seq_db_seq_num 
_struct_ref_seq_dif.details 
_struct_ref_seq_dif.pdbx_auth_seq_num 
_struct_ref_seq_dif.pdbx_ordinal 
1 3WTR LEU A 183 ? UNP L2V0E0 ? ? 'expression tag' 183 1 
1 3WTR GLU A 184 ? UNP L2V0E0 ? ? 'expression tag' 184 2 
1 3WTR HIS A 185 ? UNP L2V0E0 ? ? 'expression tag' 185 3 
1 3WTR HIS A 186 ? UNP L2V0E0 ? ? 'expression tag' 186 4 
1 3WTR HIS A 187 ? UNP L2V0E0 ? ? 'expression tag' 187 5 
1 3WTR HIS A 188 ? UNP L2V0E0 ? ? 'expression tag' 188 6 
1 3WTR HIS A 189 ? UNP L2V0E0 ? ? 'expression tag' 189 7 
1 3WTR HIS A 190 ? UNP L2V0E0 ? ? 'expression tag' 190 8 
# 
loop_
_chem_comp.id 
_chem_comp.type 
_chem_comp.mon_nstd_flag 
_chem_comp.name 
_chem_comp.pdbx_synonyms 
_chem_comp.formula 
_chem_comp.formula_weight 
ALA 'L-peptide linking' y ALANINE           ? 'C3 H7 N O2'     89.093  
ARG 'L-peptide linking' y ARGININE          ? 'C6 H15 N4 O2 1' 175.209 
ASN 'L-peptide linking' y ASPARAGINE        ? 'C4 H8 N2 O3'    132.118 
ASP 'L-peptide linking' y 'ASPARTIC ACID'   ? 'C4 H7 N O4'     133.103 
CO  non-polymer         . 'COBALT (II) ION' ? 'Co 2'           58.933  
CYS 'L-peptide linking' y CYSTEINE          ? 'C3 H7 N O2 S'   121.158 
GLN 'L-peptide linking' y GLUTAMINE         ? 'C5 H10 N2 O3'   146.144 
GLU 'L-peptide linking' y 'GLUTAMIC ACID'   ? 'C5 H9 N O4'     147.129 
GLY 'peptide linking'   y GLYCINE           ? 'C2 H5 N O2'     75.067  
HIS 'L-peptide linking' y HISTIDINE         ? 'C6 H10 N3 O2 1' 156.162 
HOH non-polymer         . WATER             ? 'H2 O'           18.015  
ILE 'L-peptide linking' y ISOLEUCINE        ? 'C6 H13 N O2'    131.173 
LEU 'L-peptide linking' y LEUCINE           ? 'C6 H13 N O2'    131.173 
LYS 'L-peptide linking' y LYSINE            ? 'C6 H15 N2 O2 1' 147.195 
MET 'L-peptide linking' y METHIONINE        ? 'C5 H11 N O2 S'  149.211 
PHE 'L-peptide linking' y PHENYLALANINE     ? 'C9 H11 N O2'    165.189 
PRO 'L-peptide linking' y PROLINE           ? 'C5 H9 N O2'     115.130 
SER 'L-peptide linking' y SERINE            ? 'C3 H7 N O3'     105.093 
THR 'L-peptide linking' y THREONINE         ? 'C4 H9 N O3'     119.119 
TRP 'L-peptide linking' y TRYPTOPHAN        ? 'C11 H12 N2 O2'  204.225 
TYR 'L-peptide linking' y TYROSINE          ? 'C9 H11 N O3'    181.189 
VAL 'L-peptide linking' y VALINE            ? 'C5 H11 N O2'    117.146 
# 
_exptl.entry_id          3WTR 
_exptl.method            'X-RAY DIFFRACTION' 
_exptl.crystals_number   1 
# 
_exptl_crystal.id                    1 
_exptl_crystal.density_meas          ? 
_exptl_crystal.density_Matthews      1.90 
_exptl_crystal.density_percent_sol   35.33 
_exptl_crystal.description           'the entry contains Friedel pairs in F_Plus/Minus columns' 
_exptl_crystal.F_000                 ? 
_exptl_crystal.preparation           ? 
# 
_exptl_crystal_grow.crystal_id      1 
_exptl_crystal_grow.method          'VAPOR DIFFUSION, HANGING DROP' 
_exptl_crystal_grow.temp            293 
_exptl_crystal_grow.temp_details    ? 
_exptl_crystal_grow.pH              5.5 
_exptl_crystal_grow.pdbx_details    
'26% PEG 3350, 180mM ammonium sulfate, 100mM Bis-Tris, pH 5.5, VAPOR DIFFUSION, HANGING DROP, temperature 293K' 
_exptl_crystal_grow.pdbx_pH_range   . 
# 
_diffrn.id                     1 
_diffrn.ambient_temp           100 
_diffrn.ambient_temp_details   ? 
_diffrn.crystal_id             1 
# 
_diffrn_detector.diffrn_id              1 
_diffrn_detector.detector               CCD 
_diffrn_detector.type                   'RAYONIX MX225HE' 
_diffrn_detector.pdbx_collection_date   2013-02-01 
_diffrn_detector.details                ? 
# 
_diffrn_radiation.diffrn_id                        1 
_diffrn_radiation.wavelength_id                    1 
_diffrn_radiation.pdbx_monochromatic_or_laue_m_l   M 
_diffrn_radiation.monochromator                    'Rotated-inclined double-crystal monochromator, Si (111)' 
_diffrn_radiation.pdbx_diffrn_protocol             'SINGLE WAVELENGTH' 
_diffrn_radiation.pdbx_scattering_type             x-ray 
# 
_diffrn_radiation_wavelength.id           1 
_diffrn_radiation_wavelength.wavelength   1.60490 
_diffrn_radiation_wavelength.wt           1.0 
# 
_diffrn_source.diffrn_id                   1 
_diffrn_source.source                      SYNCHROTRON 
_diffrn_source.type                        'SPRING-8 BEAMLINE BL41XU' 
_diffrn_source.pdbx_synchrotron_site       SPring-8 
_diffrn_source.pdbx_synchrotron_beamline   BL41XU 
_diffrn_source.pdbx_wavelength             ? 
_diffrn_source.pdbx_wavelength_list        1.60490 
# 
_reflns.entry_id                     3WTR 
_reflns.observed_criterion_sigma_I   ? 
_reflns.observed_criterion_sigma_F   ? 
_reflns.d_resolution_low             50 
_reflns.d_resolution_high            1.96 
_reflns.number_obs                   12114 
_reflns.number_all                   ? 
_reflns.percent_possible_obs         ? 
_reflns.pdbx_Rmerge_I_obs            ? 
_reflns.pdbx_Rsym_value              ? 
_reflns.pdbx_netI_over_sigmaI        ? 
_reflns.B_iso_Wilson_estimate        21.770 
_reflns.pdbx_redundancy              ? 
_reflns.R_free_details               ? 
_reflns.limit_h_max                  ? 
_reflns.limit_h_min                  ? 
_reflns.limit_k_max                  ? 
_reflns.limit_k_min                  ? 
_reflns.limit_l_max                  ? 
_reflns.limit_l_min                  ? 
_reflns.observed_criterion_F_max     ? 
_reflns.observed_criterion_F_min     ? 
_reflns.pdbx_chi_squared             ? 
_reflns.pdbx_scaling_rejects         ? 
_reflns.pdbx_ordinal                 1 
_reflns.pdbx_diffrn_id               1 
# 
_refine.entry_id                                 3WTR 
_refine.ls_number_reflns_obs                     11581 
_refine.ls_number_reflns_all                     ? 
_refine.pdbx_ls_sigma_I                          ? 
_refine.pdbx_ls_sigma_F                          1.56 
_refine.pdbx_data_cutoff_high_absF               ? 
_refine.pdbx_data_cutoff_low_absF                ? 
_refine.pdbx_data_cutoff_high_rms_absF           ? 
_refine.ls_d_res_low                             36.820 
_refine.ls_d_res_high                            1.960 
_refine.ls_percent_reflns_obs                    98.53 
_refine.ls_R_factor_obs                          0.1718 
_refine.ls_R_factor_R_work                       0.1700 
_refine.ls_R_factor_R_free                       0.2067 
_refine.ls_R_factor_R_free_error                 ? 
_refine.ls_R_factor_R_free_error_details         ? 
_refine.ls_percent_reflns_R_free                 5.02 
_refine.ls_number_reflns_R_free                  581 
_refine.ls_number_parameters                     ? 
_refine.ls_number_restraints                     ? 
_refine.occupancy_min                            ? 
_refine.occupancy_max                            ? 
_refine.correlation_coeff_Fo_to_Fc               ? 
_refine.correlation_coeff_Fo_to_Fc_free          ? 
_refine.B_iso_mean                               24.4400 
_refine.aniso_B[1][1]                            ? 
_refine.aniso_B[2][2]                            ? 
_refine.aniso_B[3][3]                            ? 
_refine.aniso_B[1][2]                            ? 
_refine.aniso_B[1][3]                            ? 
_refine.aniso_B[2][3]                            ? 
_refine.solvent_model_details                    'FLAT BULK SOLVENT MODEL' 
_refine.solvent_model_param_ksol                 ? 
_refine.solvent_model_param_bsol                 ? 
_refine.pdbx_solvent_vdw_probe_radii             1.11 
_refine.pdbx_solvent_ion_probe_radii             ? 
_refine.pdbx_solvent_shrinkage_radii             0.90 
_refine.pdbx_ls_cross_valid_method               ? 
_refine.details                                  'the entry contains Friedel pairs in F_Plus/Minus columns' 
_refine.pdbx_starting_model                      4PDN 
_refine.pdbx_method_to_determine_struct          'MOLECULAR REPLACEMENT' 
_refine.pdbx_isotropic_thermal_model             ? 
_refine.pdbx_stereochemistry_target_values       ML 
_refine.pdbx_stereochem_target_val_spec_case     ? 
_refine.pdbx_R_Free_selection_details            ? 
_refine.pdbx_overall_ESU_R                       ? 
_refine.pdbx_overall_ESU_R_Free                  ? 
_refine.overall_SU_ML                            0.15 
_refine.overall_FOM_work_R_set                   0.8873 
_refine.B_iso_max                                65.150 
_refine.B_iso_min                                11.040 
_refine.pdbx_overall_phase_error                 18.7500 
_refine.pdbx_diffrn_id                           1 
_refine.pdbx_refine_id                           'X-RAY DIFFRACTION' 
_refine.ls_redundancy_reflns_obs                 ? 
_refine.overall_SU_B                             ? 
_refine.overall_SU_R_Cruickshank_DPI             ? 
_refine.overall_SU_R_free                        ? 
_refine.ls_wR_factor_R_free                      ? 
_refine.ls_wR_factor_R_work                      ? 
_refine.overall_FOM_free_R_set                   ? 
_refine.ls_R_factor_all                          ? 
_refine.pdbx_TLS_residual_ADP_flag               ? 
_refine.pdbx_overall_SU_R_free_Cruickshank_DPI   ? 
_refine.pdbx_overall_SU_R_Blow_DPI               ? 
_refine.pdbx_overall_SU_R_free_Blow_DPI          ? 
# 
_refine_hist.pdbx_refine_id                   'X-RAY DIFFRACTION' 
_refine_hist.cycle_id                         LAST 
_refine_hist.pdbx_number_atoms_protein        1128 
_refine_hist.pdbx_number_atoms_nucleic_acid   0 
_refine_hist.pdbx_number_atoms_ligand         1 
_refine_hist.number_atoms_solvent             73 
_refine_hist.number_atoms_total               1202 
_refine_hist.d_res_high                       1.960 
_refine_hist.d_res_low                        36.820 
# 
loop_
_refine_ls_restr.pdbx_refine_id 
_refine_ls_restr.type 
_refine_ls_restr.number 
_refine_ls_restr.dev_ideal 
_refine_ls_restr.dev_ideal_target 
_refine_ls_restr.weight 
_refine_ls_restr.pdbx_restraint_function 
'X-RAY DIFFRACTION' f_bond_d           1166 0.008  ? ? ? 
'X-RAY DIFFRACTION' f_angle_d          1595 0.982  ? ? ? 
'X-RAY DIFFRACTION' f_chiral_restr     168  0.045  ? ? ? 
'X-RAY DIFFRACTION' f_plane_restr      208  0.006  ? ? ? 
'X-RAY DIFFRACTION' f_dihedral_angle_d 397  14.134 ? ? ? 
# 
loop_
_refine_ls_shell.d_res_high 
_refine_ls_shell.d_res_low 
_refine_ls_shell.pdbx_total_number_of_bins_used 
_refine_ls_shell.percent_reflns_obs 
_refine_ls_shell.number_reflns_R_work 
_refine_ls_shell.R_factor_all 
_refine_ls_shell.R_factor_R_work 
_refine_ls_shell.R_factor_R_free 
_refine_ls_shell.percent_reflns_R_free 
_refine_ls_shell.number_reflns_R_free 
_refine_ls_shell.R_factor_R_free_error 
_refine_ls_shell.number_reflns_all 
_refine_ls_shell.number_reflns_obs 
_refine_ls_shell.pdbx_refine_id 
_refine_ls_shell.redundancy_reflns_obs 
1.9596 2.0488  8 95.0000  2626 . 0.1671 0.2148 . 139 . 2765 . 'X-RAY DIFFRACTION' . 
2.0488 2.1568  8 97.0000  2730 . 0.1683 0.2200 . 143 . 2873 . 'X-RAY DIFFRACTION' . 
2.1568 2.2919  8 98.0000  2759 . 0.1671 0.1956 . 146 . 2905 . 'X-RAY DIFFRACTION' . 
2.2919 2.4688  8 99.0000  2759 . 0.1714 0.2150 . 143 . 2902 . 'X-RAY DIFFRACTION' . 
2.4688 2.7172  8 99.0000  2749 . 0.1762 0.2039 . 151 . 2900 . 'X-RAY DIFFRACTION' . 
2.7172 3.1102  8 99.0000  2819 . 0.1755 0.1952 . 148 . 2967 . 'X-RAY DIFFRACTION' . 
3.1102 3.9178  8 100.0000 2741 . 0.1703 0.2249 . 146 . 2887 . 'X-RAY DIFFRACTION' . 
3.9178 36.8263 8 100.0000 2817 . 0.1660 0.1956 . 146 . 2963 . 'X-RAY DIFFRACTION' . 
# 
_struct.entry_id                  3WTR 
_struct.title                     'Crystal structure of E. coli YfcM bound to Co(II)' 
_struct.pdbx_model_details        ? 
_struct.pdbx_CASP_flag            ? 
_struct.pdbx_model_type_details   ? 
# 
_struct_keywords.entry_id        3WTR 
_struct_keywords.pdbx_keywords   TRANSLATION 
_struct_keywords.text            'Hydroxylation, TRANSLATION' 
# 
loop_
_struct_asym.id 
_struct_asym.pdbx_blank_PDB_chainid_flag 
_struct_asym.pdbx_modified 
_struct_asym.entity_id 
_struct_asym.details 
A N N 1 ? 
B N N 2 ? 
C N N 3 ? 
# 
_struct_biol.id        1 
_struct_biol.details   ? 
# 
loop_
_struct_conf.conf_type_id 
_struct_conf.id 
_struct_conf.pdbx_PDB_helix_id 
_struct_conf.beg_label_comp_id 
_struct_conf.beg_label_asym_id 
_struct_conf.beg_label_seq_id 
_struct_conf.pdbx_beg_PDB_ins_code 
_struct_conf.end_label_comp_id 
_struct_conf.end_label_asym_id 
_struct_conf.end_label_seq_id 
_struct_conf.pdbx_end_PDB_ins_code 
_struct_conf.beg_auth_comp_id 
_struct_conf.beg_auth_asym_id 
_struct_conf.beg_auth_seq_id 
_struct_conf.end_auth_comp_id 
_struct_conf.end_auth_asym_id 
_struct_conf.end_auth_seq_id 
_struct_conf.pdbx_PDB_helix_class 
_struct_conf.details 
_struct_conf.pdbx_PDB_helix_length 
HELX_P HELX_P1 1 HIS A 6   ? ALA A 19  ? HIS A 6   ALA A 19  1 ? 14 
HELX_P HELX_P2 2 PHE A 53  ? ALA A 67  ? PHE A 53  ALA A 67  1 ? 15 
HELX_P HELX_P3 3 PHE A 94  ? GLY A 113 ? PHE A 94  GLY A 113 1 ? 20 
HELX_P HELX_P4 4 VAL A 132 ? GLY A 149 ? VAL A 132 GLY A 149 1 ? 18 
HELX_P HELX_P5 5 PRO A 151 ? TYR A 166 ? PRO A 151 TYR A 166 1 ? 16 
HELX_P HELX_P6 6 THR A 171 ? PHE A 175 ? THR A 171 PHE A 175 5 ? 5  
# 
_struct_conf_type.id          HELX_P 
_struct_conf_type.criteria    ? 
_struct_conf_type.reference   ? 
# 
loop_
_struct_conn.id 
_struct_conn.conn_type_id 
_struct_conn.pdbx_leaving_atom_flag 
_struct_conn.pdbx_PDB_id 
_struct_conn.ptnr1_label_asym_id 
_struct_conn.ptnr1_label_comp_id 
_struct_conn.ptnr1_label_seq_id 
_struct_conn.ptnr1_label_atom_id 
_struct_conn.pdbx_ptnr1_label_alt_id 
_struct_conn.pdbx_ptnr1_PDB_ins_code 
_struct_conn.pdbx_ptnr1_standard_comp_id 
_struct_conn.ptnr1_symmetry 
_struct_conn.ptnr2_label_asym_id 
_struct_conn.ptnr2_label_comp_id 
_struct_conn.ptnr2_label_seq_id 
_struct_conn.ptnr2_label_atom_id 
_struct_conn.pdbx_ptnr2_label_alt_id 
_struct_conn.pdbx_ptnr2_PDB_ins_code 
_struct_conn.ptnr1_auth_asym_id 
_struct_conn.ptnr1_auth_comp_id 
_struct_conn.ptnr1_auth_seq_id 
_struct_conn.ptnr2_auth_asym_id 
_struct_conn.ptnr2_auth_comp_id 
_struct_conn.ptnr2_auth_seq_id 
_struct_conn.ptnr2_symmetry 
_struct_conn.pdbx_ptnr3_label_atom_id 
_struct_conn.pdbx_ptnr3_label_seq_id 
_struct_conn.pdbx_ptnr3_label_comp_id 
_struct_conn.pdbx_ptnr3_label_asym_id 
_struct_conn.pdbx_ptnr3_label_alt_id 
_struct_conn.pdbx_ptnr3_PDB_ins_code 
_struct_conn.details 
_struct_conn.pdbx_dist_value 
_struct_conn.pdbx_value_order 
_struct_conn.pdbx_role 
metalc1 metalc ? ? A HIS 59 NE2 ? ? ? 1_555 B CO  . CO ? ? A HIS 59  A CO  201 1_555 ? ? ? ? ? ? ? 2.050 ? ? 
metalc2 metalc ? ? A HIS 63 NE2 ? ? ? 1_555 B CO  . CO ? ? A HIS 63  A CO  201 1_555 ? ? ? ? ? ? ? 1.947 ? ? 
metalc3 metalc ? ? A GLU 98 OE1 ? ? ? 1_555 B CO  . CO ? ? A GLU 98  A CO  201 1_555 ? ? ? ? ? ? ? 2.291 ? ? 
metalc4 metalc ? ? A GLU 98 OE2 ? ? ? 1_555 B CO  . CO ? ? A GLU 98  A CO  201 1_555 ? ? ? ? ? ? ? 2.495 ? ? 
metalc5 metalc ? ? B CO  .  CO  ? ? ? 1_555 C HOH . O  ? ? A CO  201 A HOH 302 1_555 ? ? ? ? ? ? ? 2.155 ? ? 
metalc6 metalc ? ? B CO  .  CO  ? ? ? 1_555 C HOH . O  ? ? A CO  201 A HOH 353 1_555 ? ? ? ? ? ? ? 2.218 ? ? 
# 
_struct_conn_type.id          metalc 
_struct_conn_type.criteria    ? 
_struct_conn_type.reference   ? 
# 
_struct_sheet.id               A 
_struct_sheet.type             ? 
_struct_sheet.number_strands   3 
_struct_sheet.details          ? 
# 
loop_
_struct_sheet_order.sheet_id 
_struct_sheet_order.range_id_1 
_struct_sheet_order.range_id_2 
_struct_sheet_order.offset 
_struct_sheet_order.sense 
A 1 2 ? parallel      
A 2 3 ? anti-parallel 
# 
loop_
_struct_sheet_range.sheet_id 
_struct_sheet_range.id 
_struct_sheet_range.beg_label_comp_id 
_struct_sheet_range.beg_label_asym_id 
_struct_sheet_range.beg_label_seq_id 
_struct_sheet_range.pdbx_beg_PDB_ins_code 
_struct_sheet_range.end_label_comp_id 
_struct_sheet_range.end_label_asym_id 
_struct_sheet_range.end_label_seq_id 
_struct_sheet_range.pdbx_end_PDB_ins_code 
_struct_sheet_range.beg_auth_comp_id 
_struct_sheet_range.beg_auth_asym_id 
_struct_sheet_range.beg_auth_seq_id 
_struct_sheet_range.end_auth_comp_id 
_struct_sheet_range.end_auth_asym_id 
_struct_sheet_range.end_auth_seq_id 
A 1 THR A 24 ? LYS A 28 ? THR A 24 LYS A 28 
A 2 ASN A 45 ? PHE A 49 ? ASN A 45 PHE A 49 
A 3 ILE A 34 ? LEU A 36 ? ILE A 34 LEU A 36 
# 
loop_
_pdbx_struct_sheet_hbond.sheet_id 
_pdbx_struct_sheet_hbond.range_id_1 
_pdbx_struct_sheet_hbond.range_id_2 
_pdbx_struct_sheet_hbond.range_1_label_atom_id 
_pdbx_struct_sheet_hbond.range_1_label_comp_id 
_pdbx_struct_sheet_hbond.range_1_label_asym_id 
_pdbx_struct_sheet_hbond.range_1_label_seq_id 
_pdbx_struct_sheet_hbond.range_1_PDB_ins_code 
_pdbx_struct_sheet_hbond.range_1_auth_atom_id 
_pdbx_struct_sheet_hbond.range_1_auth_comp_id 
_pdbx_struct_sheet_hbond.range_1_auth_asym_id 
_pdbx_struct_sheet_hbond.range_1_auth_seq_id 
_pdbx_struct_sheet_hbond.range_2_label_atom_id 
_pdbx_struct_sheet_hbond.range_2_label_comp_id 
_pdbx_struct_sheet_hbond.range_2_label_asym_id 
_pdbx_struct_sheet_hbond.range_2_label_seq_id 
_pdbx_struct_sheet_hbond.range_2_PDB_ins_code 
_pdbx_struct_sheet_hbond.range_2_auth_atom_id 
_pdbx_struct_sheet_hbond.range_2_auth_comp_id 
_pdbx_struct_sheet_hbond.range_2_auth_asym_id 
_pdbx_struct_sheet_hbond.range_2_auth_seq_id 
A 1 2 N ILE A 27 ? N ILE A 27 O ILE A 47 ? O ILE A 47 
A 2 3 O VAL A 48 ? O VAL A 48 N ILE A 34 ? N ILE A 34 
# 
_struct_site.id                   AC1 
_struct_site.pdbx_evidence_code   Software 
_struct_site.pdbx_auth_asym_id    A 
_struct_site.pdbx_auth_comp_id    CO 
_struct_site.pdbx_auth_seq_id     201 
_struct_site.pdbx_auth_ins_code   ? 
_struct_site.pdbx_num_residues    5 
_struct_site.details              'BINDING SITE FOR RESIDUE CO A 201' 
# 
loop_
_struct_site_gen.id 
_struct_site_gen.site_id 
_struct_site_gen.pdbx_num_res 
_struct_site_gen.label_comp_id 
_struct_site_gen.label_asym_id 
_struct_site_gen.label_seq_id 
_struct_site_gen.pdbx_auth_ins_code 
_struct_site_gen.auth_comp_id 
_struct_site_gen.auth_asym_id 
_struct_site_gen.auth_seq_id 
_struct_site_gen.label_atom_id 
_struct_site_gen.label_alt_id 
_struct_site_gen.symmetry 
_struct_site_gen.details 
1 AC1 5 HIS A 59 ? HIS A 59  . ? 1_555 ? 
2 AC1 5 HIS A 63 ? HIS A 63  . ? 1_555 ? 
3 AC1 5 GLU A 98 ? GLU A 98  . ? 1_555 ? 
4 AC1 5 HOH C .  ? HOH A 302 . ? 1_555 ? 
5 AC1 5 HOH C .  ? HOH A 353 . ? 1_555 ? 
# 
_atom_sites.entry_id                    3WTR 
_atom_sites.fract_transf_matrix[1][1]   0.00758492 
_atom_sites.fract_transf_matrix[1][2]   -0.00258305 
_atom_sites.fract_transf_matrix[1][3]   -0.00176197 
_atom_sites.fract_transf_matrix[2][1]   -0.00718900 
_atom_sites.fract_transf_matrix[2][2]   -0.00346386 
_atom_sites.fract_transf_matrix[2][3]   -0.02586915 
_atom_sites.fract_transf_matrix[3][1]   0.01218767 
_atom_sites.fract_transf_matrix[3][2]   0.02337938 
_atom_sites.fract_transf_matrix[3][3]   -0.00651741 
_atom_sites.fract_transf_vector[1]      0.153816 
_atom_sites.fract_transf_vector[2]      0.504149 
_atom_sites.fract_transf_vector[3]      -0.338052 
# 
loop_
_atom_type.symbol 
C  
CO 
N  
O  
S  
# 
loop_
_atom_site.group_PDB 
_atom_site.id 
_atom_site.type_symbol 
_atom_site.label_atom_id 
_atom_site.label_alt_id 
_atom_site.label_comp_id 
_atom_site.label_asym_id 
_atom_site.label_entity_id 
_atom_site.label_seq_id 
_atom_site.pdbx_PDB_ins_code 
_atom_site.Cartn_x 
_atom_site.Cartn_y 
_atom_site.Cartn_z 
_atom_site.occupancy 
_atom_site.B_iso_or_equiv 
_atom_site.pdbx_formal_charge 
_atom_site.auth_seq_id 
_atom_site.auth_comp_id 
_atom_site.auth_asym_id 
_atom_site.auth_atom_id 
_atom_site.pdbx_PDB_model_num 
ATOM   1    N  N   . SER A 1 3   ? 0.528   0.183   -18.336 1.00 36.84 ? 3   SER A N   1 
ATOM   2    C  CA  . SER A 1 3   ? 1.812   0.137   -17.644 1.00 31.75 ? 3   SER A CA  1 
ATOM   3    C  C   . SER A 1 3   ? 2.127   -1.268  -17.146 1.00 26.41 ? 3   SER A C   1 
ATOM   4    O  O   . SER A 1 3   ? 1.226   -2.044  -16.828 1.00 29.46 ? 3   SER A O   1 
ATOM   5    C  CB  . SER A 1 3   ? 1.831   1.112   -16.457 1.00 34.62 ? 3   SER A CB  1 
ATOM   6    O  OG  . SER A 1 3   ? 2.039   2.458   -16.867 1.00 37.58 ? 3   SER A OG  1 
ATOM   7    N  N   . THR A 1 4   ? 3.410   -1.583  -17.059 1.00 23.62 ? 4   THR A N   1 
ATOM   8    C  CA  . THR A 1 4   ? 3.839   -2.816  -16.421 1.00 24.35 ? 4   THR A CA  1 
ATOM   9    C  C   . THR A 1 4   ? 3.815   -2.637  -14.905 1.00 23.27 ? 4   THR A C   1 
ATOM   10   O  O   . THR A 1 4   ? 3.799   -1.502  -14.422 1.00 20.05 ? 4   THR A O   1 
ATOM   11   C  CB  . THR A 1 4   ? 5.239   -3.210  -16.847 1.00 26.69 ? 4   THR A CB  1 
ATOM   12   O  OG1 . THR A 1 4   ? 6.153   -2.187  -16.443 1.00 23.64 ? 4   THR A OG1 1 
ATOM   13   C  CG2 . THR A 1 4   ? 5.301   -3.371  -18.349 1.00 26.71 ? 4   THR A CG2 1 
ATOM   14   N  N   . HIS A 1 5   ? 3.807   -3.743  -14.163 1.00 20.10 ? 5   HIS A N   1 
ATOM   15   C  CA  . HIS A 1 5   ? 3.849   -3.670  -12.701 1.00 17.24 ? 5   HIS A CA  1 
ATOM   16   C  C   . HIS A 1 5   ? 4.883   -4.638  -12.151 1.00 19.38 ? 5   HIS A C   1 
ATOM   17   O  O   . HIS A 1 5   ? 4.706   -5.855  -12.221 1.00 20.82 ? 5   HIS A O   1 
ATOM   18   C  CB  . HIS A 1 5   ? 2.456   -3.941  -12.114 1.00 18.38 ? 5   HIS A CB  1 
ATOM   19   C  CG  . HIS A 1 5   ? 1.450   -2.901  -12.489 1.00 20.97 ? 5   HIS A CG  1 
ATOM   20   N  ND1 . HIS A 1 5   ? 0.717   -2.954  -13.658 1.00 20.72 ? 5   HIS A ND1 1 
ATOM   21   C  CD2 . HIS A 1 5   ? 1.104   -1.736  -11.883 1.00 21.23 ? 5   HIS A CD2 1 
ATOM   22   C  CE1 . HIS A 1 5   ? -0.061  -1.889  -13.737 1.00 23.86 ? 5   HIS A CE1 1 
ATOM   23   N  NE2 . HIS A 1 5   ? 0.155   -1.135  -12.674 1.00 23.27 ? 5   HIS A NE2 1 
ATOM   24   N  N   . HIS A 1 6   ? 5.982   -4.078  -11.644 1.00 17.38 ? 6   HIS A N   1 
ATOM   25   C  CA  . HIS A 1 6   ? 7.111   -4.836  -11.092 1.00 16.75 ? 6   HIS A CA  1 
ATOM   26   C  C   . HIS A 1 6   ? 7.391   -4.328  -9.698  1.00 16.35 ? 6   HIS A C   1 
ATOM   27   O  O   . HIS A 1 6   ? 7.422   -3.107  -9.505  1.00 12.20 ? 6   HIS A O   1 
ATOM   28   C  CB  . HIS A 1 6   ? 8.388   -4.649  -11.924 1.00 20.03 ? 6   HIS A CB  1 
ATOM   29   C  CG  . HIS A 1 6   ? 8.354   -5.315  -13.258 1.00 22.02 ? 6   HIS A CG  1 
ATOM   30   N  ND1 . HIS A 1 6   ? 8.709   -6.636  -13.436 1.00 23.55 ? 6   HIS A ND1 1 
ATOM   31   C  CD2 . HIS A 1 6   ? 8.041   -4.837  -14.485 1.00 24.51 ? 6   HIS A CD2 1 
ATOM   32   C  CE1 . HIS A 1 6   ? 8.598   -6.947  -14.718 1.00 25.78 ? 6   HIS A CE1 1 
ATOM   33   N  NE2 . HIS A 1 6   ? 8.190   -5.874  -15.375 1.00 24.63 ? 6   HIS A NE2 1 
ATOM   34   N  N   . TYR A 1 7   ? 7.659   -5.229  -8.747  1.00 14.57 ? 7   TYR A N   1 
ATOM   35   C  CA  . TYR A 1 7   ? 7.926   -4.781  -7.374  1.00 15.62 ? 7   TYR A CA  1 
ATOM   36   C  C   . TYR A 1 7   ? 9.071   -3.784  -7.304  1.00 15.42 ? 7   TYR A C   1 
ATOM   37   O  O   . TYR A 1 7   ? 9.082   -2.925  -6.416  1.00 15.77 ? 7   TYR A O   1 
ATOM   38   C  CB  . TYR A 1 7   ? 8.215   -5.969  -6.437  1.00 16.92 ? 7   TYR A CB  1 
ATOM   39   C  CG  . TYR A 1 7   ? 9.538   -6.672  -6.674  1.00 17.78 ? 7   TYR A CG  1 
ATOM   40   C  CD1 . TYR A 1 7   ? 10.727  -6.160  -6.151  1.00 18.59 ? 7   TYR A CD1 1 
ATOM   41   C  CD2 . TYR A 1 7   ? 9.591   -7.874  -7.384  1.00 17.77 ? 7   TYR A CD2 1 
ATOM   42   C  CE1 . TYR A 1 7   ? 11.935  -6.799  -6.363  1.00 21.62 ? 7   TYR A CE1 1 
ATOM   43   C  CE2 . TYR A 1 7   ? 10.802  -8.533  -7.586  1.00 22.42 ? 7   TYR A CE2 1 
ATOM   44   C  CZ  . TYR A 1 7   ? 11.962  -7.990  -7.076  1.00 20.23 ? 7   TYR A CZ  1 
ATOM   45   O  OH  . TYR A 1 7   ? 13.154  -8.625  -7.272  1.00 24.27 ? 7   TYR A OH  1 
ATOM   46   N  N   . GLU A 1 8   ? 10.036  -3.883  -8.227  1.00 15.23 ? 8   GLU A N   1 
ATOM   47   C  CA  . GLU A 1 8   ? 11.162  -2.932  -8.250  1.00 16.36 ? 8   GLU A CA  1 
ATOM   48   C  C   . GLU A 1 8   ? 10.671  -1.496  -8.395  1.00 16.44 ? 8   GLU A C   1 
ATOM   49   O  O   . GLU A 1 8   ? 11.284  -0.557  -7.875  1.00 15.40 ? 8   GLU A O   1 
ATOM   50   C  CB  . GLU A 1 8   ? 12.138  -3.246  -9.394  1.00 19.51 ? 8   GLU A CB  1 
ATOM   51   C  CG  . GLU A 1 8   ? 12.888  -4.560  -9.230  1.00 27.54 ? 8   GLU A CG  1 
ATOM   52   C  CD  . GLU A 1 8   ? 12.159  -5.765  -9.824  1.00 26.62 ? 8   GLU A CD  1 
ATOM   53   O  OE1 . GLU A 1 8   ? 10.921  -5.711  -10.029 1.00 22.48 ? 8   GLU A OE1 1 
ATOM   54   O  OE2 . GLU A 1 8   ? 12.842  -6.785  -10.080 1.00 29.35 ? 8   GLU A OE2 1 
ATOM   55   N  N   . GLN A 1 9   ? 9.564   -1.323  -9.106  1.00 14.26 ? 9   GLN A N   1 
ATOM   56   C  CA  . GLN A 1 9   ? 8.952   -0.002  -9.239  1.00 13.34 ? 9   GLN A CA  1 
ATOM   57   C  C   . GLN A 1 9   ? 8.458   0.537   -7.899  1.00 13.61 ? 9   GLN A C   1 
ATOM   58   O  O   . GLN A 1 9   ? 8.681   1.710   -7.589  1.00 12.27 ? 9   GLN A O   1 
ATOM   59   C  CB  . GLN A 1 9   ? 7.786   -0.042  -10.219 1.00 13.48 ? 9   GLN A CB  1 
ATOM   60   C  CG  . GLN A 1 9   ? 8.182   -0.448  -11.620 1.00 15.67 ? 9   GLN A CG  1 
ATOM   61   C  CD  . GLN A 1 9   ? 6.998   -0.856  -12.461 1.00 19.61 ? 9   GLN A CD  1 
ATOM   62   O  OE1 . GLN A 1 9   ? 5.909   -1.125  -11.942 1.00 14.22 ? 9   GLN A OE1 1 
ATOM   63   N  NE2 . GLN A 1 9   ? 7.208   -0.928  -13.770 1.00 19.64 ? 9   GLN A NE2 1 
ATOM   64   N  N   . LEU A 1 10  ? 7.780   -0.306  -7.123  1.00 12.35 ? 10  LEU A N   1 
ATOM   65   C  CA  . LEU A 1 10  ? 7.273   0.110   -5.802  1.00 13.43 ? 10  LEU A CA  1 
ATOM   66   C  C   . LEU A 1 10  ? 8.414   0.472   -4.844  1.00 14.07 ? 10  LEU A C   1 
ATOM   67   O  O   . LEU A 1 10  ? 8.269   1.382   -4.019  1.00 14.37 ? 10  LEU A O   1 
ATOM   68   C  CB  . LEU A 1 10  ? 6.415   -0.992  -5.176  1.00 13.01 ? 10  LEU A CB  1 
ATOM   69   C  CG  . LEU A 1 10  ? 5.146   -1.326  -5.948  1.00 15.46 ? 10  LEU A CG  1 
ATOM   70   C  CD1 . LEU A 1 10  ? 4.505   -2.594  -5.373  1.00 14.88 ? 10  LEU A CD1 1 
ATOM   71   C  CD2 . LEU A 1 10  ? 4.169   -0.141  -5.953  1.00 15.87 ? 10  LEU A CD2 1 
ATOM   72   N  N   . ILE A 1 11  ? 9.543   -0.233  -4.953  1.00 12.89 ? 11  ILE A N   1 
ATOM   73   C  CA  . ILE A 1 11  ? 10.711  0.117   -4.148  1.00 13.27 ? 11  ILE A CA  1 
ATOM   74   C  C   . ILE A 1 11  ? 11.143  1.556   -4.444  1.00 14.65 ? 11  ILE A C   1 
ATOM   75   O  O   . ILE A 1 11  ? 11.391  2.342   -3.534  1.00 14.91 ? 11  ILE A O   1 
ATOM   76   C  CB  . ILE A 1 11  ? 11.888  -0.855  -4.386  1.00 14.86 ? 11  ILE A CB  1 
ATOM   77   C  CG1 . ILE A 1 11  ? 11.534  -2.236  -3.821  1.00 14.28 ? 11  ILE A CG1 1 
ATOM   78   C  CG2 . ILE A 1 11  ? 13.182  -0.333  -3.711  1.00 12.38 ? 11  ILE A CG2 1 
ATOM   79   C  CD1 . ILE A 1 11  ? 12.591  -3.294  -4.056  1.00 15.80 ? 11  ILE A CD1 1 
ATOM   80   N  N   . GLU A 1 12  ? 11.188  1.914   -5.720  1.00 14.70 ? 12  GLU A N   1 
ATOM   81   C  CA  . GLU A 1 12  ? 11.656  3.244   -6.095  1.00 14.45 ? 12  GLU A CA  1 
ATOM   82   C  C   . GLU A 1 12  ? 10.624  4.295   -5.711  1.00 14.25 ? 12  GLU A C   1 
ATOM   83   O  O   . GLU A 1 12  ? 10.982  5.382   -5.246  1.00 15.26 ? 12  GLU A O   1 
ATOM   84   C  CB  . GLU A 1 12  ? 11.966  3.308   -7.587  1.00 16.06 ? 12  GLU A CB  1 
ATOM   85   C  CG  . GLU A 1 12  ? 13.084  2.349   -8.043  1.00 19.80 ? 12  GLU A CG  1 
ATOM   86   C  CD  . GLU A 1 12  ? 14.359  2.429   -7.195  1.00 27.42 ? 12  GLU A CD  1 
ATOM   87   O  OE1 . GLU A 1 12  ? 14.795  3.549   -6.849  1.00 29.32 ? 12  GLU A OE1 1 
ATOM   88   O  OE2 . GLU A 1 12  ? 14.922  1.361   -6.859  1.00 29.45 ? 12  GLU A OE2 1 
ATOM   89   N  N   . ILE A 1 13  ? 9.349   3.982   -5.909  1.00 13.52 ? 13  ILE A N   1 
ATOM   90   C  CA  . ILE A 1 13  ? 8.276   4.921   -5.562  1.00 12.86 ? 13  ILE A CA  1 
ATOM   91   C  C   . ILE A 1 13  ? 8.211   5.123   -4.056  1.00 14.19 ? 13  ILE A C   1 
ATOM   92   O  O   . ILE A 1 13  ? 8.150   6.256   -3.571  1.00 14.69 ? 13  ILE A O   1 
ATOM   93   C  CB  . ILE A 1 13  ? 6.900   4.430   -6.083  1.00 11.38 ? 13  ILE A CB  1 
ATOM   94   C  CG1 . ILE A 1 13  ? 6.930   4.327   -7.618  1.00 13.74 ? 13  ILE A CG1 1 
ATOM   95   C  CG2 . ILE A 1 13  ? 5.796   5.395   -5.682  1.00 15.19 ? 13  ILE A CG2 1 
ATOM   96   C  CD1 . ILE A 1 13  ? 5.813   3.460   -8.213  1.00 13.39 ? 13  ILE A CD1 1 
ATOM   97   N  N   . PHE A 1 14  ? 8.238   4.021   -3.308  1.00 12.88 ? 14  PHE A N   1 
ATOM   98   C  CA  . PHE A 1 14  ? 8.207   4.136   -1.857  1.00 13.83 ? 14  PHE A CA  1 
ATOM   99   C  C   . PHE A 1 14  ? 9.399   4.964   -1.362  1.00 12.13 ? 14  PHE A C   1 
ATOM   100  O  O   . PHE A 1 14  ? 9.231   5.885   -0.548  1.00 13.17 ? 14  PHE A O   1 
ATOM   101  C  CB  . PHE A 1 14  ? 8.216   2.762   -1.179  1.00 11.95 ? 14  PHE A CB  1 
ATOM   102  C  CG  . PHE A 1 14  ? 8.107   2.852   0.326   1.00 14.28 ? 14  PHE A CG  1 
ATOM   103  C  CD1 . PHE A 1 14  ? 9.236   3.031   1.113   1.00 15.64 ? 14  PHE A CD1 1 
ATOM   104  C  CD2 . PHE A 1 14  ? 6.866   2.796   0.940   1.00 12.91 ? 14  PHE A CD2 1 
ATOM   105  C  CE1 . PHE A 1 14  ? 9.133   3.149   2.512   1.00 14.75 ? 14  PHE A CE1 1 
ATOM   106  C  CE2 . PHE A 1 14  ? 6.758   2.901   2.332   1.00 17.88 ? 14  PHE A CE2 1 
ATOM   107  C  CZ  . PHE A 1 14  ? 7.895   3.092   3.103   1.00 15.60 ? 14  PHE A CZ  1 
ATOM   108  N  N   . ASN A 1 15  ? 10.597  4.623   -1.828  1.00 11.60 ? 15  ASN A N   1 
ATOM   109  C  CA  . ASN A 1 15  ? 11.807  5.320   -1.372  1.00 13.67 ? 15  ASN A CA  1 
ATOM   110  C  C   . ASN A 1 15  ? 11.751  6.805   -1.720  1.00 15.24 ? 15  ASN A C   1 
ATOM   111  O  O   . ASN A 1 15  ? 12.128  7.657   -0.917  1.00 15.76 ? 15  ASN A O   1 
ATOM   112  C  CB  . ASN A 1 15  ? 13.073  4.685   -1.971  1.00 13.81 ? 15  ASN A CB  1 
ATOM   113  C  CG  . ASN A 1 15  ? 13.332  3.286   -1.434  1.00 15.21 ? 15  ASN A CG  1 
ATOM   114  O  OD1 . ASN A 1 15  ? 12.587  2.792   -0.592  1.00 12.89 ? 15  ASN A OD1 1 
ATOM   115  N  ND2 . ASN A 1 15  ? 14.391  2.637   -1.929  1.00 11.05 ? 15  ASN A ND2 1 
ATOM   116  N  N   . SER A 1 16  ? 11.264  7.115   -2.919  1.00 15.18 ? 16  SER A N   1 
ATOM   117  C  CA  . SER A 1 16  ? 11.076  8.512   -3.321  1.00 15.33 ? 16  SER A CA  1 
ATOM   118  C  C   . SER A 1 16  ? 10.161  9.274   -2.362  1.00 15.93 ? 16  SER A C   1 
ATOM   119  O  O   . SER A 1 16  ? 10.403  10.456  -2.057  1.00 15.86 ? 16  SER A O   1 
ATOM   120  C  CB  . SER A 1 16  ? 10.521  8.582   -4.751  1.00 17.96 ? 16  SER A CB  1 
ATOM   121  O  OG  . SER A 1 16  ? 11.487  8.079   -5.655  1.00 18.88 ? 16  SER A OG  1 
ATOM   122  N  N   . CYS A 1 17  ? 9.125   8.607   -1.871  1.00 12.49 ? 17  CYS A N   1 
ATOM   123  C  CA  . CYS A 1 17  ? 8.171   9.243   -0.966  1.00 16.46 ? 17  CYS A CA  1 
ATOM   124  C  C   . CYS A 1 17  ? 8.706   9.403   0.442   1.00 19.34 ? 17  CYS A C   1 
ATOM   125  O  O   . CYS A 1 17  ? 8.468   10.422  1.085   1.00 18.42 ? 17  CYS A O   1 
ATOM   126  C  CB  . CYS A 1 17  ? 6.877   8.442   -0.877  1.00 18.81 ? 17  CYS A CB  1 
ATOM   127  S  SG  . CYS A 1 17  ? 5.848   8.586   -2.318  1.00 17.52 ? 17  CYS A SG  1 
ATOM   128  N  N   . PHE A 1 18  ? 9.417   8.383   0.917   1.00 16.49 ? 18  PHE A N   1 
ATOM   129  C  CA  . PHE A 1 18  ? 9.658   8.246   2.344   1.00 18.37 ? 18  PHE A CA  1 
ATOM   130  C  C   . PHE A 1 18  ? 11.103  8.111   2.764   1.00 17.48 ? 18  PHE A C   1 
ATOM   131  O  O   . PHE A 1 18  ? 11.368  8.153   3.958   1.00 19.87 ? 18  PHE A O   1 
ATOM   132  C  CB  . PHE A 1 18  ? 8.868   7.040   2.889   1.00 15.88 ? 18  PHE A CB  1 
ATOM   133  C  CG  . PHE A 1 18  ? 7.397   7.120   2.610   1.00 18.22 ? 18  PHE A CG  1 
ATOM   134  C  CD1 . PHE A 1 18  ? 6.650   8.177   3.094   1.00 23.38 ? 18  PHE A CD1 1 
ATOM   135  C  CD2 . PHE A 1 18  ? 6.767   6.152   1.846   1.00 16.97 ? 18  PHE A CD2 1 
ATOM   136  C  CE1 . PHE A 1 18  ? 5.288   8.269   2.834   1.00 23.20 ? 18  PHE A CE1 1 
ATOM   137  C  CE2 . PHE A 1 18  ? 5.400   6.230   1.578   1.00 19.04 ? 18  PHE A CE2 1 
ATOM   138  C  CZ  . PHE A 1 18  ? 4.661   7.293   2.068   1.00 20.09 ? 18  PHE A CZ  1 
ATOM   139  N  N   . ALA A 1 19  ? 12.043  7.959   1.833   1.00 14.35 ? 19  ALA A N   1 
ATOM   140  C  CA  . ALA A 1 19  ? 13.408  7.657   2.267   1.00 15.77 ? 19  ALA A CA  1 
ATOM   141  C  C   . ALA A 1 19  ? 14.031  8.867   2.979   1.00 19.78 ? 19  ALA A C   1 
ATOM   142  O  O   . ALA A 1 19  ? 14.889  8.700   3.834   1.00 20.95 ? 19  ALA A O   1 
ATOM   143  C  CB  . ALA A 1 19  ? 14.276  7.225   1.105   1.00 16.44 ? 19  ALA A CB  1 
ATOM   144  N  N   . ASP A 1 20  ? 13.610  10.071  2.608   1.00 19.53 ? 20  ASP A N   1 
ATOM   145  C  CA  . ASP A 1 20  ? 14.125  11.282  3.248   1.00 24.41 ? 20  ASP A CA  1 
ATOM   146  C  C   . ASP A 1 20  ? 13.325  11.571  4.519   1.00 22.14 ? 20  ASP A C   1 
ATOM   147  O  O   . ASP A 1 20  ? 13.839  11.432  5.618   1.00 28.18 ? 20  ASP A O   1 
ATOM   148  C  CB  . ASP A 1 20  ? 14.065  12.492  2.306   1.00 24.05 ? 20  ASP A CB  1 
ATOM   149  C  CG  . ASP A 1 20  ? 15.251  12.561  1.328   1.00 30.24 ? 20  ASP A CG  1 
ATOM   150  O  OD1 . ASP A 1 20  ? 16.186  11.730  1.393   1.00 31.43 ? 20  ASP A OD1 1 
ATOM   151  O  OD2 . ASP A 1 20  ? 15.255  13.481  0.484   1.00 39.83 ? 20  ASP A OD2 1 
ATOM   152  N  N   . GLU A 1 21  ? 12.061  11.943  4.360   1.00 25.66 ? 21  GLU A N   1 
ATOM   153  C  CA  . GLU A 1 21  ? 11.267  12.453  5.481   1.00 30.24 ? 21  GLU A CA  1 
ATOM   154  C  C   . GLU A 1 21  ? 11.129  11.451  6.626   1.00 29.95 ? 21  GLU A C   1 
ATOM   155  O  O   . GLU A 1 21  ? 11.189  11.830  7.796   1.00 30.17 ? 21  GLU A O   1 
ATOM   156  C  CB  . GLU A 1 21  ? 9.875   12.876  4.994   1.00 32.27 ? 21  GLU A CB  1 
ATOM   157  N  N   . PHE A 1 22  ? 10.968  10.174  6.287   1.00 21.29 ? 22  PHE A N   1 
ATOM   158  C  CA  . PHE A 1 22  ? 10.702  9.144   7.291   1.00 20.39 ? 22  PHE A CA  1 
ATOM   159  C  C   . PHE A 1 22  ? 11.868  8.162   7.439   1.00 16.83 ? 22  PHE A C   1 
ATOM   160  O  O   . PHE A 1 22  ? 11.783  7.187   8.202   1.00 19.56 ? 22  PHE A O   1 
ATOM   161  C  CB  . PHE A 1 22  ? 9.417   8.388   6.931   1.00 18.84 ? 22  PHE A CB  1 
ATOM   162  C  CG  . PHE A 1 22  ? 8.191   9.260   6.888   1.00 26.17 ? 22  PHE A CG  1 
ATOM   163  C  CD1 . PHE A 1 22  ? 7.914   10.046  5.777   1.00 32.71 ? 22  PHE A CD1 1 
ATOM   164  C  CD2 . PHE A 1 22  ? 7.323   9.305   7.966   1.00 29.74 ? 22  PHE A CD2 1 
ATOM   165  C  CE1 . PHE A 1 22  ? 6.783   10.864  5.741   1.00 34.61 ? 22  PHE A CE1 1 
ATOM   166  C  CE2 . PHE A 1 22  ? 6.192   10.118  7.938   1.00 31.14 ? 22  PHE A CE2 1 
ATOM   167  C  CZ  . PHE A 1 22  ? 5.922   10.893  6.828   1.00 28.40 ? 22  PHE A CZ  1 
ATOM   168  N  N   . ASN A 1 23  ? 12.955  8.435   6.719   1.00 13.81 ? 23  ASN A N   1 
ATOM   169  C  CA  . ASN A 1 23  ? 14.138  7.581   6.688   1.00 12.30 ? 23  ASN A CA  1 
ATOM   170  C  C   . ASN A 1 23  ? 13.784  6.095   6.577   1.00 13.47 ? 23  ASN A C   1 
ATOM   171  O  O   . ASN A 1 23  ? 14.366  5.251   7.264   1.00 13.29 ? 23  ASN A O   1 
ATOM   172  C  CB  . ASN A 1 23  ? 15.016  7.806   7.921   1.00 14.83 ? 23  ASN A CB  1 
ATOM   173  C  CG  . ASN A 1 23  ? 16.403  7.249   7.739   1.00 15.26 ? 23  ASN A CG  1 
ATOM   174  O  OD1 . ASN A 1 23  ? 16.889  7.151   6.615   1.00 18.39 ? 23  ASN A OD1 1 
ATOM   175  N  ND2 . ASN A 1 23  ? 17.048  6.868   8.831   1.00 15.96 ? 23  ASN A ND2 1 
ATOM   176  N  N   . THR A 1 24  ? 12.842  5.780   5.690   1.00 12.63 ? 24  THR A N   1 
ATOM   177  C  CA  . THR A 1 24  ? 12.387  4.400   5.532   1.00 11.06 ? 24  THR A CA  1 
ATOM   178  C  C   . THR A 1 24  ? 12.423  3.975   4.070   1.00 13.73 ? 24  THR A C   1 
ATOM   179  O  O   . THR A 1 24  ? 12.065  4.756   3.175   1.00 13.30 ? 24  THR A O   1 
ATOM   180  C  CB  . THR A 1 24  ? 10.957  4.227   6.073   1.00 14.10 ? 24  THR A CB  1 
ATOM   181  O  OG1 . THR A 1 24  ? 10.888  4.763   7.404   1.00 15.47 ? 24  THR A OG1 1 
ATOM   182  C  CG2 . THR A 1 24  ? 10.543  2.729   6.072   1.00 11.23 ? 24  THR A CG2 1 
ATOM   183  N  N   . ARG A 1 25  ? 12.853  2.736   3.833   1.00 11.64 ? 25  ARG A N   1 
ATOM   184  C  CA  . ARG A 1 25  ? 12.962  2.209   2.480   1.00 11.26 ? 25  ARG A CA  1 
ATOM   185  C  C   . ARG A 1 25  ? 12.305  0.838   2.390   1.00 11.04 ? 25  ARG A C   1 
ATOM   186  O  O   . ARG A 1 25  ? 12.095  0.151   3.401   1.00 13.49 ? 25  ARG A O   1 
ATOM   187  C  CB  . ARG A 1 25  ? 14.433  2.114   2.058   1.00 11.59 ? 25  ARG A CB  1 
ATOM   188  C  CG  . ARG A 1 25  ? 15.168  3.465   2.162   1.00 12.08 ? 25  ARG A CG  1 
ATOM   189  C  CD  . ARG A 1 25  ? 16.540  3.431   1.524   1.00 12.66 ? 25  ARG A CD  1 
ATOM   190  N  NE  . ARG A 1 25  ? 17.279  4.628   1.918   1.00 15.59 ? 25  ARG A NE  1 
ATOM   191  C  CZ  . ARG A 1 25  ? 18.519  4.907   1.539   1.00 17.53 ? 25  ARG A CZ  1 
ATOM   192  N  NH1 . ARG A 1 25  ? 19.164  4.093   0.712   1.00 14.67 ? 25  ARG A NH1 1 
ATOM   193  N  NH2 . ARG A 1 25  ? 19.097  6.020   1.976   1.00 18.26 ? 25  ARG A NH2 1 
ATOM   194  N  N   . LEU A 1 26  ? 12.001  0.438   1.168   1.00 13.93 ? 26  LEU A N   1 
ATOM   195  C  CA  . LEU A 1 26  ? 11.331  -0.831  0.921   1.00 13.15 ? 26  LEU A CA  1 
ATOM   196  C  C   . LEU A 1 26  ? 12.336  -1.840  0.375   1.00 12.81 ? 26  LEU A C   1 
ATOM   197  O  O   . LEU A 1 26  ? 13.135  -1.514  -0.513  1.00 12.58 ? 26  LEU A O   1 
ATOM   198  C  CB  . LEU A 1 26  ? 10.168  -0.624  -0.057  1.00 12.30 ? 26  LEU A CB  1 
ATOM   199  C  CG  . LEU A 1 26  ? 9.233   -1.824  -0.257  1.00 13.43 ? 26  LEU A CG  1 
ATOM   200  C  CD1 . LEU A 1 26  ? 8.356   -2.055  0.993   1.00 11.26 ? 26  LEU A CD1 1 
ATOM   201  C  CD2 . LEU A 1 26  ? 8.386   -1.591  -1.510  1.00 12.97 ? 26  LEU A CD2 1 
ATOM   202  N  N   . ILE A 1 27  ? 12.291  -3.064  0.899   1.00 11.65 ? 27  ILE A N   1 
ATOM   203  C  CA  . ILE A 1 27  ? 13.296  -4.086  0.593   1.00 14.88 ? 27  ILE A CA  1 
ATOM   204  C  C   . ILE A 1 27  ? 12.635  -5.403  0.204   1.00 13.99 ? 27  ILE A C   1 
ATOM   205  O  O   . ILE A 1 27  ? 11.714  -5.849  0.881   1.00 12.87 ? 27  ILE A O   1 
ATOM   206  C  CB  . ILE A 1 27  ? 14.204  -4.365  1.815   1.00 18.62 ? 27  ILE A CB  1 
ATOM   207  C  CG1 . ILE A 1 27  ? 14.877  -3.079  2.295   1.00 21.71 ? 27  ILE A CG1 1 
ATOM   208  C  CG2 . ILE A 1 27  ? 15.228  -5.447  1.476   1.00 22.77 ? 27  ILE A CG2 1 
ATOM   209  C  CD1 . ILE A 1 27  ? 15.894  -2.559  1.340   1.00 19.75 ? 27  ILE A CD1 1 
ATOM   210  N  N   . LYS A 1 28  ? 13.090  -6.021  -0.881  1.00 15.24 ? 28  LYS A N   1 
ATOM   211  C  CA  . LYS A 1 28  ? 12.572  -7.337  -1.243  1.00 19.57 ? 28  LYS A CA  1 
ATOM   212  C  C   . LYS A 1 28  ? 13.244  -8.384  -0.362  1.00 17.69 ? 28  LYS A C   1 
ATOM   213  O  O   . LYS A 1 28  ? 14.465  -8.488  -0.332  1.00 17.67 ? 28  LYS A O   1 
ATOM   214  C  CB  . LYS A 1 28  ? 12.804  -7.635  -2.729  1.00 19.28 ? 28  LYS A CB  1 
ATOM   215  C  CG  . LYS A 1 28  ? 12.158  -8.949  -3.191  1.00 23.51 ? 28  LYS A CG  1 
ATOM   216  C  CD  . LYS A 1 28  ? 13.220  -9.955  -3.595  1.00 27.75 ? 28  LYS A CD  1 
ATOM   217  C  CE  . LYS A 1 28  ? 12.585  -11.271 -3.984  1.00 32.23 ? 28  LYS A CE  1 
ATOM   218  N  NZ  . LYS A 1 28  ? 13.612  -12.341 -4.193  1.00 43.66 ? 28  LYS A NZ  1 
ATOM   219  N  N   . GLY A 1 29  ? 12.451  -9.133  0.388   1.00 19.24 ? 29  GLY A N   1 
ATOM   220  C  CA  . GLY A 1 29  ? 13.020  -10.103 1.298   1.00 20.40 ? 29  GLY A CA  1 
ATOM   221  C  C   . GLY A 1 29  ? 12.749  -11.514 0.835   1.00 27.70 ? 29  GLY A C   1 
ATOM   222  O  O   . GLY A 1 29  ? 12.590  -11.767 -0.359  1.00 23.49 ? 29  GLY A O   1 
ATOM   223  N  N   . ASP A 1 30  ? 12.681  -12.432 1.792   1.00 25.40 ? 30  ASP A N   1 
ATOM   224  C  CA  . ASP A 1 30  ? 12.512  -13.845 1.490   1.00 27.68 ? 30  ASP A CA  1 
ATOM   225  C  C   . ASP A 1 30  ? 11.087  -14.295 1.816   1.00 26.81 ? 30  ASP A C   1 
ATOM   226  O  O   . ASP A 1 30  ? 10.143  -13.858 1.145   1.00 23.97 ? 30  ASP A O   1 
ATOM   227  C  CB  . ASP A 1 30  ? 13.572  -14.638 2.251   1.00 26.92 ? 30  ASP A CB  1 
ATOM   228  C  CG  . ASP A 1 30  ? 14.979  -14.176 1.900   1.00 40.48 ? 30  ASP A CG  1 
ATOM   229  O  OD1 . ASP A 1 30  ? 15.277  -14.090 0.682   1.00 40.06 ? 30  ASP A OD1 1 
ATOM   230  O  OD2 . ASP A 1 30  ? 15.766  -13.852 2.824   1.00 37.84 ? 30  ASP A OD2 1 
ATOM   231  N  N   . ASP A 1 31  ? 10.905  -15.135 2.833   1.00 22.35 ? 31  ASP A N   1 
ATOM   232  C  CA  . ASP A 1 31  ? 9.547   -15.601 3.163   1.00 22.99 ? 31  ASP A CA  1 
ATOM   233  C  C   . ASP A 1 31  ? 8.858   -14.736 4.213   1.00 23.56 ? 31  ASP A C   1 
ATOM   234  O  O   . ASP A 1 31  ? 7.664   -14.901 4.470   1.00 20.93 ? 31  ASP A O   1 
ATOM   235  C  CB  . ASP A 1 31  ? 9.556   -17.058 3.673   1.00 21.43 ? 31  ASP A CB  1 
ATOM   236  C  CG  . ASP A 1 31  ? 10.166  -18.039 2.670   1.00 27.44 ? 31  ASP A CG  1 
ATOM   237  O  OD1 . ASP A 1 31  ? 9.832   -17.985 1.467   1.00 28.53 ? 31  ASP A OD1 1 
ATOM   238  O  OD2 . ASP A 1 31  ? 11.001  -18.865 3.089   1.00 26.48 ? 31  ASP A OD2 1 
ATOM   239  N  N   . GLU A 1 32  ? 9.609   -13.842 4.844   1.00 19.17 ? 32  GLU A N   1 
ATOM   240  C  CA  . GLU A 1 32  ? 9.082   -13.100 5.983   1.00 20.01 ? 32  GLU A CA  1 
ATOM   241  C  C   . GLU A 1 32  ? 8.941   -11.632 5.718   1.00 15.87 ? 32  GLU A C   1 
ATOM   242  O  O   . GLU A 1 32  ? 9.907   -10.988 5.319   1.00 18.61 ? 32  GLU A O   1 
ATOM   243  C  CB  . GLU A 1 32  ? 9.995   -13.225 7.202   1.00 22.73 ? 32  GLU A CB  1 
ATOM   244  C  CG  . GLU A 1 32  ? 10.485  -14.597 7.519   1.00 24.18 ? 32  GLU A CG  1 
ATOM   245  C  CD  . GLU A 1 32  ? 11.264  -14.587 8.808   1.00 22.89 ? 32  GLU A CD  1 
ATOM   246  O  OE1 . GLU A 1 32  ? 10.693  -15.036 9.814   1.00 22.24 ? 32  GLU A OE1 1 
ATOM   247  O  OE2 . GLU A 1 32  ? 12.435  -14.123 8.804   1.00 21.49 ? 32  GLU A OE2 1 
ATOM   248  N  N   . PRO A 1 33  ? 7.763   -11.084 6.004   1.00 17.44 ? 33  PRO A N   1 
ATOM   249  C  CA  . PRO A 1 33  ? 7.700   -9.629  6.107   1.00 18.27 ? 33  PRO A CA  1 
ATOM   250  C  C   . PRO A 1 33  ? 8.341   -9.214  7.433   1.00 22.77 ? 33  PRO A C   1 
ATOM   251  O  O   . PRO A 1 33  ? 8.152   -9.894  8.454   1.00 20.37 ? 33  PRO A O   1 
ATOM   252  C  CB  . PRO A 1 33  ? 6.207   -9.341  6.090   1.00 18.90 ? 33  PRO A CB  1 
ATOM   253  C  CG  . PRO A 1 33  ? 5.606   -10.551 6.797   1.00 23.25 ? 33  PRO A CG  1 
ATOM   254  C  CD  . PRO A 1 33  ? 6.497   -11.731 6.400   1.00 17.98 ? 33  PRO A CD  1 
ATOM   255  N  N   . ILE A 1 34  ? 9.127   -8.146  7.410   1.00 19.46 ? 34  ILE A N   1 
ATOM   256  C  CA  . ILE A 1 34  ? 9.835   -7.682  8.608   1.00 19.62 ? 34  ILE A CA  1 
ATOM   257  C  C   . ILE A 1 34  ? 9.880   -6.166  8.613   1.00 25.06 ? 34  ILE A C   1 
ATOM   258  O  O   . ILE A 1 34  ? 9.909   -5.545  7.537   1.00 17.43 ? 34  ILE A O   1 
ATOM   259  C  CB  . ILE A 1 34  ? 11.312  -8.179  8.685   1.00 22.31 ? 34  ILE A CB  1 
ATOM   260  C  CG1 . ILE A 1 34  ? 11.506  -9.549  8.027   1.00 25.26 ? 34  ILE A CG1 1 
ATOM   261  C  CG2 . ILE A 1 34  ? 11.835  -8.146  10.152  1.00 20.08 ? 34  ILE A CG2 1 
ATOM   262  C  CD1 . ILE A 1 34  ? 12.944  -9.906  7.799   1.00 27.00 ? 34  ILE A CD1 1 
ATOM   263  N  N   . TYR A 1 35  ? 9.901   -5.579  9.811   1.00 19.49 ? 35  TYR A N   1 
ATOM   264  C  CA  . TYR A 1 35  ? 10.330  -4.191  9.979   1.00 19.93 ? 35  TYR A CA  1 
ATOM   265  C  C   . TYR A 1 35  ? 11.653  -4.177  10.734  1.00 24.69 ? 35  TYR A C   1 
ATOM   266  O  O   . TYR A 1 35  ? 11.745  -4.716  11.850  1.00 20.05 ? 35  TYR A O   1 
ATOM   267  C  CB  . TYR A 1 35  ? 9.287   -3.354  10.726  1.00 22.32 ? 35  TYR A CB  1 
ATOM   268  C  CG  . TYR A 1 35  ? 9.704   -1.893  10.877  1.00 19.22 ? 35  TYR A CG  1 
ATOM   269  C  CD1 . TYR A 1 35  ? 9.520   -0.989  9.839   1.00 19.92 ? 35  TYR A CD1 1 
ATOM   270  C  CD2 . TYR A 1 35  ? 10.286  -1.429  12.053  1.00 23.68 ? 35  TYR A CD2 1 
ATOM   271  C  CE1 . TYR A 1 35  ? 9.896   0.339   9.968   1.00 17.53 ? 35  TYR A CE1 1 
ATOM   272  C  CE2 . TYR A 1 35  ? 10.674  -0.103  12.191  1.00 19.43 ? 35  TYR A CE2 1 
ATOM   273  C  CZ  . TYR A 1 35  ? 10.474  0.774   11.145  1.00 19.79 ? 35  TYR A CZ  1 
ATOM   274  O  OH  . TYR A 1 35  ? 10.845  2.097   11.266  1.00 19.83 ? 35  TYR A OH  1 
ATOM   275  N  N   . LEU A 1 36  ? 12.681  -3.601  10.107  1.00 16.73 ? 36  LEU A N   1 
ATOM   276  C  CA  . LEU A 1 36  ? 14.004  -3.480  10.708  1.00 16.89 ? 36  LEU A CA  1 
ATOM   277  C  C   . LEU A 1 36  ? 14.368  -2.014  10.876  1.00 21.41 ? 36  LEU A C   1 
ATOM   278  O  O   . LEU A 1 36  ? 14.533  -1.294  9.887   1.00 16.45 ? 36  LEU A O   1 
ATOM   279  C  CB  . LEU A 1 36  ? 15.067  -4.185  9.861   1.00 20.33 ? 36  LEU A CB  1 
ATOM   280  C  CG  . LEU A 1 36  ? 14.951  -5.704  9.700   1.00 22.11 ? 36  LEU A CG  1 
ATOM   281  C  CD1 . LEU A 1 36  ? 16.033  -6.219  8.784   1.00 22.36 ? 36  LEU A CD1 1 
ATOM   282  C  CD2 . LEU A 1 36  ? 15.012  -6.420  11.050  1.00 21.38 ? 36  LEU A CD2 1 
ATOM   283  N  N   . PRO A 1 37  ? 14.490  -1.558  12.130  1.00 17.97 ? 37  PRO A N   1 
ATOM   284  C  CA  . PRO A 1 37  ? 14.814  -0.143  12.321  1.00 16.80 ? 37  PRO A CA  1 
ATOM   285  C  C   . PRO A 1 37  ? 16.235  0.166   11.893  1.00 16.11 ? 37  PRO A C   1 
ATOM   286  O  O   . PRO A 1 37  ? 17.090  -0.729  11.857  1.00 17.85 ? 37  PRO A O   1 
ATOM   287  C  CB  . PRO A 1 37  ? 14.648  0.069   13.829  1.00 19.88 ? 37  PRO A CB  1 
ATOM   288  C  CG  . PRO A 1 37  ? 14.802  -1.290  14.428  1.00 29.67 ? 37  PRO A CG  1 
ATOM   289  C  CD  . PRO A 1 37  ? 14.212  -2.245  13.404  1.00 25.39 ? 37  PRO A CD  1 
ATOM   290  N  N   . ALA A 1 38  ? 16.480  1.429   11.566  1.00 17.58 ? 38  ALA A N   1 
ATOM   291  C  CA  . ALA A 1 38  ? 17.826  1.890   11.253  1.00 17.33 ? 38  ALA A CA  1 
ATOM   292  C  C   . ALA A 1 38  ? 18.765  1.500   12.388  1.00 19.57 ? 38  ALA A C   1 
ATOM   293  O  O   . ALA A 1 38  ? 18.345  1.440   13.549  1.00 19.69 ? 38  ALA A O   1 
ATOM   294  C  CB  . ALA A 1 38  ? 17.835  3.426   11.035  1.00 17.61 ? 38  ALA A CB  1 
ATOM   295  N  N   . ASP A 1 39  ? 20.012  1.179   12.052  1.00 19.96 ? 39  ASP A N   1 
ATOM   296  C  CA  . ASP A 1 39  ? 21.038  0.975   13.069  1.00 23.49 ? 39  ASP A CA  1 
ATOM   297  C  C   . ASP A 1 39  ? 22.336  1.571   12.577  1.00 21.65 ? 39  ASP A C   1 
ATOM   298  O  O   . ASP A 1 39  ? 22.355  2.264   11.560  1.00 18.86 ? 39  ASP A O   1 
ATOM   299  C  CB  . ASP A 1 39  ? 21.227  -0.505  13.429  1.00 24.86 ? 39  ASP A CB  1 
ATOM   300  C  CG  . ASP A 1 39  ? 21.545  -1.390  12.225  1.00 26.14 ? 39  ASP A CG  1 
ATOM   301  O  OD1 . ASP A 1 39  ? 22.342  -1.001  11.340  1.00 20.91 ? 39  ASP A OD1 1 
ATOM   302  O  OD2 . ASP A 1 39  ? 21.004  -2.514  12.184  1.00 29.83 ? 39  ASP A OD2 1 
ATOM   303  N  N   . ALA A 1 40  ? 23.416  1.271   13.286  1.00 20.40 ? 40  ALA A N   1 
ATOM   304  C  CA  . ALA A 1 40  ? 24.713  1.891   13.025  1.00 24.58 ? 40  ALA A CA  1 
ATOM   305  C  C   . ALA A 1 40  ? 25.322  1.456   11.699  1.00 25.32 ? 40  ALA A C   1 
ATOM   306  O  O   . ALA A 1 40  ? 26.121  2.187   11.116  1.00 31.77 ? 40  ALA A O   1 
ATOM   307  C  CB  . ALA A 1 40  ? 25.675  1.587   14.170  1.00 23.99 ? 40  ALA A CB  1 
ATOM   308  N  N   . GLU A 1 41  ? 24.941  0.277   11.215  1.00 21.66 ? 41  GLU A N   1 
ATOM   309  C  CA  . GLU A 1 41  ? 25.489  -0.251  9.969   1.00 23.13 ? 41  GLU A CA  1 
ATOM   310  C  C   . GLU A 1 41  ? 24.614  0.111   8.772   1.00 22.20 ? 41  GLU A C   1 
ATOM   311  O  O   . GLU A 1 41  ? 25.111  0.561   7.731   1.00 22.53 ? 41  GLU A O   1 
ATOM   312  C  CB  . GLU A 1 41  ? 25.644  -1.770  10.059  1.00 27.38 ? 41  GLU A CB  1 
ATOM   313  N  N   . VAL A 1 42  ? 23.311  -0.106  8.922   1.00 19.68 ? 42  VAL A N   1 
ATOM   314  C  CA  . VAL A 1 42  ? 22.345  0.244   7.889   1.00 19.70 ? 42  VAL A CA  1 
ATOM   315  C  C   . VAL A 1 42  ? 21.466  1.345   8.463   1.00 18.14 ? 42  VAL A C   1 
ATOM   316  O  O   . VAL A 1 42  ? 20.534  1.072   9.238   1.00 17.96 ? 42  VAL A O   1 
ATOM   317  C  CB  . VAL A 1 42  ? 21.507  -0.975  7.450   1.00 19.23 ? 42  VAL A CB  1 
ATOM   318  C  CG1 . VAL A 1 42  ? 20.600  -0.607  6.273   1.00 22.48 ? 42  VAL A CG1 1 
ATOM   319  C  CG2 . VAL A 1 42  ? 22.427  -2.127  7.069   1.00 22.91 ? 42  VAL A CG2 1 
ATOM   320  N  N   . PRO A 1 43  ? 21.785  2.605   8.116   1.00 16.79 ? 43  PRO A N   1 
ATOM   321  C  CA  . PRO A 1 43  ? 21.229  3.778   8.787   1.00 13.56 ? 43  PRO A CA  1 
ATOM   322  C  C   . PRO A 1 43  ? 19.873  4.220   8.254   1.00 18.53 ? 43  PRO A C   1 
ATOM   323  O  O   . PRO A 1 43  ? 19.607  5.423   8.244   1.00 18.69 ? 43  PRO A O   1 
ATOM   324  C  CB  . PRO A 1 43  ? 22.288  4.857   8.512   1.00 18.30 ? 43  PRO A CB  1 
ATOM   325  C  CG  . PRO A 1 43  ? 22.815  4.498   7.168   1.00 17.97 ? 43  PRO A CG  1 
ATOM   326  C  CD  . PRO A 1 43  ? 22.847  2.977   7.159   1.00 17.45 ? 43  PRO A CD  1 
ATOM   327  N  N   . TYR A 1 44  ? 19.036  3.279   7.812   1.00 14.86 ? 44  TYR A N   1 
ATOM   328  C  CA  . TYR A 1 44  ? 17.669  3.609   7.440   1.00 12.59 ? 44  TYR A CA  1 
ATOM   329  C  C   . TYR A 1 44  ? 16.745  2.465   7.863   1.00 13.36 ? 44  TYR A C   1 
ATOM   330  O  O   . TYR A 1 44  ? 17.184  1.324   7.947   1.00 13.74 ? 44  TYR A O   1 
ATOM   331  C  CB  . TYR A 1 44  ? 17.562  3.890   5.931   1.00 14.29 ? 44  TYR A CB  1 
ATOM   332  C  CG  . TYR A 1 44  ? 18.141  2.809   5.032   1.00 15.68 ? 44  TYR A CG  1 
ATOM   333  C  CD1 . TYR A 1 44  ? 17.383  1.697   4.673   1.00 17.06 ? 44  TYR A CD1 1 
ATOM   334  C  CD2 . TYR A 1 44  ? 19.429  2.920   4.515   1.00 15.57 ? 44  TYR A CD2 1 
ATOM   335  C  CE1 . TYR A 1 44  ? 17.900  0.711   3.846   1.00 16.02 ? 44  TYR A CE1 1 
ATOM   336  C  CE2 . TYR A 1 44  ? 19.952  1.943   3.680   1.00 15.81 ? 44  TYR A CE2 1 
ATOM   337  C  CZ  . TYR A 1 44  ? 19.176  0.839   3.349   1.00 19.18 ? 44  TYR A CZ  1 
ATOM   338  O  OH  . TYR A 1 44  ? 19.690  -0.144  2.530   1.00 18.64 ? 44  TYR A OH  1 
ATOM   339  N  N   . ASN A 1 45  ? 15.493  2.791   8.174   1.00 12.67 ? 45  ASN A N   1 
ATOM   340  C  CA  . ASN A 1 45  ? 14.485  1.788   8.507   1.00 14.71 ? 45  ASN A CA  1 
ATOM   341  C  C   . ASN A 1 45  ? 14.147  1.014   7.251   1.00 15.51 ? 45  ASN A C   1 
ATOM   342  O  O   . ASN A 1 45  ? 14.159  1.584   6.154   1.00 16.19 ? 45  ASN A O   1 
ATOM   343  C  CB  . ASN A 1 45  ? 13.226  2.439   9.082   1.00 11.74 ? 45  ASN A CB  1 
ATOM   344  C  CG  . ASN A 1 45  ? 13.533  3.392   10.241  1.00 16.62 ? 45  ASN A CG  1 
ATOM   345  O  OD1 . ASN A 1 45  ? 14.163  3.007   11.217  1.00 18.53 ? 45  ASN A OD1 1 
ATOM   346  N  ND2 . ASN A 1 45  ? 13.108  4.646   10.114  1.00 16.65 ? 45  ASN A ND2 1 
ATOM   347  N  N   . ARG A 1 46  ? 13.846  -0.274  7.405   1.00 12.39 ? 46  ARG A N   1 
ATOM   348  C  CA  . ARG A 1 46  ? 13.558  -1.140  6.262   1.00 14.07 ? 46  ARG A CA  1 
ATOM   349  C  C   . ARG A 1 46  ? 12.220  -1.848  6.454   1.00 16.05 ? 46  ARG A C   1 
ATOM   350  O  O   . ARG A 1 46  ? 11.990  -2.471  7.497   1.00 15.58 ? 46  ARG A O   1 
ATOM   351  C  CB  . ARG A 1 46  ? 14.680  -2.175  6.077   1.00 16.69 ? 46  ARG A CB  1 
ATOM   352  C  CG  . ARG A 1 46  ? 15.945  -1.625  5.473   1.00 20.11 ? 46  ARG A CG  1 
ATOM   353  C  CD  . ARG A 1 46  ? 17.167  -2.348  6.021   1.00 23.90 ? 46  ARG A CD  1 
ATOM   354  N  NE  . ARG A 1 46  ? 17.401  -1.965  7.417   1.00 26.40 ? 46  ARG A NE  1 
ATOM   355  C  CZ  . ARG A 1 46  ? 18.267  -2.570  8.222   1.00 32.79 ? 46  ARG A CZ  1 
ATOM   356  N  NH1 . ARG A 1 46  ? 18.976  -3.607  7.786   1.00 26.61 ? 46  ARG A NH1 1 
ATOM   357  N  NH2 . ARG A 1 46  ? 18.413  -2.144  9.473   1.00 27.12 ? 46  ARG A NH2 1 
ATOM   358  N  N   . ILE A 1 47  ? 11.328  -1.693  5.478   1.00 13.30 ? 47  ILE A N   1 
ATOM   359  C  CA  . ILE A 1 47  ? 10.136  -2.526  5.364   1.00 14.00 ? 47  ILE A CA  1 
ATOM   360  C  C   . ILE A 1 47  ? 10.471  -3.658  4.419   1.00 16.43 ? 47  ILE A C   1 
ATOM   361  O  O   . ILE A 1 47  ? 10.717  -3.425  3.234   1.00 13.88 ? 47  ILE A O   1 
ATOM   362  C  CB  . ILE A 1 47  ? 8.933   -1.750  4.805   1.00 15.51 ? 47  ILE A CB  1 
ATOM   363  C  CG1 . ILE A 1 47  ? 8.621   -0.548  5.670   1.00 20.81 ? 47  ILE A CG1 1 
ATOM   364  C  CG2 . ILE A 1 47  ? 7.700   -2.664  4.681   1.00 17.61 ? 47  ILE A CG2 1 
ATOM   365  C  CD1 . ILE A 1 47  ? 7.734   0.434   4.955   1.00 21.05 ? 47  ILE A CD1 1 
ATOM   366  N  N   . VAL A 1 48  ? 10.478  -4.882  4.928   1.00 12.92 ? 48  VAL A N   1 
ATOM   367  C  CA  . VAL A 1 48  ? 10.854  -6.016  4.110   1.00 14.39 ? 48  VAL A CA  1 
ATOM   368  C  C   . VAL A 1 48  ? 9.582   -6.763  3.712   1.00 18.03 ? 48  VAL A C   1 
ATOM   369  O  O   . VAL A 1 48  ? 8.777   -7.102  4.581   1.00 15.58 ? 48  VAL A O   1 
ATOM   370  C  CB  . VAL A 1 48  ? 11.825  -6.941  4.868   1.00 16.69 ? 48  VAL A CB  1 
ATOM   371  C  CG1 . VAL A 1 48  ? 12.208  -8.130  4.009   1.00 18.32 ? 48  VAL A CG1 1 
ATOM   372  C  CG2 . VAL A 1 48  ? 13.094  -6.149  5.303   1.00 18.76 ? 48  VAL A CG2 1 
ATOM   373  N  N   . PHE A 1 49  ? 9.375   -6.977  2.412   1.00 14.58 ? 49  PHE A N   1 
ATOM   374  C  CA  . PHE A 1 49  ? 8.209   -7.734  1.962   1.00 16.31 ? 49  PHE A CA  1 
ATOM   375  C  C   . PHE A 1 49  ? 8.636   -9.099  1.418   1.00 16.64 ? 49  PHE A C   1 
ATOM   376  O  O   . PHE A 1 49  ? 9.768   -9.282  0.955   1.00 17.37 ? 49  PHE A O   1 
ATOM   377  C  CB  . PHE A 1 49  ? 7.395   -6.940  0.911   1.00 15.59 ? 49  PHE A CB  1 
ATOM   378  C  CG  . PHE A 1 49  ? 8.133   -6.680  -0.370  1.00 16.15 ? 49  PHE A CG  1 
ATOM   379  C  CD1 . PHE A 1 49  ? 8.081   -7.597  -1.415  1.00 16.42 ? 49  PHE A CD1 1 
ATOM   380  C  CD2 . PHE A 1 49  ? 8.866   -5.509  -0.548  1.00 14.88 ? 49  PHE A CD2 1 
ATOM   381  C  CE1 . PHE A 1 49  ? 8.777   -7.370  -2.609  1.00 17.29 ? 49  PHE A CE1 1 
ATOM   382  C  CE2 . PHE A 1 49  ? 9.560   -5.275  -1.747  1.00 14.14 ? 49  PHE A CE2 1 
ATOM   383  C  CZ  . PHE A 1 49  ? 9.506   -6.207  -2.774  1.00 14.48 ? 49  PHE A CZ  1 
ATOM   384  N  N   . ALA A 1 50  ? 7.723   -10.066 1.483   1.00 16.97 ? 50  ALA A N   1 
ATOM   385  C  CA  . ALA A 1 50  ? 8.063   -11.449 1.149   1.00 19.87 ? 50  ALA A CA  1 
ATOM   386  C  C   . ALA A 1 50  ? 7.920   -11.728 -0.343  1.00 18.23 ? 50  ALA A C   1 
ATOM   387  O  O   . ALA A 1 50  ? 6.926   -11.348 -0.945  1.00 24.78 ? 50  ALA A O   1 
ATOM   388  C  CB  . ALA A 1 50  ? 7.180   -12.424 1.956   1.00 19.19 ? 50  ALA A CB  1 
ATOM   389  N  N   . HIS A 1 51  ? 8.905   -12.411 -0.919  1.00 17.73 ? 51  HIS A N   1 
ATOM   390  C  CA  . HIS A 1 51  ? 8.873   -12.851 -2.314  1.00 24.70 ? 51  HIS A CA  1 
ATOM   391  C  C   . HIS A 1 51  ? 8.832   -11.653 -3.278  1.00 22.53 ? 51  HIS A C   1 
ATOM   392  O  O   . HIS A 1 51  ? 8.309   -10.583 -2.953  1.00 27.23 ? 51  HIS A O   1 
ATOM   393  C  CB  . HIS A 1 51  ? 7.686   -13.800 -2.541  1.00 24.45 ? 51  HIS A CB  1 
ATOM   394  C  CG  . HIS A 1 51  ? 7.513   -14.817 -1.450  1.00 25.57 ? 51  HIS A CG  1 
ATOM   395  N  ND1 . HIS A 1 51  ? 6.379   -14.886 -0.671  1.00 26.30 ? 51  HIS A ND1 1 
ATOM   396  C  CD2 . HIS A 1 51  ? 8.347   -15.779 -0.986  1.00 25.11 ? 51  HIS A CD2 1 
ATOM   397  C  CE1 . HIS A 1 51  ? 6.514   -15.854 0.219   1.00 23.67 ? 51  HIS A CE1 1 
ATOM   398  N  NE2 . HIS A 1 51  ? 7.699   -16.412 0.048   1.00 26.08 ? 51  HIS A NE2 1 
ATOM   399  N  N   . GLY A 1 52  ? 9.397   -11.821 -4.460  1.00 24.55 ? 52  GLY A N   1 
ATOM   400  C  CA  . GLY A 1 52  ? 9.420   -10.741 -5.426  1.00 22.26 ? 52  GLY A CA  1 
ATOM   401  C  C   . GLY A 1 52  ? 8.065   -10.604 -6.084  1.00 20.41 ? 52  GLY A C   1 
ATOM   402  O  O   . GLY A 1 52  ? 7.904   -10.907 -7.260  1.00 22.48 ? 52  GLY A O   1 
ATOM   403  N  N   . PHE A 1 53  ? 7.088   -10.152 -5.304  1.00 17.29 ? 53  PHE A N   1 
ATOM   404  C  CA  . PHE A 1 53  ? 5.690   -10.151 -5.710  1.00 20.14 ? 53  PHE A CA  1 
ATOM   405  C  C   . PHE A 1 53  ? 5.093   -8.761  -5.473  1.00 19.35 ? 53  PHE A C   1 
ATOM   406  O  O   . PHE A 1 53  ? 5.050   -8.299  -4.337  1.00 18.59 ? 53  PHE A O   1 
ATOM   407  C  CB  . PHE A 1 53  ? 4.933   -11.227 -4.910  1.00 21.37 ? 53  PHE A CB  1 
ATOM   408  C  CG  . PHE A 1 53  ? 3.482   -11.390 -5.286  1.00 21.88 ? 53  PHE A CG  1 
ATOM   409  C  CD1 . PHE A 1 53  ? 2.996   -10.950 -6.507  1.00 24.97 ? 53  PHE A CD1 1 
ATOM   410  C  CD2 . PHE A 1 53  ? 2.605   -12.011 -4.407  1.00 24.91 ? 53  PHE A CD2 1 
ATOM   411  C  CE1 . PHE A 1 53  ? 1.660   -11.123 -6.844  1.00 24.94 ? 53  PHE A CE1 1 
ATOM   412  C  CE2 . PHE A 1 53  ? 1.273   -12.177 -4.732  1.00 24.78 ? 53  PHE A CE2 1 
ATOM   413  C  CZ  . PHE A 1 53  ? 0.798   -11.731 -5.957  1.00 26.47 ? 53  PHE A CZ  1 
ATOM   414  N  N   . TYR A 1 54  ? 4.647   -8.105  -6.545  1.00 17.84 ? 54  TYR A N   1 
ATOM   415  C  CA  . TYR A 1 54  ? 4.026   -6.772  -6.475  1.00 20.43 ? 54  TYR A CA  1 
ATOM   416  C  C   . TYR A 1 54  ? 2.958   -6.646  -5.370  1.00 17.97 ? 54  TYR A C   1 
ATOM   417  O  O   . TYR A 1 54  ? 2.976   -5.698  -4.578  1.00 15.11 ? 54  TYR A O   1 
ATOM   418  C  CB  . TYR A 1 54  ? 3.398   -6.421  -7.833  1.00 17.65 ? 54  TYR A CB  1 
ATOM   419  C  CG  . TYR A 1 54  ? 3.131   -4.950  -8.058  1.00 17.26 ? 54  TYR A CG  1 
ATOM   420  C  CD1 . TYR A 1 54  ? 4.116   -4.120  -8.591  1.00 16.03 ? 54  TYR A CD1 1 
ATOM   421  C  CD2 . TYR A 1 54  ? 1.890   -4.395  -7.777  1.00 17.40 ? 54  TYR A CD2 1 
ATOM   422  C  CE1 . TYR A 1 54  ? 3.877   -2.771  -8.828  1.00 14.95 ? 54  TYR A CE1 1 
ATOM   423  C  CE2 . TYR A 1 54  ? 1.639   -3.043  -8.005  1.00 15.73 ? 54  TYR A CE2 1 
ATOM   424  C  CZ  . TYR A 1 54  ? 2.647   -2.238  -8.525  1.00 18.12 ? 54  TYR A CZ  1 
ATOM   425  O  OH  . TYR A 1 54  ? 2.408   -0.900  -8.756  1.00 16.27 ? 54  TYR A OH  1 
ATOM   426  N  N   . ALA A 1 55  ? 2.043   -7.605  -5.310  1.00 15.49 ? 55  ALA A N   1 
ATOM   427  C  CA  . ALA A 1 55  ? 0.968   -7.568  -4.310  1.00 18.38 ? 55  ALA A CA  1 
ATOM   428  C  C   . ALA A 1 55  ? 1.475   -7.629  -2.879  1.00 17.25 ? 55  ALA A C   1 
ATOM   429  O  O   . ALA A 1 55  ? 0.870   -7.046  -1.982  1.00 13.86 ? 55  ALA A O   1 
ATOM   430  C  CB  . ALA A 1 55  ? -0.032  -8.714  -4.541  1.00 21.24 ? 55  ALA A CB  1 
ATOM   431  N  N   . SER A 1 56  ? 2.564   -8.362  -2.668  1.00 16.74 ? 56  SER A N   1 
ATOM   432  C  CA  . SER A 1 56  ? 3.144   -8.512  -1.331  1.00 17.78 ? 56  SER A CA  1 
ATOM   433  C  C   . SER A 1 56  ? 3.777   -7.193  -0.865  1.00 18.34 ? 56  SER A C   1 
ATOM   434  O  O   . SER A 1 56  ? 3.618   -6.788  0.296   1.00 13.95 ? 56  SER A O   1 
ATOM   435  C  CB  . SER A 1 56  ? 4.182   -9.645  -1.332  1.00 21.68 ? 56  SER A CB  1 
ATOM   436  O  OG  . SER A 1 56  ? 4.900   -9.704  -0.108  1.00 22.67 ? 56  SER A OG  1 
ATOM   437  N  N   . ALA A 1 57  ? 4.503   -6.530  -1.766  1.00 13.88 ? 57  ALA A N   1 
ATOM   438  C  CA  . ALA A 1 57  ? 5.045   -5.202  -1.455  1.00 15.28 ? 57  ALA A CA  1 
ATOM   439  C  C   . ALA A 1 57  ? 3.921   -4.228  -1.097  1.00 14.24 ? 57  ALA A C   1 
ATOM   440  O  O   . ALA A 1 57  ? 4.024   -3.499  -0.115  1.00 14.95 ? 57  ALA A O   1 
ATOM   441  C  CB  . ALA A 1 57  ? 5.856   -4.656  -2.633  1.00 12.53 ? 57  ALA A CB  1 
ATOM   442  N  N   . ILE A 1 58  ? 2.853   -4.207  -1.896  1.00 12.94 ? 58  ILE A N   1 
ATOM   443  C  CA  . ILE A 1 58  ? 1.711   -3.310  -1.619  1.00 14.95 ? 58  ILE A CA  1 
ATOM   444  C  C   . ILE A 1 58  ? 1.174   -3.526  -0.206  1.00 16.57 ? 58  ILE A C   1 
ATOM   445  O  O   . ILE A 1 58  ? 0.939   -2.565  0.546   1.00 14.89 ? 58  ILE A O   1 
ATOM   446  C  CB  . ILE A 1 58  ? 0.542   -3.524  -2.616  1.00 15.77 ? 58  ILE A CB  1 
ATOM   447  C  CG1 . ILE A 1 58  ? 0.932   -3.080  -4.032  1.00 15.80 ? 58  ILE A CG1 1 
ATOM   448  C  CG2 . ILE A 1 58  ? -0.713  -2.770  -2.148  1.00 19.05 ? 58  ILE A CG2 1 
ATOM   449  C  CD1 . ILE A 1 58  ? 1.137   -1.577  -4.198  1.00 18.61 ? 58  ILE A CD1 1 
ATOM   450  N  N   . HIS A 1 59  ? 1.001   -4.796  0.167   1.00 16.98 ? 59  HIS A N   1 
ATOM   451  C  CA  . HIS A 1 59  ? 0.422   -5.123  1.475   1.00 19.69 ? 59  HIS A CA  1 
ATOM   452  C  C   . HIS A 1 59  ? 1.299   -4.655  2.641   1.00 19.77 ? 59  HIS A C   1 
ATOM   453  O  O   . HIS A 1 59  ? 0.794   -4.114  3.631   1.00 15.88 ? 59  HIS A O   1 
ATOM   454  C  CB  . HIS A 1 59  ? 0.165   -6.628  1.581   1.00 21.10 ? 59  HIS A CB  1 
ATOM   455  C  CG  . HIS A 1 59  ? -0.727  -6.997  2.722   1.00 29.50 ? 59  HIS A CG  1 
ATOM   456  N  ND1 . HIS A 1 59  ? -2.015  -6.517  2.842   1.00 30.84 ? 59  HIS A ND1 1 
ATOM   457  C  CD2 . HIS A 1 59  ? -0.508  -7.775  3.808   1.00 29.86 ? 59  HIS A CD2 1 
ATOM   458  C  CE1 . HIS A 1 59  ? -2.554  -6.993  3.951   1.00 33.89 ? 59  HIS A CE1 1 
ATOM   459  N  NE2 . HIS A 1 59  ? -1.663  -7.763  4.552   1.00 34.68 ? 59  HIS A NE2 1 
ATOM   460  N  N   . GLU A 1 60  ? 2.615   -4.818  2.530   1.00 17.08 ? 60  GLU A N   1 
ATOM   461  C  CA  . GLU A 1 60  ? 3.480   -4.367  3.623   1.00 16.71 ? 60  GLU A CA  1 
ATOM   462  C  C   . GLU A 1 60  ? 3.495   -2.854  3.721   1.00 16.37 ? 60  GLU A C   1 
ATOM   463  O  O   . GLU A 1 60  ? 3.545   -2.301  4.816   1.00 17.61 ? 60  GLU A O   1 
ATOM   464  C  CB  . GLU A 1 60  ? 4.916   -4.901  3.461   1.00 19.84 ? 60  GLU A CB  1 
ATOM   465  C  CG  . GLU A 1 60  ? 5.005   -6.402  3.653   1.00 20.99 ? 60  GLU A CG  1 
ATOM   466  C  CD  . GLU A 1 60  ? 4.192   -6.871  4.843   1.00 24.90 ? 60  GLU A CD  1 
ATOM   467  O  OE1 . GLU A 1 60  ? 4.412   -6.338  5.954   1.00 21.67 ? 60  GLU A OE1 1 
ATOM   468  O  OE2 . GLU A 1 60  ? 3.320   -7.754  4.655   1.00 27.09 ? 60  GLU A OE2 1 
ATOM   469  N  N   . ILE A 1 61  ? 3.446   -2.180  2.574   1.00 13.90 ? 61  ILE A N   1 
ATOM   470  C  CA  . ILE A 1 61  ? 3.365   -0.733  2.559   1.00 15.55 ? 61  ILE A CA  1 
ATOM   471  C  C   . ILE A 1 61  ? 2.089   -0.257  3.280   1.00 16.57 ? 61  ILE A C   1 
ATOM   472  O  O   . ILE A 1 61  ? 2.141   0.652   4.110   1.00 16.98 ? 61  ILE A O   1 
ATOM   473  C  CB  . ILE A 1 61  ? 3.405   -0.190  1.122   1.00 13.34 ? 61  ILE A CB  1 
ATOM   474  C  CG1 . ILE A 1 61  ? 4.788   -0.475  0.489   1.00 12.89 ? 61  ILE A CG1 1 
ATOM   475  C  CG2 . ILE A 1 61  ? 3.151   1.320   1.129   1.00 16.23 ? 61  ILE A CG2 1 
ATOM   476  C  CD1 . ILE A 1 61  ? 4.825   -0.191  -1.021  1.00 13.59 ? 61  ILE A CD1 1 
ATOM   477  N  N   . SER A 1 62  ? 0.959   -0.889  2.983   1.00 15.76 ? 62  SER A N   1 
ATOM   478  C  CA  . SER A 1 62  ? -0.307  -0.562  3.650   1.00 15.81 ? 62  SER A CA  1 
ATOM   479  C  C   . SER A 1 62  ? -0.202  -0.741  5.162   1.00 18.35 ? 62  SER A C   1 
ATOM   480  O  O   . SER A 1 62  ? -0.651  0.107   5.926   1.00 21.66 ? 62  SER A O   1 
ATOM   481  C  CB  . SER A 1 62  ? -1.442  -1.433  3.116   1.00 18.47 ? 62  SER A CB  1 
ATOM   482  O  OG  . SER A 1 62  ? -1.668  -1.188  1.736   1.00 23.37 ? 62  SER A OG  1 
ATOM   483  N  N   . HIS A 1 63  ? 0.404   -1.842  5.589   1.00 17.87 ? 63  HIS A N   1 
ATOM   484  C  CA  . HIS A 1 63  ? 0.540   -2.112  7.017   1.00 21.34 ? 63  HIS A CA  1 
ATOM   485  C  C   . HIS A 1 63  ? 1.426   -1.073  7.684   1.00 24.78 ? 63  HIS A C   1 
ATOM   486  O  O   . HIS A 1 63  ? 1.096   -0.557  8.755   1.00 22.74 ? 63  HIS A O   1 
ATOM   487  C  CB  . HIS A 1 63  ? 1.074   -3.524  7.244   1.00 21.99 ? 63  HIS A CB  1 
ATOM   488  C  CG  . HIS A 1 63  ? -0.015  -4.548  7.355   1.00 29.11 ? 63  HIS A CG  1 
ATOM   489  N  ND1 . HIS A 1 63  ? -0.927  -4.545  8.387   1.00 32.85 ? 63  HIS A ND1 1 
ATOM   490  C  CD2 . HIS A 1 63  ? -0.361  -5.581  6.550   1.00 30.62 ? 63  HIS A CD2 1 
ATOM   491  C  CE1 . HIS A 1 63  ? -1.776  -5.546  8.226   1.00 30.04 ? 63  HIS A CE1 1 
ATOM   492  N  NE2 . HIS A 1 63  ? -1.454  -6.189  7.120   1.00 30.47 ? 63  HIS A NE2 1 
ATOM   493  N  N   . TRP A 1 64  ? 2.527   -0.724  7.032   1.00 18.07 ? 64  TRP A N   1 
ATOM   494  C  CA  . TRP A 1 64  ? 3.392   0.340   7.550   1.00 21.25 ? 64  TRP A CA  1 
ATOM   495  C  C   . TRP A 1 64  ? 2.658   1.677   7.691   1.00 24.08 ? 64  TRP A C   1 
ATOM   496  O  O   . TRP A 1 64  ? 2.884   2.419   8.648   1.00 23.91 ? 64  TRP A O   1 
ATOM   497  C  CB  . TRP A 1 64  ? 4.611   0.522   6.643   1.00 19.53 ? 64  TRP A CB  1 
ATOM   498  C  CG  . TRP A 1 64  ? 5.554   1.632   7.074   1.00 18.55 ? 64  TRP A CG  1 
ATOM   499  C  CD1 . TRP A 1 64  ? 6.506   1.563   8.053   1.00 20.41 ? 64  TRP A CD1 1 
ATOM   500  C  CD2 . TRP A 1 64  ? 5.662   2.943   6.500   1.00 22.22 ? 64  TRP A CD2 1 
ATOM   501  N  NE1 . TRP A 1 64  ? 7.184   2.758   8.141   1.00 20.68 ? 64  TRP A NE1 1 
ATOM   502  C  CE2 . TRP A 1 64  ? 6.691   3.620   7.194   1.00 18.85 ? 64  TRP A CE2 1 
ATOM   503  C  CE3 . TRP A 1 64  ? 4.988   3.612   5.474   1.00 20.67 ? 64  TRP A CE3 1 
ATOM   504  C  CZ2 . TRP A 1 64  ? 7.060   4.932   6.897   1.00 21.62 ? 64  TRP A CZ2 1 
ATOM   505  C  CZ3 . TRP A 1 64  ? 5.361   4.926   5.177   1.00 19.16 ? 64  TRP A CZ3 1 
ATOM   506  C  CH2 . TRP A 1 64  ? 6.383   5.569   5.890   1.00 21.47 ? 64  TRP A CH2 1 
ATOM   507  N  N   . CYS A 1 65  ? 1.805   1.997   6.721   1.00 21.69 ? 65  CYS A N   1 
ATOM   508  C  CA  . CYS A 1 65  ? 1.038   3.242   6.754   1.00 24.80 ? 65  CYS A CA  1 
ATOM   509  C  C   . CYS A 1 65  ? 0.091   3.308   7.958   1.00 27.50 ? 65  CYS A C   1 
ATOM   510  O  O   . CYS A 1 65  ? -0.132  4.377   8.520   1.00 32.78 ? 65  CYS A O   1 
ATOM   511  C  CB  . CYS A 1 65  ? 0.226   3.419   5.471   1.00 21.17 ? 65  CYS A CB  1 
ATOM   512  S  SG  . CYS A 1 65  ? 1.181   3.896   4.032   1.00 22.09 ? 65  CYS A SG  1 
ATOM   513  N  N   . ILE A 1 66  ? -0.474  2.168   8.334   1.00 28.51 ? 66  ILE A N   1 
ATOM   514  C  CA  . ILE A 1 66  ? -1.425  2.120   9.446   1.00 31.35 ? 66  ILE A CA  1 
ATOM   515  C  C   . ILE A 1 66  ? -0.709  2.136   10.801  1.00 36.46 ? 66  ILE A C   1 
ATOM   516  O  O   . ILE A 1 66  ? -1.142  2.821   11.729  1.00 38.48 ? 66  ILE A O   1 
ATOM   517  C  CB  . ILE A 1 66  ? -2.330  0.871   9.354   1.00 26.24 ? 66  ILE A CB  1 
ATOM   518  C  CG1 . ILE A 1 66  ? -3.289  0.996   8.173   1.00 25.83 ? 66  ILE A CG1 1 
ATOM   519  C  CG2 . ILE A 1 66  ? -3.108  0.671   10.638  1.00 29.66 ? 66  ILE A CG2 1 
ATOM   520  C  CD1 . ILE A 1 66  ? -4.103  2.279   8.166   1.00 26.86 ? 66  ILE A CD1 1 
ATOM   521  N  N   . ALA A 1 67  ? 0.387   1.388   10.909  1.00 36.96 ? 67  ALA A N   1 
ATOM   522  C  CA  . ALA A 1 67  ? 1.189   1.358   12.130  1.00 40.30 ? 67  ALA A CA  1 
ATOM   523  C  C   . ALA A 1 67  ? 1.645   2.755   12.534  1.00 44.94 ? 67  ALA A C   1 
ATOM   524  O  O   . ALA A 1 67  ? 2.767   3.165   12.227  1.00 55.46 ? 67  ALA A O   1 
ATOM   525  C  CB  . ALA A 1 67  ? 2.397   0.445   11.953  1.00 39.43 ? 67  ALA A CB  1 
ATOM   526  N  N   . GLN A 1 93  ? -10.998 -11.365 15.025  1.00 57.24 ? 93  GLN A N   1 
ATOM   527  C  CA  . GLN A 1 93  ? -10.243 -10.174 15.405  1.00 54.55 ? 93  GLN A CA  1 
ATOM   528  C  C   . GLN A 1 93  ? -9.184  -9.825  14.360  1.00 51.05 ? 93  GLN A C   1 
ATOM   529  O  O   . GLN A 1 93  ? -8.749  -8.679  14.268  1.00 48.72 ? 93  GLN A O   1 
ATOM   530  C  CB  . GLN A 1 93  ? -9.581  -10.370 16.772  1.00 54.62 ? 93  GLN A CB  1 
ATOM   531  N  N   . PHE A 1 94  ? -8.771  -10.818 13.576  1.00 53.64 ? 94  PHE A N   1 
ATOM   532  C  CA  . PHE A 1 94  ? -7.828  -10.579 12.488  1.00 54.41 ? 94  PHE A CA  1 
ATOM   533  C  C   . PHE A 1 94  ? -8.514  -9.824  11.358  1.00 49.74 ? 94  PHE A C   1 
ATOM   534  O  O   . PHE A 1 94  ? -7.867  -9.099  10.605  1.00 50.91 ? 94  PHE A O   1 
ATOM   535  C  CB  . PHE A 1 94  ? -7.243  -11.892 11.963  1.00 50.80 ? 94  PHE A CB  1 
ATOM   536  N  N   . GLU A 1 95  ? -9.827  -10.002 11.243  1.00 51.15 ? 95  GLU A N   1 
ATOM   537  C  CA  . GLU A 1 95  ? -10.620 -9.273  10.255  1.00 49.78 ? 95  GLU A CA  1 
ATOM   538  C  C   . GLU A 1 95  ? -10.649 -7.786  10.588  1.00 46.50 ? 95  GLU A C   1 
ATOM   539  O  O   . GLU A 1 95  ? -10.370 -6.948  9.730   1.00 42.60 ? 95  GLU A O   1 
ATOM   540  C  CB  . GLU A 1 95  ? -12.046 -9.827  10.179  1.00 47.42 ? 95  GLU A CB  1 
ATOM   541  N  N   . ASP A 1 96  ? -10.986 -7.469  11.837  1.00 42.37 ? 96  ASP A N   1 
ATOM   542  C  CA  . ASP A 1 96  ? -11.003 -6.086  12.315  1.00 47.88 ? 96  ASP A CA  1 
ATOM   543  C  C   . ASP A 1 96  ? -9.696  -5.345  12.037  1.00 43.28 ? 96  ASP A C   1 
ATOM   544  O  O   . ASP A 1 96  ? -9.702  -4.235  11.510  1.00 41.79 ? 96  ASP A O   1 
ATOM   545  C  CB  . ASP A 1 96  ? -11.287 -6.045  13.816  1.00 48.50 ? 96  ASP A CB  1 
ATOM   546  C  CG  . ASP A 1 96  ? -12.670 -6.539  14.158  1.00 53.79 ? 96  ASP A CG  1 
ATOM   547  O  OD1 . ASP A 1 96  ? -13.589 -6.316  13.342  1.00 53.75 ? 96  ASP A OD1 1 
ATOM   548  O  OD2 . ASP A 1 96  ? -12.836 -7.145  15.238  1.00 58.02 ? 96  ASP A OD2 1 
ATOM   549  N  N   . VAL A 1 97  ? -8.583  -5.972  12.410  1.00 47.21 ? 97  VAL A N   1 
ATOM   550  C  CA  . VAL A 1 97  ? -7.252  -5.394  12.239  1.00 42.82 ? 97  VAL A CA  1 
ATOM   551  C  C   . VAL A 1 97  ? -6.850  -5.274  10.764  1.00 39.16 ? 97  VAL A C   1 
ATOM   552  O  O   . VAL A 1 97  ? -6.047  -4.422  10.405  1.00 39.27 ? 97  VAL A O   1 
ATOM   553  C  CB  . VAL A 1 97  ? -6.191  -6.238  12.984  1.00 43.75 ? 97  VAL A CB  1 
ATOM   554  C  CG1 . VAL A 1 97  ? -4.804  -5.606  12.878  1.00 47.06 ? 97  VAL A CG1 1 
ATOM   555  C  CG2 . VAL A 1 97  ? -6.584  -6.408  14.439  1.00 52.51 ? 97  VAL A CG2 1 
ATOM   556  N  N   . GLU A 1 98  ? -7.416  -6.123  9.912   1.00 36.24 ? 98  GLU A N   1 
ATOM   557  C  CA  . GLU A 1 98  ? -7.042  -6.131  8.503   1.00 32.83 ? 98  GLU A CA  1 
ATOM   558  C  C   . GLU A 1 98  ? -7.876  -5.205  7.616   1.00 33.33 ? 98  GLU A C   1 
ATOM   559  O  O   . GLU A 1 98  ? -7.536  -5.015  6.453   1.00 27.30 ? 98  GLU A O   1 
ATOM   560  C  CB  . GLU A 1 98  ? -7.126  -7.552  7.935   1.00 38.25 ? 98  GLU A CB  1 
ATOM   561  C  CG  . GLU A 1 98  ? -5.927  -8.450  8.238   1.00 35.77 ? 98  GLU A CG  1 
ATOM   562  C  CD  . GLU A 1 98  ? -4.615  -7.901  7.696   1.00 37.66 ? 98  GLU A CD  1 
ATOM   563  O  OE1 . GLU A 1 98  ? -4.486  -7.705  6.467   1.00 35.38 ? 98  GLU A OE1 1 
ATOM   564  O  OE2 . GLU A 1 98  ? -3.705  -7.673  8.506   1.00 38.74 ? 98  GLU A OE2 1 
ATOM   565  N  N   . VAL A 1 99  ? -8.965  -4.639  8.131   1.00 28.05 ? 99  VAL A N   1 
ATOM   566  C  CA  . VAL A 1 99  ? -9.828  -3.837  7.262   1.00 24.47 ? 99  VAL A CA  1 
ATOM   567  C  C   . VAL A 1 99  ? -9.120  -2.586  6.716   1.00 20.50 ? 99  VAL A C   1 
ATOM   568  O  O   . VAL A 1 99  ? -9.123  -2.362  5.515   1.00 20.16 ? 99  VAL A O   1 
ATOM   569  C  CB  . VAL A 1 99  ? -11.127 -3.408  7.978   1.00 26.46 ? 99  VAL A CB  1 
ATOM   570  C  CG1 . VAL A 1 99  ? -11.857 -2.343  7.171   1.00 23.15 ? 99  VAL A CG1 1 
ATOM   571  C  CG2 . VAL A 1 99  ? -12.033 -4.622  8.195   1.00 27.65 ? 99  VAL A CG2 1 
ATOM   572  N  N   . LYS A 1 100 ? -8.527  -1.778  7.583   1.00 19.85 ? 100 LYS A N   1 
ATOM   573  C  CA  . LYS A 1 100 ? -7.899  -0.540  7.125   1.00 23.17 ? 100 LYS A CA  1 
ATOM   574  C  C   . LYS A 1 100 ? -6.678  -0.777  6.205   1.00 22.38 ? 100 LYS A C   1 
ATOM   575  O  O   . LYS A 1 100 ? -6.556  -0.094  5.180   1.00 22.48 ? 100 LYS A O   1 
ATOM   576  C  CB  . LYS A 1 100 ? -7.511  0.344   8.315   1.00 22.48 ? 100 LYS A CB  1 
ATOM   577  C  CG  . LYS A 1 100 ? -8.693  1.076   8.938   1.00 27.24 ? 100 LYS A CG  1 
ATOM   578  C  CD  . LYS A 1 100 ? -8.236  2.090   9.973   1.00 26.74 ? 100 LYS A CD  1 
ATOM   579  C  CE  . LYS A 1 100 ? -9.424  2.776   10.631  1.00 34.40 ? 100 LYS A CE  1 
ATOM   580  N  NZ  . LYS A 1 100 ? -8.980  3.625   11.776  1.00 43.63 ? 100 LYS A NZ  1 
ATOM   581  N  N   . PRO A 1 101 ? -5.780  -1.726  6.553   1.00 25.09 ? 101 PRO A N   1 
ATOM   582  C  CA  . PRO A 1 101 ? -4.695  -2.036  5.604   1.00 21.82 ? 101 PRO A CA  1 
ATOM   583  C  C   . PRO A 1 101 ? -5.194  -2.538  4.258   1.00 22.18 ? 101 PRO A C   1 
ATOM   584  O  O   . PRO A 1 101 ? -4.607  -2.206  3.231   1.00 21.00 ? 101 PRO A O   1 
ATOM   585  C  CB  . PRO A 1 101 ? -3.904  -3.148  6.312   1.00 27.39 ? 101 PRO A CB  1 
ATOM   586  C  CG  . PRO A 1 101 ? -4.215  -2.981  7.762   1.00 28.28 ? 101 PRO A CG  1 
ATOM   587  C  CD  . PRO A 1 101 ? -5.614  -2.452  7.831   1.00 26.23 ? 101 PRO A CD  1 
ATOM   588  N  N   . GLN A 1 102 ? -6.259  -3.334  4.243   1.00 21.66 ? 102 GLN A N   1 
ATOM   589  C  CA  . GLN A 1 102 ? -6.752  -3.837  2.965   1.00 20.80 ? 102 GLN A CA  1 
ATOM   590  C  C   . GLN A 1 102 ? -7.461  -2.747  2.157   1.00 21.26 ? 102 GLN A C   1 
ATOM   591  O  O   . GLN A 1 102 ? -7.478  -2.791  0.929   1.00 20.40 ? 102 GLN A O   1 
ATOM   592  C  CB  . GLN A 1 102 ? -7.674  -5.035  3.177   1.00 24.32 ? 102 GLN A CB  1 
ATOM   593  C  CG  . GLN A 1 102 ? -6.925  -6.253  3.708   1.00 28.49 ? 102 GLN A CG  1 
ATOM   594  C  CD  . GLN A 1 102 ? -7.249  -7.507  2.941   1.00 38.80 ? 102 GLN A CD  1 
ATOM   595  O  OE1 . GLN A 1 102 ? -7.675  -7.445  1.791   1.00 46.46 ? 102 GLN A OE1 1 
ATOM   596  N  NE2 . GLN A 1 102 ? -7.049  -8.660  3.572   1.00 44.06 ? 102 GLN A NE2 1 
ATOM   597  N  N   . ALA A 1 103 ? -8.045  -1.775  2.844   1.00 16.53 ? 103 ALA A N   1 
ATOM   598  C  CA  . ALA A 1 103 ? -8.609  -0.609  2.169   1.00 17.42 ? 103 ALA A CA  1 
ATOM   599  C  C   . ALA A 1 103 ? -7.491  0.193   1.472   1.00 18.57 ? 103 ALA A C   1 
ATOM   600  O  O   . ALA A 1 103 ? -7.624  0.593   0.315   1.00 16.71 ? 103 ALA A O   1 
ATOM   601  C  CB  . ALA A 1 103 ? -9.356  0.270   3.166   1.00 18.18 ? 103 ALA A CB  1 
ATOM   602  N  N   . LEU A 1 104 ? -6.394  0.424   2.182   1.00 19.45 ? 104 LEU A N   1 
ATOM   603  C  CA  . LEU A 1 104 ? -5.238  1.098   1.577   1.00 18.69 ? 104 LEU A CA  1 
ATOM   604  C  C   . LEU A 1 104 ? -4.698  0.270   0.409   1.00 16.74 ? 104 LEU A C   1 
ATOM   605  O  O   . LEU A 1 104 ? -4.373  0.827   -0.636  1.00 18.87 ? 104 LEU A O   1 
ATOM   606  C  CB  . LEU A 1 104 ? -4.140  1.351   2.615   1.00 18.90 ? 104 LEU A CB  1 
ATOM   607  C  CG  . LEU A 1 104 ? -4.436  2.315   3.767   1.00 20.00 ? 104 LEU A CG  1 
ATOM   608  C  CD1 . LEU A 1 104 ? -3.160  2.571   4.577   1.00 18.13 ? 104 LEU A CD1 1 
ATOM   609  C  CD2 . LEU A 1 104 ? -5.081  3.628   3.298   1.00 18.28 ? 104 LEU A CD2 1 
ATOM   610  N  N   . ASP A 1 105 ? -4.637  -1.052  0.572   1.00 16.55 ? 105 ASP A N   1 
ATOM   611  C  CA  . ASP A 1 105 ? -4.252  -1.949  -0.523  1.00 18.99 ? 105 ASP A CA  1 
ATOM   612  C  C   . ASP A 1 105 ? -5.044  -1.639  -1.772  1.00 19.90 ? 105 ASP A C   1 
ATOM   613  O  O   . ASP A 1 105 ? -4.486  -1.477  -2.856  1.00 16.89 ? 105 ASP A O   1 
ATOM   614  C  CB  . ASP A 1 105 ? -4.492  -3.419  -0.169  1.00 22.84 ? 105 ASP A CB  1 
ATOM   615  C  CG  . ASP A 1 105 ? -3.353  -4.044  0.596   1.00 26.70 ? 105 ASP A CG  1 
ATOM   616  O  OD1 . ASP A 1 105 ? -2.410  -3.323  0.957   1.00 23.74 ? 105 ASP A OD1 1 
ATOM   617  O  OD2 . ASP A 1 105 ? -3.425  -5.269  0.859   1.00 30.63 ? 105 ASP A OD2 1 
ATOM   618  N  N   . TRP A 1 106 ? -6.365  -1.580  -1.603  1.00 19.35 ? 106 TRP A N   1 
ATOM   619  C  CA  . TRP A 1 106 ? -7.273  -1.352  -2.714  1.00 19.93 ? 106 TRP A CA  1 
ATOM   620  C  C   . TRP A 1 106 ? -7.038  0.018   -3.337  1.00 15.98 ? 106 TRP A C   1 
ATOM   621  O  O   . TRP A 1 106 ? -6.943  0.144   -4.558  1.00 17.98 ? 106 TRP A O   1 
ATOM   622  C  CB  . TRP A 1 106 ? -8.722  -1.491  -2.238  1.00 21.51 ? 106 TRP A CB  1 
ATOM   623  C  CG  . TRP A 1 106 ? -9.724  -1.784  -3.321  1.00 22.86 ? 106 TRP A CG  1 
ATOM   624  C  CD1 . TRP A 1 106 ? -9.536  -1.705  -4.670  1.00 22.57 ? 106 TRP A CD1 1 
ATOM   625  C  CD2 . TRP A 1 106 ? -11.081 -2.217  -3.124  1.00 22.18 ? 106 TRP A CD2 1 
ATOM   626  N  NE1 . TRP A 1 106 ? -10.708 -2.049  -5.334  1.00 22.77 ? 106 TRP A NE1 1 
ATOM   627  C  CE2 . TRP A 1 106 ? -11.663 -2.375  -4.403  1.00 25.82 ? 106 TRP A CE2 1 
ATOM   628  C  CE3 . TRP A 1 106 ? -11.854 -2.487  -1.993  1.00 22.75 ? 106 TRP A CE3 1 
ATOM   629  C  CZ2 . TRP A 1 106 ? -12.991 -2.789  -4.576  1.00 24.83 ? 106 TRP A CZ2 1 
ATOM   630  C  CZ3 . TRP A 1 106 ? -13.180 -2.902  -2.169  1.00 26.16 ? 106 TRP A CZ3 1 
ATOM   631  C  CH2 . TRP A 1 106 ? -13.727 -3.044  -3.448  1.00 23.55 ? 106 TRP A CH2 1 
ATOM   632  N  N   . LEU A 1 107 ? -6.936  1.041   -2.498  1.00 15.99 ? 107 LEU A N   1 
ATOM   633  C  CA  . LEU A 1 107 ? -6.618  2.371   -2.981  1.00 16.67 ? 107 LEU A CA  1 
ATOM   634  C  C   . LEU A 1 107 ? -5.301  2.388   -3.771  1.00 16.82 ? 107 LEU A C   1 
ATOM   635  O  O   . LEU A 1 107 ? -5.248  2.929   -4.874  1.00 17.67 ? 107 LEU A O   1 
ATOM   636  C  CB  . LEU A 1 107 ? -6.541  3.348   -1.818  1.00 16.74 ? 107 LEU A CB  1 
ATOM   637  C  CG  . LEU A 1 107 ? -7.900  3.733   -1.243  1.00 16.44 ? 107 LEU A CG  1 
ATOM   638  C  CD1 . LEU A 1 107 ? -7.703  4.281   0.155   1.00 18.98 ? 107 LEU A CD1 1 
ATOM   639  C  CD2 . LEU A 1 107 ? -8.600  4.766   -2.155  1.00 16.74 ? 107 LEU A CD2 1 
ATOM   640  N  N   . PHE A 1 108 ? -4.256  1.783   -3.209  1.00 14.22 ? 108 PHE A N   1 
ATOM   641  C  CA  . PHE A 1 108 ? -2.944  1.741   -3.870  1.00 15.02 ? 108 PHE A CA  1 
ATOM   642  C  C   . PHE A 1 108 ? -3.029  1.034   -5.236  1.00 17.89 ? 108 PHE A C   1 
ATOM   643  O  O   . PHE A 1 108 ? -2.498  1.525   -6.236  1.00 15.63 ? 108 PHE A O   1 
ATOM   644  C  CB  . PHE A 1 108 ? -1.908  1.047   -2.968  1.00 13.42 ? 108 PHE A CB  1 
ATOM   645  C  CG  . PHE A 1 108 ? -1.570  1.818   -1.704  1.00 13.36 ? 108 PHE A CG  1 
ATOM   646  C  CD1 . PHE A 1 108 ? -1.868  3.169   -1.582  1.00 14.88 ? 108 PHE A CD1 1 
ATOM   647  C  CD2 . PHE A 1 108 ? -0.941  1.183   -0.647  1.00 13.90 ? 108 PHE A CD2 1 
ATOM   648  C  CE1 . PHE A 1 108 ? -1.548  3.872   -0.411  1.00 16.25 ? 108 PHE A CE1 1 
ATOM   649  C  CE2 . PHE A 1 108 ? -0.628  1.861   0.510   1.00 12.76 ? 108 PHE A CE2 1 
ATOM   650  C  CZ  . PHE A 1 108 ? -0.930  3.209   0.633   1.00 15.59 ? 108 PHE A CZ  1 
ATOM   651  N  N   . CYS A 1 109 ? -3.709  -0.111  -5.278  1.00 16.00 ? 109 CYS A N   1 
ATOM   652  C  CA  . CYS A 1 109 ? -3.838  -0.873  -6.520  1.00 20.81 ? 109 CYS A CA  1 
ATOM   653  C  C   . CYS A 1 109 ? -4.558  -0.079  -7.611  1.00 19.92 ? 109 CYS A C   1 
ATOM   654  O  O   . CYS A 1 109 ? -4.138  -0.086  -8.768  1.00 20.54 ? 109 CYS A O   1 
ATOM   655  C  CB  . CYS A 1 109 ? -4.568  -2.207  -6.270  1.00 21.81 ? 109 CYS A CB  1 
ATOM   656  S  SG  . CYS A 1 109 ? -3.564  -3.442  -5.363  1.00 20.47 ? 109 CYS A SG  1 
ATOM   657  N  N   . VAL A 1 110 ? -5.646  0.600   -7.261  1.00 17.02 ? 110 VAL A N   1 
ATOM   658  C  CA  . VAL A 1 110 ? -6.334  1.388   -8.271  1.00 21.24 ? 110 VAL A CA  1 
ATOM   659  C  C   . VAL A 1 110 ? -5.441  2.560   -8.699  1.00 16.55 ? 110 VAL A C   1 
ATOM   660  O  O   . VAL A 1 110 ? -5.326  2.849   -9.883  1.00 17.79 ? 110 VAL A O   1 
ATOM   661  C  CB  . VAL A 1 110 ? -7.712  1.899   -7.774  1.00 20.40 ? 110 VAL A CB  1 
ATOM   662  C  CG1 . VAL A 1 110 ? -8.250  2.987   -8.714  1.00 22.42 ? 110 VAL A CG1 1 
ATOM   663  C  CG2 . VAL A 1 110 ? -8.696  0.731   -7.651  1.00 17.87 ? 110 VAL A CG2 1 
ATOM   664  N  N   . ALA A 1 111 ? -4.780  3.209   -7.747  1.00 17.51 ? 111 ALA A N   1 
ATOM   665  C  CA  . ALA A 1 111 ? -3.852  4.293   -8.093  1.00 19.14 ? 111 ALA A CA  1 
ATOM   666  C  C   . ALA A 1 111 ? -2.733  3.826   -9.037  1.00 19.21 ? 111 ALA A C   1 
ATOM   667  O  O   . ALA A 1 111 ? -2.231  4.602   -9.855  1.00 19.90 ? 111 ALA A O   1 
ATOM   668  C  CB  . ALA A 1 111 ? -3.243  4.905   -6.819  1.00 18.43 ? 111 ALA A CB  1 
ATOM   669  N  N   . ALA A 1 112 ? -2.355  2.556   -8.935  1.00 16.26 ? 112 ALA A N   1 
ATOM   670  C  CA  . ALA A 1 112 ? -1.232  2.036   -9.717  1.00 20.46 ? 112 ALA A CA  1 
ATOM   671  C  C   . ALA A 1 112 ? -1.671  1.397   -11.033 1.00 20.46 ? 112 ALA A C   1 
ATOM   672  O  O   . ALA A 1 112 ? -0.840  1.123   -11.903 1.00 20.46 ? 112 ALA A O   1 
ATOM   673  C  CB  . ALA A 1 112 ? -0.441  1.015   -8.894  1.00 16.17 ? 112 ALA A CB  1 
ATOM   674  N  N   . GLY A 1 113 ? -2.967  1.148   -11.171 1.00 19.04 ? 113 GLY A N   1 
ATOM   675  C  CA  . GLY A 1 113 ? -3.471  0.386   -12.300 1.00 23.82 ? 113 GLY A CA  1 
ATOM   676  C  C   . GLY A 1 113 ? -3.242  -1.110  -12.161 1.00 22.76 ? 113 GLY A C   1 
ATOM   677  O  O   . GLY A 1 113 ? -3.087  -1.807  -13.157 1.00 26.89 ? 113 GLY A O   1 
ATOM   678  N  N   . TYR A 1 114 ? -3.199  -1.597  -10.923 1.00 22.86 ? 114 TYR A N   1 
ATOM   679  C  CA  . TYR A 1 114 ? -3.005  -3.023  -10.614 1.00 26.98 ? 114 TYR A CA  1 
ATOM   680  C  C   . TYR A 1 114 ? -4.300  -3.660  -10.080 1.00 26.89 ? 114 TYR A C   1 
ATOM   681  O  O   . TYR A 1 114 ? -5.033  -3.015  -9.344  1.00 27.14 ? 114 TYR A O   1 
ATOM   682  C  CB  . TYR A 1 114 ? -1.895  -3.162  -9.578  1.00 19.58 ? 114 TYR A CB  1 
ATOM   683  C  CG  . TYR A 1 114 ? -1.350  -4.556  -9.309  1.00 23.18 ? 114 TYR A CG  1 
ATOM   684  C  CD1 . TYR A 1 114 ? -0.453  -5.164  -10.184 1.00 25.42 ? 114 TYR A CD1 1 
ATOM   685  C  CD2 . TYR A 1 114 ? -1.674  -5.227  -8.133  1.00 21.59 ? 114 TYR A CD2 1 
ATOM   686  C  CE1 . TYR A 1 114 ? 0.088   -6.435  -9.903  1.00 26.11 ? 114 TYR A CE1 1 
ATOM   687  C  CE2 . TYR A 1 114 ? -1.151  -6.483  -7.846  1.00 25.12 ? 114 TYR A CE2 1 
ATOM   688  C  CZ  . TYR A 1 114 ? -0.273  -7.084  -8.728  1.00 27.10 ? 114 TYR A CZ  1 
ATOM   689  O  OH  . TYR A 1 114 ? 0.247   -8.328  -8.419  1.00 27.21 ? 114 TYR A OH  1 
ATOM   690  N  N   . PRO A 1 115 ? -4.571  -4.932  -10.426 1.00 33.22 ? 115 PRO A N   1 
ATOM   691  C  CA  . PRO A 1 115 ? -5.797  -5.597  -9.941  1.00 31.86 ? 115 PRO A CA  1 
ATOM   692  C  C   . PRO A 1 115 ? -5.813  -5.867  -8.430  1.00 30.56 ? 115 PRO A C   1 
ATOM   693  O  O   . PRO A 1 115 ? -4.819  -6.346  -7.891  1.00 30.22 ? 115 PRO A O   1 
ATOM   694  C  CB  . PRO A 1 115 ? -5.807  -6.923  -10.712 1.00 34.61 ? 115 PRO A CB  1 
ATOM   695  C  CG  . PRO A 1 115 ? -4.899  -6.700  -11.893 1.00 38.72 ? 115 PRO A CG  1 
ATOM   696  C  CD  . PRO A 1 115 ? -3.849  -5.743  -11.421 1.00 33.72 ? 115 PRO A CD  1 
ATOM   697  N  N   . PHE A 1 116 ? -6.918  -5.566  -7.752  1.00 31.65 ? 116 PHE A N   1 
ATOM   698  C  CA  . PHE A 1 116 ? -6.983  -5.798  -6.305  1.00 34.12 ? 116 PHE A CA  1 
ATOM   699  C  C   . PHE A 1 116 ? -7.699  -7.103  -5.933  1.00 40.86 ? 116 PHE A C   1 
ATOM   700  O  O   . PHE A 1 116 ? -8.774  -7.400  -6.452  1.00 41.72 ? 116 PHE A O   1 
ATOM   701  C  CB  . PHE A 1 116 ? -7.678  -4.628  -5.599  1.00 31.60 ? 116 PHE A CB  1 
ATOM   702  C  CG  . PHE A 1 116 ? -7.976  -4.893  -4.142  1.00 34.83 ? 116 PHE A CG  1 
ATOM   703  C  CD1 . PHE A 1 116 ? -6.948  -4.937  -3.204  1.00 29.36 ? 116 PHE A CD1 1 
ATOM   704  C  CD2 . PHE A 1 116 ? -9.280  -5.126  -3.717  1.00 33.44 ? 116 PHE A CD2 1 
ATOM   705  C  CE1 . PHE A 1 116 ? -7.217  -5.195  -1.868  1.00 34.35 ? 116 PHE A CE1 1 
ATOM   706  C  CE2 . PHE A 1 116 ? -9.561  -5.382  -2.381  1.00 33.20 ? 116 PHE A CE2 1 
ATOM   707  C  CZ  . PHE A 1 116 ? -8.528  -5.416  -1.451  1.00 32.88 ? 116 PHE A CZ  1 
ATOM   708  N  N   . ASN A 1 117 ? -7.096  -7.874  -5.028  1.00 46.28 ? 117 ASN A N   1 
ATOM   709  C  CA  . ASN A 1 117 ? -7.793  -8.955  -4.323  1.00 46.11 ? 117 ASN A CA  1 
ATOM   710  C  C   . ASN A 1 117 ? -7.369  -9.045  -2.859  1.00 47.10 ? 117 ASN A C   1 
ATOM   711  O  O   . ASN A 1 117 ? -6.240  -8.694  -2.504  1.00 44.43 ? 117 ASN A O   1 
ATOM   712  C  CB  . ASN A 1 117 ? -7.579  -10.315 -4.996  1.00 51.86 ? 117 ASN A CB  1 
ATOM   713  C  CG  . ASN A 1 117 ? -8.130  -10.363 -6.405  1.00 52.99 ? 117 ASN A CG  1 
ATOM   714  O  OD1 . ASN A 1 117 ? -7.398  -10.210 -7.379  1.00 55.57 ? 117 ASN A OD1 1 
ATOM   715  N  ND2 . ASN A 1 117 ? -9.451  -10.487 -6.512  1.00 56.67 ? 117 ASN A ND2 1 
ATOM   716  N  N   . VAL A 1 118 ? -8.280  -9.525  -2.014  1.00 52.10 ? 118 VAL A N   1 
ATOM   717  C  CA  . VAL A 1 118 ? -8.011  -9.672  -0.583  1.00 51.27 ? 118 VAL A CA  1 
ATOM   718  C  C   . VAL A 1 118 ? -7.117  -10.874 -0.279  1.00 55.68 ? 118 VAL A C   1 
ATOM   719  O  O   . VAL A 1 118 ? -7.248  -11.929 -0.908  1.00 58.65 ? 118 VAL A O   1 
ATOM   720  C  CB  . VAL A 1 118 ? -9.324  -9.817  0.225   1.00 53.69 ? 118 VAL A CB  1 
ATOM   721  N  N   . SER A 1 119 ? -6.212  -10.680 0.682   1.00 55.34 ? 119 SER A N   1 
ATOM   722  C  CA  . SER A 1 119 ? -5.390  -11.728 1.303   1.00 57.83 ? 119 SER A CA  1 
ATOM   723  C  C   . SER A 1 119 ? -4.360  -11.058 2.206   1.00 57.62 ? 119 SER A C   1 
ATOM   724  O  O   . SER A 1 119 ? -3.670  -10.128 1.777   1.00 51.58 ? 119 SER A O   1 
ATOM   725  C  CB  . SER A 1 119 ? -4.674  -12.613 0.274   1.00 60.57 ? 119 SER A CB  1 
ATOM   726  N  N   . ARG A 1 131 ? -15.645 -14.598 1.960   1.00 39.30 ? 131 ARG A N   1 
ATOM   727  C  CA  . ARG A 1 131 ? -14.823 -13.514 1.431   1.00 40.13 ? 131 ARG A CA  1 
ATOM   728  C  C   . ARG A 1 131 ? -15.610 -12.216 1.166   1.00 37.93 ? 131 ARG A C   1 
ATOM   729  O  O   . ARG A 1 131 ? -15.119 -11.118 1.448   1.00 35.28 ? 131 ARG A O   1 
ATOM   730  C  CB  . ARG A 1 131 ? -14.127 -13.978 0.147   1.00 47.41 ? 131 ARG A CB  1 
ATOM   731  C  CG  . ARG A 1 131 ? -15.083 -14.287 -1.002  1.00 49.52 ? 131 ARG A CG  1 
ATOM   732  C  CD  . ARG A 1 131 ? -14.514 -15.314 -1.971  1.00 54.64 ? 131 ARG A CD  1 
ATOM   733  N  NE  . ARG A 1 131 ? -15.568 -16.198 -2.467  1.00 59.16 ? 131 ARG A NE  1 
ATOM   734  C  CZ  . ARG A 1 131 ? -16.192 -17.116 -1.730  1.00 61.45 ? 131 ARG A CZ  1 
ATOM   735  N  NH1 . ARG A 1 131 ? -17.140 -17.867 -2.274  1.00 65.15 ? 131 ARG A NH1 1 
ATOM   736  N  NH2 . ARG A 1 131 ? -15.867 -17.290 -0.451  1.00 60.14 ? 131 ARG A NH2 1 
ATOM   737  N  N   . VAL A 1 132 ? -16.825 -12.339 0.633   1.00 39.63 ? 132 VAL A N   1 
ATOM   738  C  CA  . VAL A 1 132 ? -17.579 -11.175 0.164   1.00 36.26 ? 132 VAL A CA  1 
ATOM   739  C  C   . VAL A 1 132 ? -17.954 -10.232 1.303   1.00 33.64 ? 132 VAL A C   1 
ATOM   740  O  O   . VAL A 1 132 ? -17.875 -9.011  1.157   1.00 34.39 ? 132 VAL A O   1 
ATOM   741  C  CB  . VAL A 1 132 ? -18.858 -11.598 -0.579  1.00 42.17 ? 132 VAL A CB  1 
ATOM   742  C  CG1 . VAL A 1 132 ? -19.610 -10.367 -1.083  1.00 39.21 ? 132 VAL A CG1 1 
ATOM   743  C  CG2 . VAL A 1 132 ? -18.509 -12.514 -1.736  1.00 40.41 ? 132 VAL A CG2 1 
ATOM   744  N  N   . VAL A 1 133 ? -18.359 -10.804 2.432   1.00 30.30 ? 133 VAL A N   1 
ATOM   745  C  CA  . VAL A 1 133 ? -18.712 -10.024 3.612   1.00 33.44 ? 133 VAL A CA  1 
ATOM   746  C  C   . VAL A 1 133 ? -17.541 -9.149  4.056   1.00 34.54 ? 133 VAL A C   1 
ATOM   747  O  O   . VAL A 1 133 ? -17.710 -7.956  4.367   1.00 25.42 ? 133 VAL A O   1 
ATOM   748  C  CB  . VAL A 1 133 ? -19.145 -10.939 4.774   1.00 31.99 ? 133 VAL A CB  1 
ATOM   749  C  CG1 . VAL A 1 133 ? -19.175 -10.169 6.096   1.00 29.52 ? 133 VAL A CG1 1 
ATOM   750  C  CG2 . VAL A 1 133 ? -20.506 -11.566 4.474   1.00 34.99 ? 133 VAL A CG2 1 
ATOM   751  N  N   . PHE A 1 134 ? -16.352 -9.740  4.086   1.00 29.25 ? 134 PHE A N   1 
ATOM   752  C  CA  . PHE A 1 134 ? -15.172 -8.996  4.495   1.00 26.63 ? 134 PHE A CA  1 
ATOM   753  C  C   . PHE A 1 134 ? -14.790 -7.923  3.471   1.00 25.71 ? 134 PHE A C   1 
ATOM   754  O  O   . PHE A 1 134 ? -14.399 -6.826  3.854   1.00 25.93 ? 134 PHE A O   1 
ATOM   755  C  CB  . PHE A 1 134 ? -13.977 -9.929  4.727   1.00 30.50 ? 134 PHE A CB  1 
ATOM   756  C  CG  . PHE A 1 134 ? -12.689 -9.195  5.014   1.00 28.36 ? 134 PHE A CG  1 
ATOM   757  C  CD1 . PHE A 1 134 ? -12.475 -8.613  6.254   1.00 26.17 ? 134 PHE A CD1 1 
ATOM   758  C  CD2 . PHE A 1 134 ? -11.707 -9.086  4.048   1.00 30.23 ? 134 PHE A CD2 1 
ATOM   759  C  CE1 . PHE A 1 134 ? -11.307 -7.933  6.527   1.00 29.50 ? 134 PHE A CE1 1 
ATOM   760  C  CE2 . PHE A 1 134 ? -10.521 -8.408  4.314   1.00 29.49 ? 134 PHE A CE2 1 
ATOM   761  C  CZ  . PHE A 1 134 ? -10.325 -7.831  5.558   1.00 29.87 ? 134 PHE A CZ  1 
ATOM   762  N  N   . GLN A 1 135 ? -14.876 -8.229  2.177   1.00 24.85 ? 135 GLN A N   1 
ATOM   763  C  CA  . GLN A 1 135 ? -14.468 -7.225  1.198   1.00 28.71 ? 135 GLN A CA  1 
ATOM   764  C  C   . GLN A 1 135 ? -15.448 -6.045  1.166   1.00 27.58 ? 135 GLN A C   1 
ATOM   765  O  O   . GLN A 1 135 ? -15.086 -4.936  0.761   1.00 20.89 ? 135 GLN A O   1 
ATOM   766  C  CB  . GLN A 1 135 ? -14.324 -7.819  -0.202  1.00 31.12 ? 135 GLN A CB  1 
ATOM   767  C  CG  . GLN A 1 135 ? -13.540 -6.871  -1.124  1.00 36.77 ? 135 GLN A CG  1 
ATOM   768  C  CD  . GLN A 1 135 ? -13.200 -7.464  -2.475  1.00 44.88 ? 135 GLN A CD  1 
ATOM   769  O  OE1 . GLN A 1 135 ? -13.035 -8.678  -2.612  1.00 53.63 ? 135 GLN A OE1 1 
ATOM   770  N  NE2 . GLN A 1 135 ? -13.094 -6.606  -3.490  1.00 37.52 ? 135 GLN A NE2 1 
ATOM   771  N  N   . ARG A 1 136 ? -16.686 -6.285  1.595   1.00 23.08 ? 136 ARG A N   1 
ATOM   772  C  CA  . ARG A 1 136 ? -17.643 -5.193  1.722   1.00 23.45 ? 136 ARG A CA  1 
ATOM   773  C  C   . ARG A 1 136 ? -17.265 -4.282  2.877   1.00 19.84 ? 136 ARG A C   1 
ATOM   774  O  O   . ARG A 1 136 ? -17.406 -3.068  2.776   1.00 19.73 ? 136 ARG A O   1 
ATOM   775  C  CB  . ARG A 1 136 ? -19.058 -5.740  1.887   1.00 24.78 ? 136 ARG A CB  1 
ATOM   776  C  CG  . ARG A 1 136 ? -19.586 -6.357  0.594   1.00 25.39 ? 136 ARG A CG  1 
ATOM   777  C  CD  . ARG A 1 136 ? -20.902 -7.110  0.801   1.00 29.66 ? 136 ARG A CD  1 
ATOM   778  N  NE  . ARG A 1 136 ? -21.434 -7.563  -0.482  1.00 33.58 ? 136 ARG A NE  1 
ATOM   779  C  CZ  . ARG A 1 136 ? -22.489 -8.362  -0.616  1.00 38.34 ? 136 ARG A CZ  1 
ATOM   780  N  NH1 . ARG A 1 136 ? -23.134 -8.793  0.460   1.00 35.32 ? 136 ARG A NH1 1 
ATOM   781  N  NH2 . ARG A 1 136 ? -22.897 -8.725  -1.824  1.00 36.72 ? 136 ARG A NH2 1 
ATOM   782  N  N   . ARG A 1 137 ? -16.760 -4.853  3.966   1.00 18.01 ? 137 ARG A N   1 
ATOM   783  C  CA  . ARG A 1 137 ? -16.203 -4.034  5.043   1.00 19.49 ? 137 ARG A CA  1 
ATOM   784  C  C   . ARG A 1 137 ? -15.006 -3.212  4.535   1.00 22.46 ? 137 ARG A C   1 
ATOM   785  O  O   . ARG A 1 137 ? -14.797 -2.056  4.936   1.00 18.64 ? 137 ARG A O   1 
ATOM   786  C  CB  . ARG A 1 137 ? -15.759 -4.901  6.223   1.00 24.48 ? 137 ARG A CB  1 
ATOM   787  C  CG  . ARG A 1 137 ? -16.831 -5.855  6.765   1.00 29.69 ? 137 ARG A CG  1 
ATOM   788  C  CD  . ARG A 1 137 ? -16.383 -6.486  8.081   1.00 29.28 ? 137 ARG A CD  1 
ATOM   789  N  NE  . ARG A 1 137 ? -15.974 -5.467  9.045   1.00 31.74 ? 137 ARG A NE  1 
ATOM   790  C  CZ  . ARG A 1 137 ? -15.194 -5.695  10.100  1.00 37.68 ? 137 ARG A CZ  1 
ATOM   791  N  NH1 . ARG A 1 137 ? -14.721 -6.916  10.332  1.00 44.62 ? 137 ARG A NH1 1 
ATOM   792  N  NH2 . ARG A 1 137 ? -14.873 -4.699  10.915  1.00 37.87 ? 137 ARG A NH2 1 
ATOM   793  N  N   . VAL A 1 138 ? -14.205 -3.812  3.664   1.00 19.57 ? 138 VAL A N   1 
ATOM   794  C  CA  . VAL A 1 138 ? -13.061 -3.082  3.121   1.00 20.12 ? 138 VAL A CA  1 
ATOM   795  C  C   . VAL A 1 138 ? -13.546 -1.954  2.214   1.00 20.14 ? 138 VAL A C   1 
ATOM   796  O  O   . VAL A 1 138 ? -13.063 -0.827  2.303   1.00 20.56 ? 138 VAL A O   1 
ATOM   797  C  CB  . VAL A 1 138 ? -12.102 -4.002  2.351   1.00 21.70 ? 138 VAL A CB  1 
ATOM   798  C  CG1 . VAL A 1 138 ? -10.974 -3.184  1.749   1.00 20.41 ? 138 VAL A CG1 1 
ATOM   799  C  CG2 . VAL A 1 138 ? -11.523 -5.056  3.299   1.00 23.02 ? 138 VAL A CG2 1 
ATOM   800  N  N   . HIS A 1 139 ? -14.517 -2.261  1.359   1.00 20.64 ? 139 HIS A N   1 
ATOM   801  C  CA  . HIS A 1 139 ? -15.125 -1.266  0.482   1.00 22.34 ? 139 HIS A CA  1 
ATOM   802  C  C   . HIS A 1 139 ? -15.654 -0.044  1.252   1.00 22.15 ? 139 HIS A C   1 
ATOM   803  O  O   . HIS A 1 139 ? -15.404 1.094   0.869   1.00 20.02 ? 139 HIS A O   1 
ATOM   804  C  CB  . HIS A 1 139 ? -16.258 -1.906  -0.321  1.00 25.56 ? 139 HIS A CB  1 
ATOM   805  C  CG  . HIS A 1 139 ? -16.907 -0.974  -1.295  1.00 24.57 ? 139 HIS A CG  1 
ATOM   806  N  ND1 . HIS A 1 139 ? -17.919 -0.111  -0.934  1.00 24.42 ? 139 HIS A ND1 1 
ATOM   807  C  CD2 . HIS A 1 139 ? -16.688 -0.771  -2.616  1.00 21.54 ? 139 HIS A CD2 1 
ATOM   808  C  CE1 . HIS A 1 139 ? -18.295 0.585   -1.992  1.00 28.16 ? 139 HIS A CE1 1 
ATOM   809  N  NE2 . HIS A 1 139 ? -17.558 0.210   -3.022  1.00 25.40 ? 139 HIS A NE2 1 
ATOM   810  N  N   . ALA A 1 140 ? -16.387 -0.286  2.333   1.00 20.77 ? 140 ALA A N   1 
ATOM   811  C  CA  . ALA A 1 140 ? -16.895 0.797   3.174   1.00 20.37 ? 140 ALA A CA  1 
ATOM   812  C  C   . ALA A 1 140 ? -15.766 1.646   3.728   1.00 23.83 ? 140 ALA A C   1 
ATOM   813  O  O   . ALA A 1 140 ? -15.884 2.870   3.836   1.00 20.56 ? 140 ALA A O   1 
ATOM   814  C  CB  . ALA A 1 140 ? -17.730 0.235   4.326   1.00 22.45 ? 140 ALA A CB  1 
ATOM   815  N  N   . GLN A 1 141 ? -14.667 0.996   4.095   1.00 20.64 ? 141 GLN A N   1 
ATOM   816  C  CA  . GLN A 1 141 ? -13.539 1.728   4.626   1.00 17.94 ? 141 GLN A CA  1 
ATOM   817  C  C   . GLN A 1 141 ? -12.860 2.567   3.525   1.00 19.57 ? 141 GLN A C   1 
ATOM   818  O  O   . GLN A 1 141 ? -12.417 3.689   3.772   1.00 20.00 ? 141 GLN A O   1 
ATOM   819  C  CB  . GLN A 1 141 ? -12.536 0.762   5.278   1.00 21.18 ? 141 GLN A CB  1 
ATOM   820  C  CG  . GLN A 1 141 ? -11.310 1.463   5.847   1.00 22.07 ? 141 GLN A CG  1 
ATOM   821  C  CD  . GLN A 1 141 ? -11.625 2.458   6.965   1.00 24.45 ? 141 GLN A CD  1 
ATOM   822  O  OE1 . GLN A 1 141 ? -12.236 2.104   7.965   1.00 25.49 ? 141 GLN A OE1 1 
ATOM   823  N  NE2 . GLN A 1 141 ? -11.175 3.702   6.805   1.00 24.58 ? 141 GLN A NE2 1 
ATOM   824  N  N   . VAL A 1 142 ? -12.780 2.031   2.311   1.00 18.74 ? 142 VAL A N   1 
ATOM   825  C  CA  . VAL A 1 142 ? -12.296 2.832   1.183   1.00 17.66 ? 142 VAL A CA  1 
ATOM   826  C  C   . VAL A 1 142 ? -13.175 4.087   1.029   1.00 22.30 ? 142 VAL A C   1 
ATOM   827  O  O   . VAL A 1 142 ? -12.665 5.205   0.919   1.00 19.68 ? 142 VAL A O   1 
ATOM   828  C  CB  . VAL A 1 142 ? -12.282 2.019   -0.137  1.00 19.98 ? 142 VAL A CB  1 
ATOM   829  C  CG1 . VAL A 1 142 ? -12.017 2.930   -1.335  1.00 18.35 ? 142 VAL A CG1 1 
ATOM   830  C  CG2 . VAL A 1 142 ? -11.231 0.893   -0.068  1.00 16.72 ? 142 VAL A CG2 1 
ATOM   831  N  N   . MET A 1 143 ? -14.495 3.905   1.057   1.00 17.69 ? 143 MET A N   1 
ATOM   832  C  CA  . MET A 1 143 ? -15.433 5.034   0.958   1.00 18.44 ? 143 MET A CA  1 
ATOM   833  C  C   . MET A 1 143 ? -15.232 6.046   2.080   1.00 19.34 ? 143 MET A C   1 
ATOM   834  O  O   . MET A 1 143 ? -15.289 7.255   1.857   1.00 21.84 ? 143 MET A O   1 
ATOM   835  C  CB  . MET A 1 143 ? -16.892 4.542   0.976   1.00 18.06 ? 143 MET A CB  1 
ATOM   836  C  CG  . MET A 1 143 ? -17.283 3.659   -0.209  1.00 17.83 ? 143 MET A CG  1 
ATOM   837  S  SD  . MET A 1 143 ? -16.993 4.403   -1.828  1.00 24.57 ? 143 MET A SD  1 
ATOM   838  C  CE  . MET A 1 143 ? -15.627 3.401   -2.408  1.00 23.65 ? 143 MET A CE  1 
ATOM   839  N  N   . ASP A 1 144 ? -15.012 5.544   3.288   1.00 18.35 ? 144 ASP A N   1 
ATOM   840  C  CA  . ASP A 1 144 ? -14.703 6.387   4.438   1.00 21.88 ? 144 ASP A CA  1 
ATOM   841  C  C   . ASP A 1 144 ? -13.479 7.243   4.148   1.00 24.31 ? 144 ASP A C   1 
ATOM   842  O  O   . ASP A 1 144 ? -13.491 8.463   4.331   1.00 21.94 ? 144 ASP A O   1 
ATOM   843  C  CB  . ASP A 1 144 ? -14.459 5.530   5.679   1.00 18.21 ? 144 ASP A CB  1 
ATOM   844  C  CG  . ASP A 1 144 ? -14.260 6.365   6.940   1.00 29.95 ? 144 ASP A CG  1 
ATOM   845  O  OD1 . ASP A 1 144 ? -14.589 7.571   6.934   1.00 32.46 ? 144 ASP A OD1 1 
ATOM   846  O  OD2 . ASP A 1 144 ? -13.782 5.812   7.949   1.00 35.31 ? 144 ASP A OD2 1 
ATOM   847  N  N   . TYR A 1 145 ? -12.415 6.590   3.697   1.00 19.05 ? 145 TYR A N   1 
ATOM   848  C  CA  . TYR A 1 145 ? -11.193 7.300   3.333   1.00 23.31 ? 145 TYR A CA  1 
ATOM   849  C  C   . TYR A 1 145 ? -11.461 8.346   2.247   1.00 23.02 ? 145 TYR A C   1 
ATOM   850  O  O   . TYR A 1 145 ? -11.049 9.495   2.367   1.00 24.46 ? 145 TYR A O   1 
ATOM   851  C  CB  . TYR A 1 145 ? -10.129 6.309   2.854   1.00 19.71 ? 145 TYR A CB  1 
ATOM   852  C  CG  . TYR A 1 145 ? -9.350  5.619   3.951   1.00 22.66 ? 145 TYR A CG  1 
ATOM   853  C  CD1 . TYR A 1 145 ? -8.899  6.313   5.071   1.00 21.71 ? 145 TYR A CD1 1 
ATOM   854  C  CD2 . TYR A 1 145 ? -9.040  4.270   3.854   1.00 23.03 ? 145 TYR A CD2 1 
ATOM   855  C  CE1 . TYR A 1 145 ? -8.169  5.670   6.064   1.00 20.69 ? 145 TYR A CE1 1 
ATOM   856  C  CE2 . TYR A 1 145 ? -8.311  3.626   4.833   1.00 21.46 ? 145 TYR A CE2 1 
ATOM   857  C  CZ  . TYR A 1 145 ? -7.874  4.323   5.929   1.00 22.11 ? 145 TYR A CZ  1 
ATOM   858  O  OH  . TYR A 1 145 ? -7.147  3.652   6.891   1.00 25.44 ? 145 TYR A OH  1 
ATOM   859  N  N   . LEU A 1 146 ? -12.158 7.958   1.186   1.00 19.63 ? 146 LEU A N   1 
ATOM   860  C  CA  . LEU A 1 146 ? -12.373 8.891   0.083   1.00 20.84 ? 146 LEU A CA  1 
ATOM   861  C  C   . LEU A 1 146 ? -13.251 10.076  0.488   1.00 28.01 ? 146 LEU A C   1 
ATOM   862  O  O   . LEU A 1 146 ? -13.042 11.191  0.004   1.00 21.61 ? 146 LEU A O   1 
ATOM   863  C  CB  . LEU A 1 146 ? -12.992 8.175   -1.119  1.00 21.15 ? 146 LEU A CB  1 
ATOM   864  C  CG  . LEU A 1 146 ? -12.049 7.255   -1.907  1.00 21.21 ? 146 LEU A CG  1 
ATOM   865  C  CD1 . LEU A 1 146 ? -12.810 6.520   -3.004  1.00 23.76 ? 146 LEU A CD1 1 
ATOM   866  C  CD2 . LEU A 1 146 ? -10.878 8.033   -2.503  1.00 22.45 ? 146 LEU A CD2 1 
ATOM   867  N  N   . ALA A 1 147 ? -14.217 9.839   1.377   1.00 22.01 ? 147 ALA A N   1 
ATOM   868  C  CA  . ALA A 1 147 ? -15.161 10.886  1.772   1.00 25.98 ? 147 ALA A CA  1 
ATOM   869  C  C   . ALA A 1 147 ? -14.625 11.771  2.882   1.00 23.28 ? 147 ALA A C   1 
ATOM   870  O  O   . ALA A 1 147 ? -14.903 12.963  2.916   1.00 24.18 ? 147 ALA A O   1 
ATOM   871  C  CB  . ALA A 1 147 ? -16.494 10.267  2.211   1.00 26.23 ? 147 ALA A CB  1 
ATOM   872  N  N   . ASN A 1 148 ? -13.868 11.187  3.800   1.00 20.45 ? 148 ASN A N   1 
ATOM   873  C  CA  . ASN A 1 148 ? -13.480 11.899  5.003   1.00 22.05 ? 148 ASN A CA  1 
ATOM   874  C  C   . ASN A 1 148 ? -11.997 12.220  5.064   1.00 26.15 ? 148 ASN A C   1 
ATOM   875  O  O   . ASN A 1 148 ? -11.540 12.884  5.993   1.00 22.96 ? 148 ASN A O   1 
ATOM   876  C  CB  . ASN A 1 148 ? -13.874 11.089  6.229   1.00 23.64 ? 148 ASN A CB  1 
ATOM   877  C  CG  . ASN A 1 148 ? -15.374 11.006  6.390   1.00 27.58 ? 148 ASN A CG  1 
ATOM   878  O  OD1 . ASN A 1 148 ? -16.051 12.034  6.441   1.00 24.16 ? 148 ASN A OD1 1 
ATOM   879  N  ND2 . ASN A 1 148 ? -15.906 9.789   6.438   1.00 24.47 ? 148 ASN A ND2 1 
ATOM   880  N  N   . GLY A 1 149 ? -11.241 11.731  4.089   1.00 24.43 ? 149 GLY A N   1 
ATOM   881  C  CA  . GLY A 1 149 ? -9.828  12.056  4.041   1.00 24.77 ? 149 GLY A CA  1 
ATOM   882  C  C   . GLY A 1 149 ? -8.905  10.861  4.195   1.00 26.86 ? 149 GLY A C   1 
ATOM   883  O  O   . GLY A 1 149 ? -9.068  10.026  5.095   1.00 23.96 ? 149 GLY A O   1 
ATOM   884  N  N   . ILE A 1 150 ? -7.930  10.788  3.293   1.00 23.60 ? 150 ILE A N   1 
ATOM   885  C  CA  . ILE A 1 150 ? -6.864  9.790   3.366   1.00 23.10 ? 150 ILE A CA  1 
ATOM   886  C  C   . ILE A 1 150 ? -5.711  10.337  4.203   1.00 23.33 ? 150 ILE A C   1 
ATOM   887  O  O   . ILE A 1 150 ? -5.265  11.461  3.971   1.00 21.47 ? 150 ILE A O   1 
ATOM   888  C  CB  . ILE A 1 150 ? -6.380  9.423   1.954   1.00 26.19 ? 150 ILE A CB  1 
ATOM   889  C  CG1 . ILE A 1 150 ? -7.555  8.847   1.151   1.00 21.31 ? 150 ILE A CG1 1 
ATOM   890  C  CG2 . ILE A 1 150 ? -5.204  8.438   2.009   1.00 22.40 ? 150 ILE A CG2 1 
ATOM   891  C  CD1 . ILE A 1 150 ? -7.399  8.935   -0.349  1.00 22.45 ? 150 ILE A CD1 1 
ATOM   892  N  N   . PRO A 1 151 ? -5.242  9.561   5.197   1.00 20.65 ? 151 PRO A N   1 
ATOM   893  C  CA  . PRO A 1 151 ? -4.153  10.001  6.077   1.00 23.13 ? 151 PRO A CA  1 
ATOM   894  C  C   . PRO A 1 151 ? -2.882  10.344  5.286   1.00 24.98 ? 151 PRO A C   1 
ATOM   895  O  O   . PRO A 1 151 ? -2.740  9.918   4.145   1.00 21.77 ? 151 PRO A O   1 
ATOM   896  C  CB  . PRO A 1 151 ? -3.928  8.789   6.985   1.00 27.06 ? 151 PRO A CB  1 
ATOM   897  C  CG  . PRO A 1 151 ? -5.280  8.092   7.006   1.00 24.68 ? 151 PRO A CG  1 
ATOM   898  C  CD  . PRO A 1 151 ? -5.767  8.241   5.592   1.00 25.26 ? 151 PRO A CD  1 
ATOM   899  N  N   . GLU A 1 152 ? -1.977  11.090  5.905   1.00 22.57 ? 152 GLU A N   1 
ATOM   900  C  CA  . GLU A 1 152 ? -0.859  11.735  5.209   1.00 27.18 ? 152 GLU A CA  1 
ATOM   901  C  C   . GLU A 1 152 ? 0.042   10.799  4.398   1.00 22.63 ? 152 GLU A C   1 
ATOM   902  O  O   . GLU A 1 152 ? 0.348   11.079  3.238   1.00 25.82 ? 152 GLU A O   1 
ATOM   903  C  CB  . GLU A 1 152 ? -0.001  12.488  6.220   1.00 30.12 ? 152 GLU A CB  1 
ATOM   904  N  N   . ARG A 1 153 ? 0.486   9.708   5.006   1.00 22.15 ? 153 ARG A N   1 
ATOM   905  C  CA  . ARG A 1 153 ? 1.424   8.824   4.324   1.00 23.76 ? 153 ARG A CA  1 
ATOM   906  C  C   . ARG A 1 153 ? 0.790   8.073   3.138   1.00 21.02 ? 153 ARG A C   1 
ATOM   907  O  O   . ARG A 1 153 ? 1.358   8.081   2.045   1.00 18.12 ? 153 ARG A O   1 
ATOM   908  C  CB  . ARG A 1 153 ? 2.053   7.852   5.331   1.00 26.35 ? 153 ARG A CB  1 
ATOM   909  C  CG  . ARG A 1 153 ? 3.033   8.557   6.275   1.00 27.63 ? 153 ARG A CG  1 
ATOM   910  C  CD  . ARG A 1 153 ? 3.709   7.592   7.222   1.00 28.47 ? 153 ARG A CD  1 
ATOM   911  N  NE  . ARG A 1 153 ? 2.804   7.102   8.256   1.00 32.98 ? 153 ARG A NE  1 
ATOM   912  C  CZ  . ARG A 1 153 ? 3.094   6.093   9.068   1.00 39.00 ? 153 ARG A CZ  1 
ATOM   913  N  NH1 . ARG A 1 153 ? 4.259   5.465   8.948   1.00 36.71 ? 153 ARG A NH1 1 
ATOM   914  N  NH2 . ARG A 1 153 ? 2.221   5.699   9.989   1.00 39.50 ? 153 ARG A NH2 1 
ATOM   915  N  N   . PRO A 1 154 ? -0.387  7.438   3.335   1.00 18.77 ? 154 PRO A N   1 
ATOM   916  C  CA  . PRO A 1 154 ? -0.986  6.816   2.145   1.00 18.71 ? 154 PRO A CA  1 
ATOM   917  C  C   . PRO A 1 154 ? -1.373  7.835   1.067   1.00 17.58 ? 154 PRO A C   1 
ATOM   918  O  O   . PRO A 1 154 ? -1.313  7.525   -0.124  1.00 16.62 ? 154 PRO A O   1 
ATOM   919  C  CB  . PRO A 1 154 ? -2.236  6.103   2.697   1.00 21.27 ? 154 PRO A CB  1 
ATOM   920  C  CG  . PRO A 1 154 ? -2.467  6.690   4.064   1.00 22.74 ? 154 PRO A CG  1 
ATOM   921  C  CD  . PRO A 1 154 ? -1.124  7.113   4.571   1.00 20.86 ? 154 PRO A CD  1 
ATOM   922  N  N   . ALA A 1 155 ? -1.760  9.038   1.477   1.00 18.63 ? 155 ALA A N   1 
ATOM   923  C  CA  . ALA A 1 155 ? -2.126  10.068  0.517   1.00 19.30 ? 155 ALA A CA  1 
ATOM   924  C  C   . ALA A 1 155 ? -0.909  10.418  -0.334  1.00 19.47 ? 155 ALA A C   1 
ATOM   925  O  O   . ALA A 1 155 ? -1.007  10.583  -1.558  1.00 17.16 ? 155 ALA A O   1 
ATOM   926  C  CB  . ALA A 1 155 ? -2.653  11.307  1.226   1.00 21.95 ? 155 ALA A CB  1 
ATOM   927  N  N   . ARG A 1 156 ? 0.238   10.539  0.320   1.00 18.36 ? 156 ARG A N   1 
ATOM   928  C  CA  . ARG A 1 156 ? 1.459   10.846  -0.417  1.00 20.84 ? 156 ARG A CA  1 
ATOM   929  C  C   . ARG A 1 156 ? 1.825   9.722   -1.386  1.00 16.77 ? 156 ARG A C   1 
ATOM   930  O  O   . ARG A 1 156 ? 2.244   9.985   -2.511  1.00 16.35 ? 156 ARG A O   1 
ATOM   931  C  CB  . ARG A 1 156 ? 2.624   11.096  0.524   1.00 22.43 ? 156 ARG A CB  1 
ATOM   932  C  CG  . ARG A 1 156 ? 3.940   11.253  -0.249  1.00 25.40 ? 156 ARG A CG  1 
ATOM   933  C  CD  . ARG A 1 156 ? 5.116   11.474  0.663   1.00 28.29 ? 156 ARG A CD  1 
ATOM   934  N  NE  . ARG A 1 156 ? 4.978   12.721  1.401   1.00 37.60 ? 156 ARG A NE  1 
ATOM   935  C  CZ  . ARG A 1 156 ? 5.959   13.280  2.095   1.00 43.25 ? 156 ARG A CZ  1 
ATOM   936  N  NH1 . ARG A 1 156 ? 7.154   12.706  2.131   1.00 35.68 ? 156 ARG A NH1 1 
ATOM   937  N  NH2 . ARG A 1 156 ? 5.746   14.416  2.743   1.00 45.21 ? 156 ARG A NH2 1 
ATOM   938  N  N   . PHE A 1 157 ? 1.673   8.474   -0.942  1.00 16.15 ? 157 PHE A N   1 
ATOM   939  C  CA  . PHE A 1 157 ? 2.030   7.316   -1.779  1.00 15.61 ? 157 PHE A CA  1 
ATOM   940  C  C   . PHE A 1 157 ? 1.097   7.233   -2.976  1.00 16.34 ? 157 PHE A C   1 
ATOM   941  O  O   . PHE A 1 157 ? 1.528   6.953   -4.102  1.00 16.24 ? 157 PHE A O   1 
ATOM   942  C  CB  . PHE A 1 157 ? 1.981   6.007   -0.964  1.00 17.99 ? 157 PHE A CB  1 
ATOM   943  C  CG  . PHE A 1 157 ? 2.619   4.819   -1.669  1.00 15.11 ? 157 PHE A CG  1 
ATOM   944  C  CD1 . PHE A 1 157 ? 3.954   4.852   -2.025  1.00 15.78 ? 157 PHE A CD1 1 
ATOM   945  C  CD2 . PHE A 1 157 ? 1.885   3.682   -1.959  1.00 16.84 ? 157 PHE A CD2 1 
ATOM   946  C  CE1 . PHE A 1 157 ? 4.548   3.775   -2.667  1.00 14.69 ? 157 PHE A CE1 1 
ATOM   947  C  CE2 . PHE A 1 157 ? 2.480   2.592   -2.609  1.00 13.46 ? 157 PHE A CE2 1 
ATOM   948  C  CZ  . PHE A 1 157 ? 3.803   2.654   -2.968  1.00 15.17 ? 157 PHE A CZ  1 
ATOM   949  N  N   . ILE A 1 158 ? -0.186  7.496   -2.740  1.00 15.38 ? 158 ILE A N   1 
ATOM   950  C  CA  . ILE A 1 158 ? -1.177  7.466   -3.812  1.00 13.93 ? 158 ILE A CA  1 
ATOM   951  C  C   . ILE A 1 158 ? -0.852  8.480   -4.905  1.00 15.72 ? 158 ILE A C   1 
ATOM   952  O  O   . ILE A 1 158 ? -0.905  8.156   -6.089  1.00 17.59 ? 158 ILE A O   1 
ATOM   953  C  CB  . ILE A 1 158 ? -2.601  7.721   -3.257  1.00 17.82 ? 158 ILE A CB  1 
ATOM   954  C  CG1 . ILE A 1 158 ? -3.127  6.463   -2.559  1.00 16.65 ? 158 ILE A CG1 1 
ATOM   955  C  CG2 . ILE A 1 158 ? -3.559  8.145   -4.375  1.00 21.93 ? 158 ILE A CG2 1 
ATOM   956  C  CD1 . ILE A 1 158 ? -4.343  6.714   -1.646  1.00 15.97 ? 158 ILE A CD1 1 
ATOM   957  N  N   . LYS A 1 159 ? -0.495  9.699   -4.514  1.00 17.00 ? 159 LYS A N   1 
ATOM   958  C  CA  . LYS A 1 159 ? -0.182  10.731  -5.493  1.00 16.45 ? 159 LYS A CA  1 
ATOM   959  C  C   . LYS A 1 159 ? 1.065   10.346  -6.288  1.00 18.55 ? 159 LYS A C   1 
ATOM   960  O  O   . LYS A 1 159 ? 1.135   10.573  -7.491  1.00 19.35 ? 159 LYS A O   1 
ATOM   961  C  CB  . LYS A 1 159 ? 0.024   12.086  -4.807  1.00 19.34 ? 159 LYS A CB  1 
ATOM   962  N  N   . ALA A 1 160 ? 2.042   9.741   -5.619  1.00 16.35 ? 160 ALA A N   1 
ATOM   963  C  CA  . ALA A 1 160 ? 3.261   9.331   -6.305  1.00 15.65 ? 160 ALA A CA  1 
ATOM   964  C  C   . ALA A 1 160 ? 2.977   8.168   -7.247  1.00 18.55 ? 160 ALA A C   1 
ATOM   965  O  O   . ALA A 1 160 ? 3.511   8.121   -8.361  1.00 15.33 ? 160 ALA A O   1 
ATOM   966  C  CB  . ALA A 1 160 ? 4.347   8.976   -5.298  1.00 14.56 ? 160 ALA A CB  1 
ATOM   967  N  N   . LEU A 1 161 ? 2.113   7.243   -6.825  1.00 17.65 ? 161 LEU A N   1 
ATOM   968  C  CA  . LEU A 1 161 ? 1.679   6.170   -7.713  1.00 15.05 ? 161 LEU A CA  1 
ATOM   969  C  C   . LEU A 1 161 ? 1.030   6.748   -8.966  1.00 18.88 ? 161 LEU A C   1 
ATOM   970  O  O   . LEU A 1 161 ? 1.281   6.295   -10.083 1.00 16.55 ? 161 LEU A O   1 
ATOM   971  C  CB  . LEU A 1 161 ? 0.675   5.237   -7.010  1.00 17.40 ? 161 LEU A CB  1 
ATOM   972  C  CG  . LEU A 1 161 ? 1.214   4.300   -5.933  1.00 16.71 ? 161 LEU A CG  1 
ATOM   973  C  CD1 . LEU A 1 161 ? 0.048   3.650   -5.176  1.00 12.95 ? 161 LEU A CD1 1 
ATOM   974  C  CD2 . LEU A 1 161 ? 2.122   3.249   -6.565  1.00 14.77 ? 161 LEU A CD2 1 
ATOM   975  N  N   . GLN A 1 162 ? 0.161   7.733   -8.765  1.00 17.43 ? 162 GLN A N   1 
ATOM   976  C  CA  . GLN A 1 162 ? -0.554  8.332   -9.882  1.00 19.56 ? 162 GLN A CA  1 
ATOM   977  C  C   . GLN A 1 162 ? 0.407   8.986   -10.866 1.00 20.75 ? 162 GLN A C   1 
ATOM   978  O  O   . GLN A 1 162 ? 0.261   8.831   -12.071 1.00 20.32 ? 162 GLN A O   1 
ATOM   979  C  CB  . GLN A 1 162 ? -1.583  9.340   -9.374  1.00 19.95 ? 162 GLN A CB  1 
ATOM   980  C  CG  . GLN A 1 162 ? -2.767  8.662   -8.725  1.00 20.81 ? 162 GLN A CG  1 
ATOM   981  C  CD  . GLN A 1 162 ? -3.711  9.634   -8.044  1.00 32.17 ? 162 GLN A CD  1 
ATOM   982  O  OE1 . GLN A 1 162 ? -3.291  10.651  -7.482  1.00 31.70 ? 162 GLN A OE1 1 
ATOM   983  N  NE2 . GLN A 1 162 ? -4.994  9.317   -8.076  1.00 29.67 ? 162 GLN A NE2 1 
ATOM   984  N  N   . ASN A 1 163 ? 1.409   9.686   -10.358 1.00 16.92 ? 163 ASN A N   1 
ATOM   985  C  CA  . ASN A 1 163 ? 2.391   10.291  -11.254 1.00 21.12 ? 163 ASN A CA  1 
ATOM   986  C  C   . ASN A 1 163 ? 3.328   9.262   -11.897 1.00 19.08 ? 163 ASN A C   1 
ATOM   987  O  O   . ASN A 1 163 ? 3.714   9.415   -13.052 1.00 18.21 ? 163 ASN A O   1 
ATOM   988  C  CB  . ASN A 1 163 ? 3.193   11.350  -10.510 1.00 19.06 ? 163 ASN A CB  1 
ATOM   989  C  CG  . ASN A 1 163 ? 2.396   12.621  -10.302 1.00 25.34 ? 163 ASN A CG  1 
ATOM   990  O  OD1 . ASN A 1 163 ? 1.547   12.966  -11.126 1.00 30.56 ? 163 ASN A OD1 1 
ATOM   991  N  ND2 . ASN A 1 163 ? 2.647   13.311  -9.195  1.00 24.31 ? 163 ASN A ND2 1 
ATOM   992  N  N   . TYR A 1 164 ? 3.671   8.195   -11.177 1.00 17.35 ? 164 TYR A N   1 
ATOM   993  C  CA  . TYR A 1 164 ? 4.542   7.163   -11.768 1.00 18.57 ? 164 TYR A CA  1 
ATOM   994  C  C   . TYR A 1 164 ? 3.866   6.403   -12.927 1.00 17.45 ? 164 TYR A C   1 
ATOM   995  O  O   . TYR A 1 164 ? 4.517   6.060   -13.921 1.00 19.04 ? 164 TYR A O   1 
ATOM   996  C  CB  . TYR A 1 164 ? 4.987   6.156   -10.696 1.00 17.02 ? 164 TYR A CB  1 
ATOM   997  C  CG  . TYR A 1 164 ? 6.070   5.191   -11.132 1.00 15.44 ? 164 TYR A CG  1 
ATOM   998  C  CD1 . TYR A 1 164 ? 5.762   4.030   -11.832 1.00 15.81 ? 164 TYR A CD1 1 
ATOM   999  C  CD2 . TYR A 1 164 ? 7.395   5.417   -10.794 1.00 14.46 ? 164 TYR A CD2 1 
ATOM   1000 C  CE1 . TYR A 1 164 ? 6.747   3.150   -12.223 1.00 14.61 ? 164 TYR A CE1 1 
ATOM   1001 C  CE2 . TYR A 1 164 ? 8.378   4.536   -11.151 1.00 12.21 ? 164 TYR A CE2 1 
ATOM   1002 C  CZ  . TYR A 1 164 ? 8.056   3.413   -11.879 1.00 15.03 ? 164 TYR A CZ  1 
ATOM   1003 O  OH  . TYR A 1 164 ? 9.054   2.554   -12.245 1.00 17.91 ? 164 TYR A OH  1 
ATOM   1004 N  N   . TYR A 1 165 ? 2.577   6.112   -12.783 1.00 14.49 ? 165 TYR A N   1 
ATOM   1005 C  CA  . TYR A 1 165 ? 1.876   5.238   -13.720 1.00 15.89 ? 165 TYR A CA  1 
ATOM   1006 C  C   . TYR A 1 165 ? 0.929   6.011   -14.634 1.00 20.15 ? 165 TYR A C   1 
ATOM   1007 O  O   . TYR A 1 165 ? 0.238   5.413   -15.462 1.00 18.90 ? 165 TYR A O   1 
ATOM   1008 C  CB  . TYR A 1 165 ? 1.066   4.168   -12.961 1.00 16.87 ? 165 TYR A CB  1 
ATOM   1009 C  CG  . TYR A 1 165 ? 1.925   3.158   -12.251 1.00 17.54 ? 165 TYR A CG  1 
ATOM   1010 C  CD1 . TYR A 1 165 ? 2.520   2.121   -12.956 1.00 15.96 ? 165 TYR A CD1 1 
ATOM   1011 C  CD2 . TYR A 1 165 ? 2.142   3.236   -10.873 1.00 15.29 ? 165 TYR A CD2 1 
ATOM   1012 C  CE1 . TYR A 1 165 ? 3.324   1.198   -12.331 1.00 15.47 ? 165 TYR A CE1 1 
ATOM   1013 C  CE2 . TYR A 1 165 ? 2.945   2.301   -10.225 1.00 15.35 ? 165 TYR A CE2 1 
ATOM   1014 C  CZ  . TYR A 1 165 ? 3.531   1.282   -10.964 1.00 17.11 ? 165 TYR A CZ  1 
ATOM   1015 O  OH  . TYR A 1 165 ? 4.337   0.335   -10.365 1.00 15.38 ? 165 TYR A OH  1 
ATOM   1016 N  N   . TYR A 1 166 ? 0.877   7.324   -14.443 1.00 19.24 ? 166 TYR A N   1 
ATOM   1017 C  CA  . TYR A 1 166 ? 0.021   8.219   -15.227 1.00 21.50 ? 166 TYR A CA  1 
ATOM   1018 C  C   . TYR A 1 166 ? -1.458  7.868   -15.113 1.00 25.74 ? 166 TYR A C   1 
ATOM   1019 O  O   . TYR A 1 166 ? -2.159  7.760   -16.126 1.00 23.51 ? 166 TYR A O   1 
ATOM   1020 C  CB  . TYR A 1 166 ? 0.424   8.207   -16.700 1.00 20.51 ? 166 TYR A CB  1 
ATOM   1021 C  CG  . TYR A 1 166 ? 1.904   8.415   -16.951 1.00 21.32 ? 166 TYR A CG  1 
ATOM   1022 C  CD1 . TYR A 1 166 ? 2.482   9.670   -16.835 1.00 23.73 ? 166 TYR A CD1 1 
ATOM   1023 C  CD2 . TYR A 1 166 ? 2.713   7.355   -17.330 1.00 23.29 ? 166 TYR A CD2 1 
ATOM   1024 C  CE1 . TYR A 1 166 ? 3.854   9.858   -17.083 1.00 25.21 ? 166 TYR A CE1 1 
ATOM   1025 C  CE2 . TYR A 1 166 ? 4.080   7.533   -17.583 1.00 22.01 ? 166 TYR A CE2 1 
ATOM   1026 C  CZ  . TYR A 1 166 ? 4.640   8.781   -17.456 1.00 20.13 ? 166 TYR A CZ  1 
ATOM   1027 O  OH  . TYR A 1 166 ? 5.997   8.949   -17.707 1.00 21.77 ? 166 TYR A OH  1 
ATOM   1028 N  N   . THR A 1 167 ? -1.951  7.701   -13.891 1.00 21.76 ? 167 THR A N   1 
ATOM   1029 C  CA  . THR A 1 167 ? -3.350  7.309   -13.741 1.00 23.06 ? 167 THR A CA  1 
ATOM   1030 C  C   . THR A 1 167 ? -4.219  8.490   -13.314 1.00 26.47 ? 167 THR A C   1 
ATOM   1031 O  O   . THR A 1 167 ? -3.754  9.387   -12.610 1.00 26.93 ? 167 THR A O   1 
ATOM   1032 C  CB  . THR A 1 167 ? -3.509  6.157   -12.728 1.00 25.43 ? 167 THR A CB  1 
ATOM   1033 O  OG1 . THR A 1 167 ? -2.926  6.537   -11.480 1.00 23.55 ? 167 THR A OG1 1 
ATOM   1034 C  CG2 . THR A 1 167 ? -2.809  4.914   -13.235 1.00 25.19 ? 167 THR A CG2 1 
ATOM   1035 N  N   . PRO A 1 168 ? -5.502  8.485   -13.723 1.00 35.33 ? 168 PRO A N   1 
ATOM   1036 C  CA  . PRO A 1 168 ? -6.390  9.599   -13.369 1.00 32.73 ? 168 PRO A CA  1 
ATOM   1037 C  C   . PRO A 1 168 ? -6.646  9.693   -11.871 1.00 33.95 ? 168 PRO A C   1 
ATOM   1038 O  O   . PRO A 1 168 ? -6.387  8.731   -11.156 1.00 32.70 ? 168 PRO A O   1 
ATOM   1039 C  CB  . PRO A 1 168 ? -7.682  9.266   -14.119 1.00 34.87 ? 168 PRO A CB  1 
ATOM   1040 C  CG  . PRO A 1 168 ? -7.652  7.787   -14.282 1.00 34.51 ? 168 PRO A CG  1 
ATOM   1041 C  CD  . PRO A 1 168 ? -6.203  7.456   -14.513 1.00 29.74 ? 168 PRO A CD  1 
ATOM   1042 N  N   . GLU A 1 169 ? -7.149  10.838  -11.413 1.00 36.33 ? 169 GLU A N   1 
ATOM   1043 C  CA  . GLU A 1 169 ? -7.537  11.017  -10.015 1.00 37.72 ? 169 GLU A CA  1 
ATOM   1044 C  C   . GLU A 1 169 ? -8.479  9.893   -9.569  1.00 31.66 ? 169 GLU A C   1 
ATOM   1045 O  O   . GLU A 1 169 ? -9.245  9.373   -10.369 1.00 31.43 ? 169 GLU A O   1 
ATOM   1046 C  CB  . GLU A 1 169 ? -8.204  12.382  -9.821  1.00 41.96 ? 169 GLU A CB  1 
ATOM   1047 C  CG  . GLU A 1 169 ? -7.301  13.571  -10.148 1.00 48.47 ? 169 GLU A CG  1 
ATOM   1048 C  CD  . GLU A 1 169 ? -6.246  13.819  -9.075  1.00 51.70 ? 169 GLU A CD  1 
ATOM   1049 O  OE1 . GLU A 1 169 ? -5.077  14.094  -9.430  1.00 52.62 ? 169 GLU A OE1 1 
ATOM   1050 O  OE2 . GLU A 1 169 ? -6.595  13.742  -7.876  1.00 54.35 ? 169 GLU A OE2 1 
ATOM   1051 N  N   . LEU A 1 170 ? -8.401  9.497   -8.302  1.00 34.93 ? 170 LEU A N   1 
ATOM   1052 C  CA  . LEU A 1 170 ? -9.264  8.427   -7.801  1.00 32.68 ? 170 LEU A CA  1 
ATOM   1053 C  C   . LEU A 1 170 ? -10.711 8.885   -7.693  1.00 36.13 ? 170 LEU A C   1 
ATOM   1054 O  O   . LEU A 1 170 ? -10.981 9.999   -7.252  1.00 35.21 ? 170 LEU A O   1 
ATOM   1055 C  CB  . LEU A 1 170 ? -8.800  7.935   -6.429  1.00 28.30 ? 170 LEU A CB  1 
ATOM   1056 C  CG  . LEU A 1 170 ? -7.432  7.275   -6.314  1.00 29.17 ? 170 LEU A CG  1 
ATOM   1057 C  CD1 . LEU A 1 170 ? -7.144  6.961   -4.863  1.00 29.30 ? 170 LEU A CD1 1 
ATOM   1058 C  CD2 . LEU A 1 170 ? -7.404  6.019   -7.148  1.00 28.09 ? 170 LEU A CD2 1 
ATOM   1059 N  N   . THR A 1 171 ? -11.638 8.023   -8.092  1.00 30.93 ? 171 THR A N   1 
ATOM   1060 C  CA  . THR A 1 171 ? -13.049 8.257   -7.809  1.00 32.79 ? 171 THR A CA  1 
ATOM   1061 C  C   . THR A 1 171 ? -13.670 6.976   -7.244  1.00 34.61 ? 171 THR A C   1 
ATOM   1062 O  O   . THR A 1 171 ? -13.313 5.863   -7.653  1.00 26.21 ? 171 THR A O   1 
ATOM   1063 C  CB  . THR A 1 171 ? -13.826 8.705   -9.059  1.00 28.50 ? 171 THR A CB  1 
ATOM   1064 O  OG1 . THR A 1 171 ? -13.831 7.649   -10.024 1.00 36.79 ? 171 THR A OG1 1 
ATOM   1065 C  CG2 . THR A 1 171 ? -13.190 9.947   -9.689  1.00 33.05 ? 171 THR A CG2 1 
ATOM   1066 N  N   . ALA A 1 172 ? -14.607 7.138   -6.311  1.00 34.24 ? 172 ALA A N   1 
ATOM   1067 C  CA  . ALA A 1 172 ? -15.293 6.009   -5.686  1.00 27.86 ? 172 ALA A CA  1 
ATOM   1068 C  C   . ALA A 1 172 ? -15.846 5.016   -6.700  1.00 30.06 ? 172 ALA A C   1 
ATOM   1069 O  O   . ALA A 1 172 ? -15.982 3.829   -6.403  1.00 29.16 ? 172 ALA A O   1 
ATOM   1070 C  CB  . ALA A 1 172 ? -16.413 6.514   -4.784  1.00 30.60 ? 172 ALA A CB  1 
ATOM   1071 N  N   . GLU A 1 173 ? -16.144 5.499   -7.903  1.00 30.72 ? 173 GLU A N   1 
ATOM   1072 C  CA  . GLU A 1 173 ? -16.664 4.648   -8.970  1.00 30.16 ? 173 GLU A CA  1 
ATOM   1073 C  C   . GLU A 1 173 ? -15.682 3.549   -9.391  1.00 31.84 ? 173 GLU A C   1 
ATOM   1074 O  O   . GLU A 1 173 ? -16.093 2.523   -9.934  1.00 31.35 ? 173 GLU A O   1 
ATOM   1075 C  CB  . GLU A 1 173 ? -17.036 5.504   -10.187 1.00 36.91 ? 173 GLU A CB  1 
ATOM   1076 N  N   . GLN A 1 174 ? -14.391 3.745   -9.136  1.00 28.88 ? 174 GLN A N   1 
ATOM   1077 C  CA  . GLN A 1 174 ? -13.400 2.746   -9.532  1.00 29.08 ? 174 GLN A CA  1 
ATOM   1078 C  C   . GLN A 1 174 ? -13.322 1.615   -8.528  1.00 28.64 ? 174 GLN A C   1 
ATOM   1079 O  O   . GLN A 1 174 ? -12.496 0.711   -8.666  1.00 28.14 ? 174 GLN A O   1 
ATOM   1080 C  CB  . GLN A 1 174 ? -12.012 3.371   -9.696  1.00 27.76 ? 174 GLN A CB  1 
ATOM   1081 C  CG  . GLN A 1 174 ? -11.938 4.510   -10.691 1.00 31.03 ? 174 GLN A CG  1 
ATOM   1082 C  CD  . GLN A 1 174 ? -10.576 5.185   -10.664 1.00 34.35 ? 174 GLN A CD  1 
ATOM   1083 O  OE1 . GLN A 1 174 ? -10.362 6.147   -9.925  1.00 34.03 ? 174 GLN A OE1 1 
ATOM   1084 N  NE2 . GLN A 1 174 ? -9.639  4.664   -11.456 1.00 30.77 ? 174 GLN A NE2 1 
ATOM   1085 N  N   . PHE A 1 175 ? -14.173 1.670   -7.512  1.00 24.23 ? 175 PHE A N   1 
ATOM   1086 C  CA  . PHE A 1 175 ? -14.180 0.655   -6.470  1.00 26.23 ? 175 PHE A CA  1 
ATOM   1087 C  C   . PHE A 1 175 ? -15.564 0.014   -6.373  1.00 28.02 ? 175 PHE A C   1 
ATOM   1088 O  O   . PHE A 1 175 ? -16.387 0.429   -5.561  1.00 27.04 ? 175 PHE A O   1 
ATOM   1089 C  CB  . PHE A 1 175 ? -13.790 1.261   -5.124  1.00 21.12 ? 175 PHE A CB  1 
ATOM   1090 C  CG  . PHE A 1 175 ? -12.461 1.963   -5.133  1.00 22.92 ? 175 PHE A CG  1 
ATOM   1091 C  CD1 . PHE A 1 175 ? -12.355 3.270   -5.582  1.00 23.04 ? 175 PHE A CD1 1 
ATOM   1092 C  CD2 . PHE A 1 175 ? -11.325 1.321   -4.671  1.00 20.54 ? 175 PHE A CD2 1 
ATOM   1093 C  CE1 . PHE A 1 175 ? -11.132 3.929   -5.586  1.00 23.07 ? 175 PHE A CE1 1 
ATOM   1094 C  CE2 . PHE A 1 175 ? -10.100 1.969   -4.665  1.00 22.04 ? 175 PHE A CE2 1 
ATOM   1095 C  CZ  . PHE A 1 175 ? -10.004 3.279   -5.126  1.00 21.70 ? 175 PHE A CZ  1 
ATOM   1096 N  N   . PRO A 1 176 ? -15.820 -0.997  -7.210  1.00 29.29 ? 176 PRO A N   1 
ATOM   1097 C  CA  . PRO A 1 176 ? -17.141 -1.635  -7.237  1.00 29.71 ? 176 PRO A CA  1 
ATOM   1098 C  C   . PRO A 1 176 ? -17.473 -2.356  -5.941  1.00 30.09 ? 176 PRO A C   1 
ATOM   1099 O  O   . PRO A 1 176 ? -16.606 -3.002  -5.351  1.00 27.28 ? 176 PRO A O   1 
ATOM   1100 C  CB  . PRO A 1 176 ? -17.026 -2.629  -8.397  1.00 32.42 ? 176 PRO A CB  1 
ATOM   1101 C  CG  . PRO A 1 176 ? -15.915 -2.101  -9.248  1.00 34.29 ? 176 PRO A CG  1 
ATOM   1102 C  CD  . PRO A 1 176 ? -14.945 -1.488  -8.288  1.00 26.99 ? 176 PRO A CD  1 
ATOM   1103 N  N   . TRP A 1 177 ? -18.724 -2.229  -5.499  1.00 30.74 ? 177 TRP A N   1 
ATOM   1104 C  CA  . TRP A 1 177 ? -19.218 -2.971  -4.350  1.00 26.63 ? 177 TRP A CA  1 
ATOM   1105 C  C   . TRP A 1 177 ? -19.076 -4.447  -4.655  1.00 29.40 ? 177 TRP A C   1 
ATOM   1106 O  O   . TRP A 1 177 ? -19.461 -4.887  -5.729  1.00 32.39 ? 177 TRP A O   1 
ATOM   1107 C  CB  . TRP A 1 177 ? -20.675 -2.598  -4.062  1.00 26.50 ? 177 TRP A CB  1 
ATOM   1108 C  CG  . TRP A 1 177 ? -21.319 -3.286  -2.884  1.00 26.43 ? 177 TRP A CG  1 
ATOM   1109 C  CD1 . TRP A 1 177 ? -22.251 -4.286  -2.929  1.00 28.86 ? 177 TRP A CD1 1 
ATOM   1110 C  CD2 . TRP A 1 177 ? -21.113 -2.994  -1.493  1.00 28.45 ? 177 TRP A CD2 1 
ATOM   1111 N  NE1 . TRP A 1 177 ? -22.629 -4.639  -1.654  1.00 26.93 ? 177 TRP A NE1 1 
ATOM   1112 C  CE2 . TRP A 1 177 ? -21.945 -3.862  -0.755  1.00 27.26 ? 177 TRP A CE2 1 
ATOM   1113 C  CE3 . TRP A 1 177 ? -20.313 -2.077  -0.801  1.00 32.25 ? 177 TRP A CE3 1 
ATOM   1114 C  CZ2 . TRP A 1 177 ? -22.001 -3.841  0.646   1.00 32.85 ? 177 TRP A CZ2 1 
ATOM   1115 C  CZ3 . TRP A 1 177 ? -20.356 -2.063  0.597   1.00 30.76 ? 177 TRP A CZ3 1 
ATOM   1116 C  CH2 . TRP A 1 177 ? -21.197 -2.942  1.302   1.00 33.31 ? 177 TRP A CH2 1 
ATOM   1117 N  N   . PRO A 1 178 ? -18.474 -5.210  -3.732  1.00 30.51 ? 178 PRO A N   1 
ATOM   1118 C  CA  . PRO A 1 178 ? -18.337 -6.663  -3.907  1.00 32.52 ? 178 PRO A CA  1 
ATOM   1119 C  C   . PRO A 1 178 ? -19.694 -7.358  -4.062  1.00 35.63 ? 178 PRO A C   1 
ATOM   1120 O  O   . PRO A 1 178 ? -20.519 -7.312  -3.150  1.00 32.65 ? 178 PRO A O   1 
ATOM   1121 C  CB  . PRO A 1 178 ? -17.639 -7.107  -2.617  1.00 32.21 ? 178 PRO A CB  1 
ATOM   1122 C  CG  . PRO A 1 178 ? -16.880 -5.890  -2.171  1.00 32.62 ? 178 PRO A CG  1 
ATOM   1123 C  CD  . PRO A 1 178 ? -17.740 -4.716  -2.552  1.00 26.72 ? 178 PRO A CD  1 
ATOM   1124 N  N   . GLU A 1 179 ? -19.917 -7.984  -5.213  1.00 42.03 ? 179 GLU A N   1 
ATOM   1125 C  CA  . GLU A 1 179 ? -21.177 -8.670  -5.483  1.00 46.68 ? 179 GLU A CA  1 
ATOM   1126 C  C   . GLU A 1 179 ? -20.924 -10.138 -5.800  1.00 48.88 ? 179 GLU A C   1 
ATOM   1127 O  O   . GLU A 1 179 ? -19.951 -10.723 -5.318  1.00 49.45 ? 179 GLU A O   1 
ATOM   1128 C  CB  . GLU A 1 179 ? -21.922 -7.993  -6.637  1.00 39.82 ? 179 GLU A CB  1 
HETATM 1129 CO CO  . CO  B 2 .   ? -2.203  -7.885  6.525   0.36 30.08 ? 201 CO  A CO  1 
HETATM 1130 O  O   . HOH C 3 .   ? 15.397  -0.002  -1.006  1.00 13.78 ? 301 HOH A O   1 
HETATM 1131 O  O   . HOH C 3 .   ? -0.742  -9.450  6.773   1.00 37.46 ? 302 HOH A O   1 
HETATM 1132 O  O   . HOH C 3 .   ? 9.444   3.760   9.642   1.00 18.33 ? 303 HOH A O   1 
HETATM 1133 O  O   . HOH C 3 .   ? 15.343  -4.974  -2.459  1.00 19.41 ? 304 HOH A O   1 
HETATM 1134 O  O   . HOH C 3 .   ? 6.119   -6.606  9.416   1.00 37.68 ? 305 HOH A O   1 
HETATM 1135 O  O   . HOH C 3 .   ? 17.028  10.045  5.789   1.00 18.82 ? 306 HOH A O   1 
HETATM 1136 O  O   . HOH C 3 .   ? 4.552   3.286   10.802  1.00 38.73 ? 307 HOH A O   1 
HETATM 1137 O  O   . HOH C 3 .   ? 7.085   6.475   10.401  1.00 43.22 ? 308 HOH A O   1 
HETATM 1138 O  O   . HOH C 3 .   ? 13.961  -0.957  -7.429  1.00 24.64 ? 309 HOH A O   1 
HETATM 1139 O  O   . HOH C 3 .   ? 13.230  -19.602 2.325   1.00 28.63 ? 310 HOH A O   1 
HETATM 1140 O  O   . HOH C 3 .   ? 14.857  6.383   -7.551  1.00 24.56 ? 311 HOH A O   1 
HETATM 1141 O  O   . HOH C 3 .   ? 17.898  -0.388  0.178   1.00 23.45 ? 312 HOH A O   1 
HETATM 1142 O  O   . HOH C 3 .   ? -0.595  -10.465 -0.753  1.00 39.73 ? 313 HOH A O   1 
HETATM 1143 O  O   . HOH C 3 .   ? 14.435  13.694  7.693   1.00 35.57 ? 314 HOH A O   1 
HETATM 1144 O  O   . HOH C 3 .   ? 5.168   -9.688  2.584   1.00 23.22 ? 315 HOH A O   1 
HETATM 1145 O  O   . HOH C 3 .   ? 4.338   11.809  -14.000 1.00 23.69 ? 316 HOH A O   1 
HETATM 1146 O  O   . HOH C 3 .   ? 2.657   -9.241  -10.213 1.00 27.20 ? 317 HOH A O   1 
HETATM 1147 O  O   . HOH C 3 .   ? 6.736   -5.258  6.820   1.00 34.99 ? 318 HOH A O   1 
HETATM 1148 O  O   . HOH C 3 .   ? -17.683 3.837   5.546   0.47 23.98 ? 319 HOH A O   1 
HETATM 1149 O  O   . HOH C 3 .   ? -6.185  -1.687  11.594  1.00 39.75 ? 320 HOH A O   1 
HETATM 1150 O  O   . HOH C 3 .   ? 17.209  9.314   1.210   1.00 26.00 ? 321 HOH A O   1 
HETATM 1151 O  O   . HOH C 3 .   ? 14.068  3.834   13.664  1.00 28.86 ? 322 HOH A O   1 
HETATM 1152 O  O   . HOH C 3 .   ? 15.143  -3.191  -6.799  1.00 28.96 ? 323 HOH A O   1 
HETATM 1153 O  O   . HOH C 3 .   ? -8.543  -1.908  10.576  1.00 30.56 ? 324 HOH A O   1 
HETATM 1154 O  O   . HOH C 3 .   ? -1.057  1.188   -15.137 1.00 36.07 ? 325 HOH A O   1 
HETATM 1155 O  O   . HOH C 3 .   ? 13.660  6.594   11.909  1.00 32.07 ? 326 HOH A O   1 
HETATM 1156 O  O   . HOH C 3 .   ? 10.809  11.689  1.706   1.00 25.17 ? 327 HOH A O   1 
HETATM 1157 O  O   . HOH C 3 .   ? 15.016  -5.442  -5.219  1.00 34.23 ? 328 HOH A O   1 
HETATM 1158 O  O   . HOH C 3 .   ? 16.365  -2.183  -2.836  1.00 28.16 ? 329 HOH A O   1 
HETATM 1159 O  O   . HOH C 3 .   ? 10.522  -19.397 -0.462  1.00 35.11 ? 330 HOH A O   1 
HETATM 1160 O  O   . HOH C 3 .   ? -10.829 9.324   7.084   1.00 31.06 ? 331 HOH A O   1 
HETATM 1161 O  O   . HOH C 3 .   ? -1.777  6.129   7.923   1.00 32.10 ? 332 HOH A O   1 
HETATM 1162 O  O   . HOH C 3 .   ? -10.783 -13.675 16.752  1.00 54.69 ? 333 HOH A O   1 
HETATM 1163 O  O   . HOH C 3 .   ? -16.525 1.610   7.417   1.00 30.99 ? 334 HOH A O   1 
HETATM 1164 O  O   . HOH C 3 .   ? 11.729  2.524   14.108  1.00 36.21 ? 335 HOH A O   1 
HETATM 1165 O  O   . HOH C 3 .   ? 17.606  3.328   -9.210  1.00 35.74 ? 336 HOH A O   1 
HETATM 1166 O  O   . HOH C 3 .   ? 12.779  10.405  -0.238  1.00 30.74 ? 337 HOH A O   1 
HETATM 1167 O  O   . HOH C 3 .   ? 15.628  3.806   -4.284  1.00 25.65 ? 338 HOH A O   1 
HETATM 1168 O  O   . HOH C 3 .   ? 2.689   -7.854  -12.611 1.00 20.72 ? 339 HOH A O   1 
HETATM 1169 O  O   . HOH C 3 .   ? 3.105   -11.868 -12.437 1.00 20.63 ? 340 HOH A O   1 
HETATM 1170 O  O   . HOH C 3 .   ? 9.697   -11.269 -9.182  1.00 29.66 ? 341 HOH A O   1 
HETATM 1171 O  O   . HOH C 3 .   ? 7.431   -6.315  -18.069 1.00 31.09 ? 342 HOH A O   1 
HETATM 1172 O  O   . HOH C 3 .   ? 8.927   -4.354  -19.465 1.00 34.28 ? 343 HOH A O   1 
HETATM 1173 O  O   . HOH C 3 .   ? 8.578   -2.182  -17.296 1.00 35.48 ? 344 HOH A O   1 
HETATM 1174 O  O   . HOH C 3 .   ? 10.638  5.295   -13.628 1.00 15.16 ? 345 HOH A O   1 
HETATM 1175 O  O   . HOH C 3 .   ? 16.758  3.618   14.604  1.00 24.38 ? 346 HOH A O   1 
HETATM 1176 O  O   . HOH C 3 .   ? 28.658  1.973   10.317  1.00 19.83 ? 347 HOH A O   1 
HETATM 1177 O  O   . HOH C 3 .   ? 17.560  -2.952  13.200  1.00 29.56 ? 348 HOH A O   1 
HETATM 1178 O  O   . HOH C 3 .   ? -5.723  2.462   -14.739 1.00 38.87 ? 349 HOH A O   1 
HETATM 1179 O  O   . HOH C 3 .   ? -11.221 -1.974  -7.941  1.00 28.27 ? 350 HOH A O   1 
HETATM 1180 O  O   . HOH C 3 .   ? -6.782  11.092  -6.740  1.00 34.85 ? 351 HOH A O   1 
HETATM 1181 O  O   . HOH C 3 .   ? 4.436   -18.794 10.474  1.00 39.43 ? 352 HOH A O   1 
HETATM 1182 O  O   . HOH C 3 .   ? -2.831  -9.902  5.852   1.00 35.03 ? 353 HOH A O   1 
HETATM 1183 O  O   . HOH C 3 .   ? 9.392   -7.892  -10.969 1.00 21.38 ? 354 HOH A O   1 
HETATM 1184 O  O   . HOH C 3 .   ? 18.698  -2.609  -1.372  1.00 34.17 ? 355 HOH A O   1 
HETATM 1185 O  O   . HOH C 3 .   ? 12.095  -13.627 -2.118  1.00 35.36 ? 356 HOH A O   1 
HETATM 1186 O  O   . HOH C 3 .   ? -6.116  5.061   9.060   1.00 32.10 ? 357 HOH A O   1 
HETATM 1187 O  O   . HOH C 3 .   ? -0.057  14.109  -0.312  1.00 38.02 ? 358 HOH A O   1 
HETATM 1188 O  O   . HOH C 3 .   ? -7.823  12.685  1.277   1.00 35.23 ? 359 HOH A O   1 
HETATM 1189 O  O   . HOH C 3 .   ? -20.176 -7.120  4.784   1.00 25.03 ? 360 HOH A O   1 
HETATM 1190 O  O   . HOH C 3 .   ? -4.860  -12.475 -2.789  1.00 45.78 ? 361 HOH A O   1 
HETATM 1191 O  O   . HOH C 3 .   ? 11.012  -9.863  -11.128 1.00 32.40 ? 362 HOH A O   1 
HETATM 1192 O  O   . HOH C 3 .   ? -15.441 -9.688  8.611   1.00 41.57 ? 363 HOH A O   1 
HETATM 1193 O  O   . HOH C 3 .   ? -3.769  5.982   9.478   1.00 32.73 ? 364 HOH A O   1 
HETATM 1194 O  O   . HOH C 3 .   ? -15.739 -1.059  7.207   1.00 24.06 ? 365 HOH A O   1 
HETATM 1195 O  O   . HOH C 3 .   ? -22.768 -8.264  3.198   1.00 32.39 ? 366 HOH A O   1 
HETATM 1196 O  O   . HOH C 3 .   ? 14.678  -17.396 3.249   1.00 39.89 ? 367 HOH A O   1 
HETATM 1197 O  O   . HOH C 3 .   ? 15.595  -6.702  -9.208  1.00 35.86 ? 368 HOH A O   1 
HETATM 1198 O  O   . HOH C 3 .   ? 10.661  -9.004  -13.800 1.00 31.87 ? 369 HOH A O   1 
HETATM 1199 O  O   . HOH C 3 .   ? -5.305  -14.725 -5.937  1.00 42.21 ? 370 HOH A O   1 
HETATM 1200 O  O   . HOH C 3 .   ? -10.825 -9.622  -3.969  1.00 48.49 ? 371 HOH A O   1 
HETATM 1201 O  O   . HOH C 3 .   ? -5.015  -7.296  -0.021  1.00 41.76 ? 372 HOH A O   1 
HETATM 1202 O  O   . HOH C 3 .   ? 5.446   -1.985  10.131  1.00 37.06 ? 373 HOH A O   1 
# 
loop_
_pdbx_poly_seq_scheme.asym_id 
_pdbx_poly_seq_scheme.entity_id 
_pdbx_poly_seq_scheme.seq_id 
_pdbx_poly_seq_scheme.mon_id 
_pdbx_poly_seq_scheme.ndb_seq_num 
_pdbx_poly_seq_scheme.pdb_seq_num 
_pdbx_poly_seq_scheme.auth_seq_num 
_pdbx_poly_seq_scheme.pdb_mon_id 
_pdbx_poly_seq_scheme.auth_mon_id 
_pdbx_poly_seq_scheme.pdb_strand_id 
_pdbx_poly_seq_scheme.pdb_ins_code 
_pdbx_poly_seq_scheme.hetero 
A 1 1   MET 1   1   ?   ?   ?   A . n 
A 1 2   ASN 2   2   ?   ?   ?   A . n 
A 1 3   SER 3   3   3   SER SER A . n 
A 1 4   THR 4   4   4   THR THR A . n 
A 1 5   HIS 5   5   5   HIS HIS A . n 
A 1 6   HIS 6   6   6   HIS HIS A . n 
A 1 7   TYR 7   7   7   TYR TYR A . n 
A 1 8   GLU 8   8   8   GLU GLU A . n 
A 1 9   GLN 9   9   9   GLN GLN A . n 
A 1 10  LEU 10  10  10  LEU LEU A . n 
A 1 11  ILE 11  11  11  ILE ILE A . n 
A 1 12  GLU 12  12  12  GLU GLU A . n 
A 1 13  ILE 13  13  13  ILE ILE A . n 
A 1 14  PHE 14  14  14  PHE PHE A . n 
A 1 15  ASN 15  15  15  ASN ASN A . n 
A 1 16  SER 16  16  16  SER SER A . n 
A 1 17  CYS 17  17  17  CYS CYS A . n 
A 1 18  PHE 18  18  18  PHE PHE A . n 
A 1 19  ALA 19  19  19  ALA ALA A . n 
A 1 20  ASP 20  20  20  ASP ASP A . n 
A 1 21  GLU 21  21  21  GLU GLU A . n 
A 1 22  PHE 22  22  22  PHE PHE A . n 
A 1 23  ASN 23  23  23  ASN ASN A . n 
A 1 24  THR 24  24  24  THR THR A . n 
A 1 25  ARG 25  25  25  ARG ARG A . n 
A 1 26  LEU 26  26  26  LEU LEU A . n 
A 1 27  ILE 27  27  27  ILE ILE A . n 
A 1 28  LYS 28  28  28  LYS LYS A . n 
A 1 29  GLY 29  29  29  GLY GLY A . n 
A 1 30  ASP 30  30  30  ASP ASP A . n 
A 1 31  ASP 31  31  31  ASP ASP A . n 
A 1 32  GLU 32  32  32  GLU GLU A . n 
A 1 33  PRO 33  33  33  PRO PRO A . n 
A 1 34  ILE 34  34  34  ILE ILE A . n 
A 1 35  TYR 35  35  35  TYR TYR A . n 
A 1 36  LEU 36  36  36  LEU LEU A . n 
A 1 37  PRO 37  37  37  PRO PRO A . n 
A 1 38  ALA 38  38  38  ALA ALA A . n 
A 1 39  ASP 39  39  39  ASP ASP A . n 
A 1 40  ALA 40  40  40  ALA ALA A . n 
A 1 41  GLU 41  41  41  GLU GLU A . n 
A 1 42  VAL 42  42  42  VAL VAL A . n 
A 1 43  PRO 43  43  43  PRO PRO A . n 
A 1 44  TYR 44  44  44  TYR TYR A . n 
A 1 45  ASN 45  45  45  ASN ASN A . n 
A 1 46  ARG 46  46  46  ARG ARG A . n 
A 1 47  ILE 47  47  47  ILE ILE A . n 
A 1 48  VAL 48  48  48  VAL VAL A . n 
A 1 49  PHE 49  49  49  PHE PHE A . n 
A 1 50  ALA 50  50  50  ALA ALA A . n 
A 1 51  HIS 51  51  51  HIS HIS A . n 
A 1 52  GLY 52  52  52  GLY GLY A . n 
A 1 53  PHE 53  53  53  PHE PHE A . n 
A 1 54  TYR 54  54  54  TYR TYR A . n 
A 1 55  ALA 55  55  55  ALA ALA A . n 
A 1 56  SER 56  56  56  SER SER A . n 
A 1 57  ALA 57  57  57  ALA ALA A . n 
A 1 58  ILE 58  58  58  ILE ILE A . n 
A 1 59  HIS 59  59  59  HIS HIS A . n 
A 1 60  GLU 60  60  60  GLU GLU A . n 
A 1 61  ILE 61  61  61  ILE ILE A . n 
A 1 62  SER 62  62  62  SER SER A . n 
A 1 63  HIS 63  63  63  HIS HIS A . n 
A 1 64  TRP 64  64  64  TRP TRP A . n 
A 1 65  CYS 65  65  65  CYS CYS A . n 
A 1 66  ILE 66  66  66  ILE ILE A . n 
A 1 67  ALA 67  67  67  ALA ALA A . n 
A 1 68  GLY 68  68  ?   ?   ?   A . n 
A 1 69  LYS 69  69  ?   ?   ?   A . n 
A 1 70  ALA 70  70  ?   ?   ?   A . n 
A 1 71  ARG 71  71  ?   ?   ?   A . n 
A 1 72  ARG 72  72  ?   ?   ?   A . n 
A 1 73  GLU 73  73  ?   ?   ?   A . n 
A 1 74  LEU 74  74  ?   ?   ?   A . n 
A 1 75  VAL 75  75  ?   ?   ?   A . n 
A 1 76  ASP 76  76  ?   ?   ?   A . n 
A 1 77  PHE 77  77  ?   ?   ?   A . n 
A 1 78  GLY 78  78  ?   ?   ?   A . n 
A 1 79  TYR 79  79  ?   ?   ?   A . n 
A 1 80  TRP 80  80  ?   ?   ?   A . n 
A 1 81  TYR 81  81  ?   ?   ?   A . n 
A 1 82  CYS 82  82  ?   ?   ?   A . n 
A 1 83  PRO 83  83  ?   ?   ?   A . n 
A 1 84  ASP 84  84  ?   ?   ?   A . n 
A 1 85  GLY 85  85  ?   ?   ?   A . n 
A 1 86  ARG 86  86  ?   ?   ?   A . n 
A 1 87  ASP 87  87  ?   ?   ?   A . n 
A 1 88  ALA 88  88  ?   ?   ?   A . n 
A 1 89  GLN 89  89  ?   ?   ?   A . n 
A 1 90  THR 90  90  ?   ?   ?   A . n 
A 1 91  GLN 91  91  ?   ?   ?   A . n 
A 1 92  SER 92  92  ?   ?   ?   A . n 
A 1 93  GLN 93  93  93  GLN GLN A . n 
A 1 94  PHE 94  94  94  PHE PHE A . n 
A 1 95  GLU 95  95  95  GLU GLU A . n 
A 1 96  ASP 96  96  96  ASP ASP A . n 
A 1 97  VAL 97  97  97  VAL VAL A . n 
A 1 98  GLU 98  98  98  GLU GLU A . n 
A 1 99  VAL 99  99  99  VAL VAL A . n 
A 1 100 LYS 100 100 100 LYS LYS A . n 
A 1 101 PRO 101 101 101 PRO PRO A . n 
A 1 102 GLN 102 102 102 GLN GLN A . n 
A 1 103 ALA 103 103 103 ALA ALA A . n 
A 1 104 LEU 104 104 104 LEU LEU A . n 
A 1 105 ASP 105 105 105 ASP ASP A . n 
A 1 106 TRP 106 106 106 TRP TRP A . n 
A 1 107 LEU 107 107 107 LEU LEU A . n 
A 1 108 PHE 108 108 108 PHE PHE A . n 
A 1 109 CYS 109 109 109 CYS CYS A . n 
A 1 110 VAL 110 110 110 VAL VAL A . n 
A 1 111 ALA 111 111 111 ALA ALA A . n 
A 1 112 ALA 112 112 112 ALA ALA A . n 
A 1 113 GLY 113 113 113 GLY GLY A . n 
A 1 114 TYR 114 114 114 TYR TYR A . n 
A 1 115 PRO 115 115 115 PRO PRO A . n 
A 1 116 PHE 116 116 116 PHE PHE A . n 
A 1 117 ASN 117 117 117 ASN ASN A . n 
A 1 118 VAL 118 118 118 VAL VAL A . n 
A 1 119 SER 119 119 119 SER SER A . n 
A 1 120 CYS 120 120 ?   ?   ?   A . n 
A 1 121 ASP 121 121 ?   ?   ?   A . n 
A 1 122 ASN 122 122 ?   ?   ?   A . n 
A 1 123 LEU 123 123 ?   ?   ?   A . n 
A 1 124 GLU 124 124 ?   ?   ?   A . n 
A 1 125 GLY 125 125 ?   ?   ?   A . n 
A 1 126 ASP 126 126 ?   ?   ?   A . n 
A 1 127 PHE 127 127 ?   ?   ?   A . n 
A 1 128 GLU 128 128 ?   ?   ?   A . n 
A 1 129 PRO 129 129 ?   ?   ?   A . n 
A 1 130 ASP 130 130 ?   ?   ?   A . n 
A 1 131 ARG 131 131 131 ARG ARG A . n 
A 1 132 VAL 132 132 132 VAL VAL A . n 
A 1 133 VAL 133 133 133 VAL VAL A . n 
A 1 134 PHE 134 134 134 PHE PHE A . n 
A 1 135 GLN 135 135 135 GLN GLN A . n 
A 1 136 ARG 136 136 136 ARG ARG A . n 
A 1 137 ARG 137 137 137 ARG ARG A . n 
A 1 138 VAL 138 138 138 VAL VAL A . n 
A 1 139 HIS 139 139 139 HIS HIS A . n 
A 1 140 ALA 140 140 140 ALA ALA A . n 
A 1 141 GLN 141 141 141 GLN GLN A . n 
A 1 142 VAL 142 142 142 VAL VAL A . n 
A 1 143 MET 143 143 143 MET MET A . n 
A 1 144 ASP 144 144 144 ASP ASP A . n 
A 1 145 TYR 145 145 145 TYR TYR A . n 
A 1 146 LEU 146 146 146 LEU LEU A . n 
A 1 147 ALA 147 147 147 ALA ALA A . n 
A 1 148 ASN 148 148 148 ASN ASN A . n 
A 1 149 GLY 149 149 149 GLY GLY A . n 
A 1 150 ILE 150 150 150 ILE ILE A . n 
A 1 151 PRO 151 151 151 PRO PRO A . n 
A 1 152 GLU 152 152 152 GLU GLU A . n 
A 1 153 ARG 153 153 153 ARG ARG A . n 
A 1 154 PRO 154 154 154 PRO PRO A . n 
A 1 155 ALA 155 155 155 ALA ALA A . n 
A 1 156 ARG 156 156 156 ARG ARG A . n 
A 1 157 PHE 157 157 157 PHE PHE A . n 
A 1 158 ILE 158 158 158 ILE ILE A . n 
A 1 159 LYS 159 159 159 LYS LYS A . n 
A 1 160 ALA 160 160 160 ALA ALA A . n 
A 1 161 LEU 161 161 161 LEU LEU A . n 
A 1 162 GLN 162 162 162 GLN GLN A . n 
A 1 163 ASN 163 163 163 ASN ASN A . n 
A 1 164 TYR 164 164 164 TYR TYR A . n 
A 1 165 TYR 165 165 165 TYR TYR A . n 
A 1 166 TYR 166 166 166 TYR TYR A . n 
A 1 167 THR 167 167 167 THR THR A . n 
A 1 168 PRO 168 168 168 PRO PRO A . n 
A 1 169 GLU 169 169 169 GLU GLU A . n 
A 1 170 LEU 170 170 170 LEU LEU A . n 
A 1 171 THR 171 171 171 THR THR A . n 
A 1 172 ALA 172 172 172 ALA ALA A . n 
A 1 173 GLU 173 173 173 GLU GLU A . n 
A 1 174 GLN 174 174 174 GLN GLN A . n 
A 1 175 PHE 175 175 175 PHE PHE A . n 
A 1 176 PRO 176 176 176 PRO PRO A . n 
A 1 177 TRP 177 177 177 TRP TRP A . n 
A 1 178 PRO 178 178 178 PRO PRO A . n 
A 1 179 GLU 179 179 179 GLU GLU A . n 
A 1 180 ALA 180 180 ?   ?   ?   A . n 
A 1 181 LEU 181 181 ?   ?   ?   A . n 
A 1 182 SER 182 182 ?   ?   ?   A . n 
A 1 183 LEU 183 183 ?   ?   ?   A . n 
A 1 184 GLU 184 184 ?   ?   ?   A . n 
A 1 185 HIS 185 185 ?   ?   ?   A . n 
A 1 186 HIS 186 186 ?   ?   ?   A . n 
A 1 187 HIS 187 187 ?   ?   ?   A . n 
A 1 188 HIS 188 188 ?   ?   ?   A . n 
A 1 189 HIS 189 189 ?   ?   ?   A . n 
A 1 190 HIS 190 190 ?   ?   ?   A . n 
# 
loop_
_pdbx_nonpoly_scheme.asym_id 
_pdbx_nonpoly_scheme.entity_id 
_pdbx_nonpoly_scheme.mon_id 
_pdbx_nonpoly_scheme.ndb_seq_num 
_pdbx_nonpoly_scheme.pdb_seq_num 
_pdbx_nonpoly_scheme.auth_seq_num 
_pdbx_nonpoly_scheme.pdb_mon_id 
_pdbx_nonpoly_scheme.auth_mon_id 
_pdbx_nonpoly_scheme.pdb_strand_id 
_pdbx_nonpoly_scheme.pdb_ins_code 
B 2 CO  1  201 1  CO  CO  A . 
C 3 HOH 1  301 1  HOH HOH A . 
C 3 HOH 2  302 2  HOH HOH A . 
C 3 HOH 3  303 3  HOH HOH A . 
C 3 HOH 4  304 4  HOH HOH A . 
C 3 HOH 5  305 5  HOH HOH A . 
C 3 HOH 6  306 6  HOH HOH A . 
C 3 HOH 7  307 7  HOH HOH A . 
C 3 HOH 8  308 8  HOH HOH A . 
C 3 HOH 9  309 9  HOH HOH A . 
C 3 HOH 10 310 10 HOH HOH A . 
C 3 HOH 11 311 11 HOH HOH A . 
C 3 HOH 12 312 12 HOH HOH A . 
C 3 HOH 13 313 13 HOH HOH A . 
C 3 HOH 14 314 14 HOH HOH A . 
C 3 HOH 15 315 15 HOH HOH A . 
C 3 HOH 16 316 16 HOH HOH A . 
C 3 HOH 17 317 17 HOH HOH A . 
C 3 HOH 18 318 18 HOH HOH A . 
C 3 HOH 19 319 19 HOH HOH A . 
C 3 HOH 20 320 20 HOH HOH A . 
C 3 HOH 21 321 21 HOH HOH A . 
C 3 HOH 22 322 22 HOH HOH A . 
C 3 HOH 23 323 23 HOH HOH A . 
C 3 HOH 24 324 24 HOH HOH A . 
C 3 HOH 25 325 25 HOH HOH A . 
C 3 HOH 26 326 26 HOH HOH A . 
C 3 HOH 27 327 27 HOH HOH A . 
C 3 HOH 28 328 28 HOH HOH A . 
C 3 HOH 29 329 29 HOH HOH A . 
C 3 HOH 30 330 30 HOH HOH A . 
C 3 HOH 31 331 31 HOH HOH A . 
C 3 HOH 32 332 32 HOH HOH A . 
C 3 HOH 33 333 33 HOH HOH A . 
C 3 HOH 34 334 34 HOH HOH A . 
C 3 HOH 35 335 35 HOH HOH A . 
C 3 HOH 36 336 36 HOH HOH A . 
C 3 HOH 37 337 37 HOH HOH A . 
C 3 HOH 38 338 38 HOH HOH A . 
C 3 HOH 39 339 39 HOH HOH A . 
C 3 HOH 40 340 40 HOH HOH A . 
C 3 HOH 41 341 41 HOH HOH A . 
C 3 HOH 42 342 42 HOH HOH A . 
C 3 HOH 43 343 43 HOH HOH A . 
C 3 HOH 44 344 44 HOH HOH A . 
C 3 HOH 45 345 45 HOH HOH A . 
C 3 HOH 46 346 46 HOH HOH A . 
C 3 HOH 47 347 47 HOH HOH A . 
C 3 HOH 48 348 48 HOH HOH A . 
C 3 HOH 49 349 49 HOH HOH A . 
C 3 HOH 50 350 50 HOH HOH A . 
C 3 HOH 51 351 51 HOH HOH A . 
C 3 HOH 52 352 52 HOH HOH A . 
C 3 HOH 53 353 53 HOH HOH A . 
C 3 HOH 54 354 54 HOH HOH A . 
C 3 HOH 55 355 55 HOH HOH A . 
C 3 HOH 56 356 56 HOH HOH A . 
C 3 HOH 57 357 57 HOH HOH A . 
C 3 HOH 58 358 58 HOH HOH A . 
C 3 HOH 59 359 59 HOH HOH A . 
C 3 HOH 60 360 60 HOH HOH A . 
C 3 HOH 61 361 61 HOH HOH A . 
C 3 HOH 62 362 62 HOH HOH A . 
C 3 HOH 63 363 63 HOH HOH A . 
C 3 HOH 64 364 64 HOH HOH A . 
C 3 HOH 65 365 65 HOH HOH A . 
C 3 HOH 66 366 66 HOH HOH A . 
C 3 HOH 67 367 67 HOH HOH A . 
C 3 HOH 68 368 68 HOH HOH A . 
C 3 HOH 69 369 69 HOH HOH A . 
C 3 HOH 70 370 70 HOH HOH A . 
C 3 HOH 71 371 71 HOH HOH A . 
C 3 HOH 72 372 72 HOH HOH A . 
C 3 HOH 73 373 73 HOH HOH A . 
# 
_pdbx_struct_assembly.id                   1 
_pdbx_struct_assembly.details              author_defined_assembly 
_pdbx_struct_assembly.method_details       ? 
_pdbx_struct_assembly.oligomeric_details   monomeric 
_pdbx_struct_assembly.oligomeric_count     1 
# 
_pdbx_struct_assembly_gen.assembly_id       1 
_pdbx_struct_assembly_gen.oper_expression   1 
_pdbx_struct_assembly_gen.asym_id_list      A,B,C 
# 
_pdbx_struct_oper_list.id                   1 
_pdbx_struct_oper_list.type                 'identity operation' 
_pdbx_struct_oper_list.name                 1_555 
_pdbx_struct_oper_list.symmetry_operation   x,y,z 
_pdbx_struct_oper_list.matrix[1][1]         1.0000000000 
_pdbx_struct_oper_list.matrix[1][2]         0.0000000000 
_pdbx_struct_oper_list.matrix[1][3]         0.0000000000 
_pdbx_struct_oper_list.vector[1]            0.0000000000 
_pdbx_struct_oper_list.matrix[2][1]         0.0000000000 
_pdbx_struct_oper_list.matrix[2][2]         1.0000000000 
_pdbx_struct_oper_list.matrix[2][3]         0.0000000000 
_pdbx_struct_oper_list.vector[2]            0.0000000000 
_pdbx_struct_oper_list.matrix[3][1]         0.0000000000 
_pdbx_struct_oper_list.matrix[3][2]         0.0000000000 
_pdbx_struct_oper_list.matrix[3][3]         1.0000000000 
_pdbx_struct_oper_list.vector[3]            0.0000000000 
# 
_pdbx_struct_special_symmetry.id              1 
_pdbx_struct_special_symmetry.PDB_model_num   1 
_pdbx_struct_special_symmetry.auth_asym_id    A 
_pdbx_struct_special_symmetry.auth_comp_id    HOH 
_pdbx_struct_special_symmetry.auth_seq_id     319 
_pdbx_struct_special_symmetry.PDB_ins_code    ? 
_pdbx_struct_special_symmetry.label_asym_id   C 
_pdbx_struct_special_symmetry.label_comp_id   HOH 
_pdbx_struct_special_symmetry.label_seq_id    . 
# 
loop_
_pdbx_struct_conn_angle.id 
_pdbx_struct_conn_angle.ptnr1_label_atom_id 
_pdbx_struct_conn_angle.ptnr1_label_alt_id 
_pdbx_struct_conn_angle.ptnr1_label_asym_id 
_pdbx_struct_conn_angle.ptnr1_label_comp_id 
_pdbx_struct_conn_angle.ptnr1_label_seq_id 
_pdbx_struct_conn_angle.ptnr1_auth_atom_id 
_pdbx_struct_conn_angle.ptnr1_auth_asym_id 
_pdbx_struct_conn_angle.ptnr1_auth_comp_id 
_pdbx_struct_conn_angle.ptnr1_auth_seq_id 
_pdbx_struct_conn_angle.ptnr1_PDB_ins_code 
_pdbx_struct_conn_angle.ptnr1_symmetry 
_pdbx_struct_conn_angle.ptnr2_label_atom_id 
_pdbx_struct_conn_angle.ptnr2_label_alt_id 
_pdbx_struct_conn_angle.ptnr2_label_asym_id 
_pdbx_struct_conn_angle.ptnr2_label_comp_id 
_pdbx_struct_conn_angle.ptnr2_label_seq_id 
_pdbx_struct_conn_angle.ptnr2_auth_atom_id 
_pdbx_struct_conn_angle.ptnr2_auth_asym_id 
_pdbx_struct_conn_angle.ptnr2_auth_comp_id 
_pdbx_struct_conn_angle.ptnr2_auth_seq_id 
_pdbx_struct_conn_angle.ptnr2_PDB_ins_code 
_pdbx_struct_conn_angle.ptnr2_symmetry 
_pdbx_struct_conn_angle.ptnr3_label_atom_id 
_pdbx_struct_conn_angle.ptnr3_label_alt_id 
_pdbx_struct_conn_angle.ptnr3_label_asym_id 
_pdbx_struct_conn_angle.ptnr3_label_comp_id 
_pdbx_struct_conn_angle.ptnr3_label_seq_id 
_pdbx_struct_conn_angle.ptnr3_auth_atom_id 
_pdbx_struct_conn_angle.ptnr3_auth_asym_id 
_pdbx_struct_conn_angle.ptnr3_auth_comp_id 
_pdbx_struct_conn_angle.ptnr3_auth_seq_id 
_pdbx_struct_conn_angle.ptnr3_PDB_ins_code 
_pdbx_struct_conn_angle.ptnr3_symmetry 
_pdbx_struct_conn_angle.value 
_pdbx_struct_conn_angle.value_esd 
1  NE2 ? A HIS 59 ? A HIS 59  ? 1_555 CO ? B CO . ? A CO 201 ? 1_555 NE2 ? A HIS 63 ? A HIS 63  ? 1_555 98.1  ? 
2  NE2 ? A HIS 59 ? A HIS 59  ? 1_555 CO ? B CO . ? A CO 201 ? 1_555 OE1 ? A GLU 98 ? A GLU 98  ? 1_555 103.5 ? 
3  NE2 ? A HIS 63 ? A HIS 63  ? 1_555 CO ? B CO . ? A CO 201 ? 1_555 OE1 ? A GLU 98 ? A GLU 98  ? 1_555 108.8 ? 
4  NE2 ? A HIS 59 ? A HIS 59  ? 1_555 CO ? B CO . ? A CO 201 ? 1_555 OE2 ? A GLU 98 ? A GLU 98  ? 1_555 156.6 ? 
5  NE2 ? A HIS 63 ? A HIS 63  ? 1_555 CO ? B CO . ? A CO 201 ? 1_555 OE2 ? A GLU 98 ? A GLU 98  ? 1_555 85.1  ? 
6  OE1 ? A GLU 98 ? A GLU 98  ? 1_555 CO ? B CO . ? A CO 201 ? 1_555 OE2 ? A GLU 98 ? A GLU 98  ? 1_555 54.1  ? 
7  NE2 ? A HIS 59 ? A HIS 59  ? 1_555 CO ? B CO . ? A CO 201 ? 1_555 O   ? C HOH .  ? A HOH 302 ? 1_555 88.6  ? 
8  NE2 ? A HIS 63 ? A HIS 63  ? 1_555 CO ? B CO . ? A CO 201 ? 1_555 O   ? C HOH .  ? A HOH 302 ? 1_555 109.7 ? 
9  OE1 ? A GLU 98 ? A GLU 98  ? 1_555 CO ? B CO . ? A CO 201 ? 1_555 O   ? C HOH .  ? A HOH 302 ? 1_555 137.3 ? 
10 OE2 ? A GLU 98 ? A GLU 98  ? 1_555 CO ? B CO . ? A CO 201 ? 1_555 O   ? C HOH .  ? A HOH 302 ? 1_555 112.2 ? 
11 NE2 ? A HIS 59 ? A HIS 59  ? 1_555 CO ? B CO . ? A CO 201 ? 1_555 O   ? C HOH .  ? A HOH 353 ? 1_555 80.6  ? 
12 NE2 ? A HIS 63 ? A HIS 63  ? 1_555 CO ? B CO . ? A CO 201 ? 1_555 O   ? C HOH .  ? A HOH 353 ? 1_555 173.8 ? 
13 OE1 ? A GLU 98 ? A GLU 98  ? 1_555 CO ? B CO . ? A CO 201 ? 1_555 O   ? C HOH .  ? A HOH 353 ? 1_555 77.4  ? 
14 OE2 ? A GLU 98 ? A GLU 98  ? 1_555 CO ? B CO . ? A CO 201 ? 1_555 O   ? C HOH .  ? A HOH 353 ? 1_555 98.5  ? 
15 O   ? C HOH .  ? A HOH 302 ? 1_555 CO ? B CO . ? A CO 201 ? 1_555 O   ? C HOH .  ? A HOH 353 ? 1_555 64.3  ? 
# 
loop_
_pdbx_audit_revision_history.ordinal 
_pdbx_audit_revision_history.data_content_type 
_pdbx_audit_revision_history.major_revision 
_pdbx_audit_revision_history.minor_revision 
_pdbx_audit_revision_history.revision_date 
1 'Structure model' 1 0 2015-04-01 
2 'Structure model' 1 1 2017-11-22 
3 'Structure model' 1 2 2023-11-08 
# 
_pdbx_audit_revision_details.ordinal             1 
_pdbx_audit_revision_details.revision_ordinal    1 
_pdbx_audit_revision_details.data_content_type   'Structure model' 
_pdbx_audit_revision_details.provider            repository 
_pdbx_audit_revision_details.type                'Initial release' 
_pdbx_audit_revision_details.description         ? 
_pdbx_audit_revision_details.details             ? 
# 
loop_
_pdbx_audit_revision_group.ordinal 
_pdbx_audit_revision_group.revision_ordinal 
_pdbx_audit_revision_group.data_content_type 
_pdbx_audit_revision_group.group 
1 2 'Structure model' 'Refinement description' 
2 3 'Structure model' 'Data collection'        
3 3 'Structure model' 'Database references'    
4 3 'Structure model' 'Derived calculations'   
5 3 'Structure model' 'Refinement description' 
# 
loop_
_pdbx_audit_revision_category.ordinal 
_pdbx_audit_revision_category.revision_ordinal 
_pdbx_audit_revision_category.data_content_type 
_pdbx_audit_revision_category.category 
1 2 'Structure model' software                      
2 3 'Structure model' chem_comp_atom                
3 3 'Structure model' chem_comp_bond                
4 3 'Structure model' database_2                    
5 3 'Structure model' pdbx_initial_refinement_model 
6 3 'Structure model' pdbx_struct_conn_angle        
7 3 'Structure model' struct_conn                   
8 3 'Structure model' struct_ref_seq_dif            
9 3 'Structure model' struct_site                   
# 
loop_
_pdbx_audit_revision_item.ordinal 
_pdbx_audit_revision_item.revision_ordinal 
_pdbx_audit_revision_item.data_content_type 
_pdbx_audit_revision_item.item 
1  2 'Structure model' '_software.name'                              
2  3 'Structure model' '_database_2.pdbx_DOI'                        
3  3 'Structure model' '_database_2.pdbx_database_accession'         
4  3 'Structure model' '_pdbx_struct_conn_angle.ptnr1_auth_comp_id'  
5  3 'Structure model' '_pdbx_struct_conn_angle.ptnr1_auth_seq_id'   
6  3 'Structure model' '_pdbx_struct_conn_angle.ptnr1_label_asym_id' 
7  3 'Structure model' '_pdbx_struct_conn_angle.ptnr1_label_atom_id' 
8  3 'Structure model' '_pdbx_struct_conn_angle.ptnr1_label_comp_id' 
9  3 'Structure model' '_pdbx_struct_conn_angle.ptnr1_label_seq_id'  
10 3 'Structure model' '_pdbx_struct_conn_angle.ptnr3_auth_comp_id'  
11 3 'Structure model' '_pdbx_struct_conn_angle.ptnr3_auth_seq_id'   
12 3 'Structure model' '_pdbx_struct_conn_angle.ptnr3_label_asym_id' 
13 3 'Structure model' '_pdbx_struct_conn_angle.ptnr3_label_atom_id' 
14 3 'Structure model' '_pdbx_struct_conn_angle.ptnr3_label_comp_id' 
15 3 'Structure model' '_pdbx_struct_conn_angle.ptnr3_label_seq_id'  
16 3 'Structure model' '_pdbx_struct_conn_angle.value'               
17 3 'Structure model' '_struct_conn.pdbx_dist_value'                
18 3 'Structure model' '_struct_conn.ptnr1_auth_comp_id'             
19 3 'Structure model' '_struct_conn.ptnr1_auth_seq_id'              
20 3 'Structure model' '_struct_conn.ptnr1_label_asym_id'            
21 3 'Structure model' '_struct_conn.ptnr1_label_atom_id'            
22 3 'Structure model' '_struct_conn.ptnr1_label_comp_id'            
23 3 'Structure model' '_struct_conn.ptnr1_label_seq_id'             
24 3 'Structure model' '_struct_conn.ptnr2_auth_comp_id'             
25 3 'Structure model' '_struct_conn.ptnr2_auth_seq_id'              
26 3 'Structure model' '_struct_conn.ptnr2_label_asym_id'            
27 3 'Structure model' '_struct_conn.ptnr2_label_atom_id'            
28 3 'Structure model' '_struct_conn.ptnr2_label_comp_id'            
29 3 'Structure model' '_struct_ref_seq_dif.details'                 
30 3 'Structure model' '_struct_site.pdbx_auth_asym_id'              
31 3 'Structure model' '_struct_site.pdbx_auth_comp_id'              
32 3 'Structure model' '_struct_site.pdbx_auth_seq_id'               
# 
loop_
_software.name 
_software.classification 
_software.version 
_software.citation_id 
_software.pdbx_ordinal 
HKL-2000 'data collection' .                             ? 1 
CCP4     'model building'  .                             ? 2 
PHENIX   refinement        '(phenix.refine: 1.8.3_1479)' ? 3 
HKL-2000 'data reduction'  .                             ? 4 
HKL-2000 'data scaling'    .                             ? 5 
CCP4     phasing           .                             ? 6 
# 
loop_
_pdbx_validate_torsion.id 
_pdbx_validate_torsion.PDB_model_num 
_pdbx_validate_torsion.auth_comp_id 
_pdbx_validate_torsion.auth_asym_id 
_pdbx_validate_torsion.auth_seq_id 
_pdbx_validate_torsion.PDB_ins_code 
_pdbx_validate_torsion.label_alt_id 
_pdbx_validate_torsion.phi 
_pdbx_validate_torsion.psi 
1 1 ASP A 30 ? ? -106.08 -111.62 
2 1 PRO A 43 ? ? -84.62  33.34   
3 1 HIS A 51 ? ? 63.36   149.79  
# 
loop_
_pdbx_unobs_or_zero_occ_atoms.id 
_pdbx_unobs_or_zero_occ_atoms.PDB_model_num 
_pdbx_unobs_or_zero_occ_atoms.polymer_flag 
_pdbx_unobs_or_zero_occ_atoms.occupancy_flag 
_pdbx_unobs_or_zero_occ_atoms.auth_asym_id 
_pdbx_unobs_or_zero_occ_atoms.auth_comp_id 
_pdbx_unobs_or_zero_occ_atoms.auth_seq_id 
_pdbx_unobs_or_zero_occ_atoms.PDB_ins_code 
_pdbx_unobs_or_zero_occ_atoms.auth_atom_id 
_pdbx_unobs_or_zero_occ_atoms.label_alt_id 
_pdbx_unobs_or_zero_occ_atoms.label_asym_id 
_pdbx_unobs_or_zero_occ_atoms.label_comp_id 
_pdbx_unobs_or_zero_occ_atoms.label_seq_id 
_pdbx_unobs_or_zero_occ_atoms.label_atom_id 
1  1 Y 1 A GLU 21  ? CG  ? A GLU 21  CG  
2  1 Y 1 A GLU 21  ? CD  ? A GLU 21  CD  
3  1 Y 1 A GLU 21  ? OE1 ? A GLU 21  OE1 
4  1 Y 1 A GLU 21  ? OE2 ? A GLU 21  OE2 
5  1 Y 1 A GLU 41  ? CG  ? A GLU 41  CG  
6  1 Y 1 A GLU 41  ? CD  ? A GLU 41  CD  
7  1 Y 1 A GLU 41  ? OE1 ? A GLU 41  OE1 
8  1 Y 1 A GLU 41  ? OE2 ? A GLU 41  OE2 
9  1 Y 1 A GLN 93  ? CG  ? A GLN 93  CG  
10 1 Y 1 A GLN 93  ? CD  ? A GLN 93  CD  
11 1 Y 1 A GLN 93  ? OE1 ? A GLN 93  OE1 
12 1 Y 1 A GLN 93  ? NE2 ? A GLN 93  NE2 
13 1 Y 1 A PHE 94  ? CG  ? A PHE 94  CG  
14 1 Y 1 A PHE 94  ? CD1 ? A PHE 94  CD1 
15 1 Y 1 A PHE 94  ? CD2 ? A PHE 94  CD2 
16 1 Y 1 A PHE 94  ? CE1 ? A PHE 94  CE1 
17 1 Y 1 A PHE 94  ? CE2 ? A PHE 94  CE2 
18 1 Y 1 A PHE 94  ? CZ  ? A PHE 94  CZ  
19 1 Y 1 A GLU 95  ? CG  ? A GLU 95  CG  
20 1 Y 1 A GLU 95  ? CD  ? A GLU 95  CD  
21 1 Y 1 A GLU 95  ? OE1 ? A GLU 95  OE1 
22 1 Y 1 A GLU 95  ? OE2 ? A GLU 95  OE2 
23 1 Y 1 A VAL 118 ? CG1 ? A VAL 118 CG1 
24 1 Y 1 A VAL 118 ? CG2 ? A VAL 118 CG2 
25 1 Y 1 A SER 119 ? OG  ? A SER 119 OG  
26 1 Y 1 A GLU 152 ? CG  ? A GLU 152 CG  
27 1 Y 1 A GLU 152 ? CD  ? A GLU 152 CD  
28 1 Y 1 A GLU 152 ? OE1 ? A GLU 152 OE1 
29 1 Y 1 A GLU 152 ? OE2 ? A GLU 152 OE2 
30 1 Y 1 A LYS 159 ? CG  ? A LYS 159 CG  
31 1 Y 1 A LYS 159 ? CD  ? A LYS 159 CD  
32 1 Y 1 A LYS 159 ? CE  ? A LYS 159 CE  
33 1 Y 1 A LYS 159 ? NZ  ? A LYS 159 NZ  
34 1 Y 1 A GLU 173 ? CG  ? A GLU 173 CG  
35 1 Y 1 A GLU 173 ? CD  ? A GLU 173 CD  
36 1 Y 1 A GLU 173 ? OE1 ? A GLU 173 OE1 
37 1 Y 1 A GLU 173 ? OE2 ? A GLU 173 OE2 
38 1 Y 1 A GLU 179 ? CG  ? A GLU 179 CG  
39 1 Y 1 A GLU 179 ? CD  ? A GLU 179 CD  
40 1 Y 1 A GLU 179 ? OE1 ? A GLU 179 OE1 
41 1 Y 1 A GLU 179 ? OE2 ? A GLU 179 OE2 
# 
loop_
_pdbx_unobs_or_zero_occ_residues.id 
_pdbx_unobs_or_zero_occ_residues.PDB_model_num 
_pdbx_unobs_or_zero_occ_residues.polymer_flag 
_pdbx_unobs_or_zero_occ_residues.occupancy_flag 
_pdbx_unobs_or_zero_occ_residues.auth_asym_id 
_pdbx_unobs_or_zero_occ_residues.auth_comp_id 
_pdbx_unobs_or_zero_occ_residues.auth_seq_id 
_pdbx_unobs_or_zero_occ_residues.PDB_ins_code 
_pdbx_unobs_or_zero_occ_residues.label_asym_id 
_pdbx_unobs_or_zero_occ_residues.label_comp_id 
_pdbx_unobs_or_zero_occ_residues.label_seq_id 
1  1 Y 1 A MET 1   ? A MET 1   
2  1 Y 1 A ASN 2   ? A ASN 2   
3  1 Y 1 A GLY 68  ? A GLY 68  
4  1 Y 1 A LYS 69  ? A LYS 69  
5  1 Y 1 A ALA 70  ? A ALA 70  
6  1 Y 1 A ARG 71  ? A ARG 71  
7  1 Y 1 A ARG 72  ? A ARG 72  
8  1 Y 1 A GLU 73  ? A GLU 73  
9  1 Y 1 A LEU 74  ? A LEU 74  
10 1 Y 1 A VAL 75  ? A VAL 75  
11 1 Y 1 A ASP 76  ? A ASP 76  
12 1 Y 1 A PHE 77  ? A PHE 77  
13 1 Y 1 A GLY 78  ? A GLY 78  
14 1 Y 1 A TYR 79  ? A TYR 79  
15 1 Y 1 A TRP 80  ? A TRP 80  
16 1 Y 1 A TYR 81  ? A TYR 81  
17 1 Y 1 A CYS 82  ? A CYS 82  
18 1 Y 1 A PRO 83  ? A PRO 83  
19 1 Y 1 A ASP 84  ? A ASP 84  
20 1 Y 1 A GLY 85  ? A GLY 85  
21 1 Y 1 A ARG 86  ? A ARG 86  
22 1 Y 1 A ASP 87  ? A ASP 87  
23 1 Y 1 A ALA 88  ? A ALA 88  
24 1 Y 1 A GLN 89  ? A GLN 89  
25 1 Y 1 A THR 90  ? A THR 90  
26 1 Y 1 A GLN 91  ? A GLN 91  
27 1 Y 1 A SER 92  ? A SER 92  
28 1 Y 1 A CYS 120 ? A CYS 120 
29 1 Y 1 A ASP 121 ? A ASP 121 
30 1 Y 1 A ASN 122 ? A ASN 122 
31 1 Y 1 A LEU 123 ? A LEU 123 
32 1 Y 1 A GLU 124 ? A GLU 124 
33 1 Y 1 A GLY 125 ? A GLY 125 
34 1 Y 1 A ASP 126 ? A ASP 126 
35 1 Y 1 A PHE 127 ? A PHE 127 
36 1 Y 1 A GLU 128 ? A GLU 128 
37 1 Y 1 A PRO 129 ? A PRO 129 
38 1 Y 1 A ASP 130 ? A ASP 130 
39 1 Y 1 A ALA 180 ? A ALA 180 
40 1 Y 1 A LEU 181 ? A LEU 181 
41 1 Y 1 A SER 182 ? A SER 182 
42 1 Y 1 A LEU 183 ? A LEU 183 
43 1 Y 1 A GLU 184 ? A GLU 184 
44 1 Y 1 A HIS 185 ? A HIS 185 
45 1 Y 1 A HIS 186 ? A HIS 186 
46 1 Y 1 A HIS 187 ? A HIS 187 
47 1 Y 1 A HIS 188 ? A HIS 188 
48 1 Y 1 A HIS 189 ? A HIS 189 
49 1 Y 1 A HIS 190 ? A HIS 190 
# 
loop_
_chem_comp_atom.comp_id 
_chem_comp_atom.atom_id 
_chem_comp_atom.type_symbol 
_chem_comp_atom.pdbx_aromatic_flag 
_chem_comp_atom.pdbx_stereo_config 
_chem_comp_atom.pdbx_ordinal 
ALA N    N  N N 1   
ALA CA   C  N S 2   
ALA C    C  N N 3   
ALA O    O  N N 4   
ALA CB   C  N N 5   
ALA OXT  O  N N 6   
ALA H    H  N N 7   
ALA H2   H  N N 8   
ALA HA   H  N N 9   
ALA HB1  H  N N 10  
ALA HB2  H  N N 11  
ALA HB3  H  N N 12  
ALA HXT  H  N N 13  
ARG N    N  N N 14  
ARG CA   C  N S 15  
ARG C    C  N N 16  
ARG O    O  N N 17  
ARG CB   C  N N 18  
ARG CG   C  N N 19  
ARG CD   C  N N 20  
ARG NE   N  N N 21  
ARG CZ   C  N N 22  
ARG NH1  N  N N 23  
ARG NH2  N  N N 24  
ARG OXT  O  N N 25  
ARG H    H  N N 26  
ARG H2   H  N N 27  
ARG HA   H  N N 28  
ARG HB2  H  N N 29  
ARG HB3  H  N N 30  
ARG HG2  H  N N 31  
ARG HG3  H  N N 32  
ARG HD2  H  N N 33  
ARG HD3  H  N N 34  
ARG HE   H  N N 35  
ARG HH11 H  N N 36  
ARG HH12 H  N N 37  
ARG HH21 H  N N 38  
ARG HH22 H  N N 39  
ARG HXT  H  N N 40  
ASN N    N  N N 41  
ASN CA   C  N S 42  
ASN C    C  N N 43  
ASN O    O  N N 44  
ASN CB   C  N N 45  
ASN CG   C  N N 46  
ASN OD1  O  N N 47  
ASN ND2  N  N N 48  
ASN OXT  O  N N 49  
ASN H    H  N N 50  
ASN H2   H  N N 51  
ASN HA   H  N N 52  
ASN HB2  H  N N 53  
ASN HB3  H  N N 54  
ASN HD21 H  N N 55  
ASN HD22 H  N N 56  
ASN HXT  H  N N 57  
ASP N    N  N N 58  
ASP CA   C  N S 59  
ASP C    C  N N 60  
ASP O    O  N N 61  
ASP CB   C  N N 62  
ASP CG   C  N N 63  
ASP OD1  O  N N 64  
ASP OD2  O  N N 65  
ASP OXT  O  N N 66  
ASP H    H  N N 67  
ASP H2   H  N N 68  
ASP HA   H  N N 69  
ASP HB2  H  N N 70  
ASP HB3  H  N N 71  
ASP HD2  H  N N 72  
ASP HXT  H  N N 73  
CO  CO   CO N N 74  
CYS N    N  N N 75  
CYS CA   C  N R 76  
CYS C    C  N N 77  
CYS O    O  N N 78  
CYS CB   C  N N 79  
CYS SG   S  N N 80  
CYS OXT  O  N N 81  
CYS H    H  N N 82  
CYS H2   H  N N 83  
CYS HA   H  N N 84  
CYS HB2  H  N N 85  
CYS HB3  H  N N 86  
CYS HG   H  N N 87  
CYS HXT  H  N N 88  
GLN N    N  N N 89  
GLN CA   C  N S 90  
GLN C    C  N N 91  
GLN O    O  N N 92  
GLN CB   C  N N 93  
GLN CG   C  N N 94  
GLN CD   C  N N 95  
GLN OE1  O  N N 96  
GLN NE2  N  N N 97  
GLN OXT  O  N N 98  
GLN H    H  N N 99  
GLN H2   H  N N 100 
GLN HA   H  N N 101 
GLN HB2  H  N N 102 
GLN HB3  H  N N 103 
GLN HG2  H  N N 104 
GLN HG3  H  N N 105 
GLN HE21 H  N N 106 
GLN HE22 H  N N 107 
GLN HXT  H  N N 108 
GLU N    N  N N 109 
GLU CA   C  N S 110 
GLU C    C  N N 111 
GLU O    O  N N 112 
GLU CB   C  N N 113 
GLU CG   C  N N 114 
GLU CD   C  N N 115 
GLU OE1  O  N N 116 
GLU OE2  O  N N 117 
GLU OXT  O  N N 118 
GLU H    H  N N 119 
GLU H2   H  N N 120 
GLU HA   H  N N 121 
GLU HB2  H  N N 122 
GLU HB3  H  N N 123 
GLU HG2  H  N N 124 
GLU HG3  H  N N 125 
GLU HE2  H  N N 126 
GLU HXT  H  N N 127 
GLY N    N  N N 128 
GLY CA   C  N N 129 
GLY C    C  N N 130 
GLY O    O  N N 131 
GLY OXT  O  N N 132 
GLY H    H  N N 133 
GLY H2   H  N N 134 
GLY HA2  H  N N 135 
GLY HA3  H  N N 136 
GLY HXT  H  N N 137 
HIS N    N  N N 138 
HIS CA   C  N S 139 
HIS C    C  N N 140 
HIS O    O  N N 141 
HIS CB   C  N N 142 
HIS CG   C  Y N 143 
HIS ND1  N  Y N 144 
HIS CD2  C  Y N 145 
HIS CE1  C  Y N 146 
HIS NE2  N  Y N 147 
HIS OXT  O  N N 148 
HIS H    H  N N 149 
HIS H2   H  N N 150 
HIS HA   H  N N 151 
HIS HB2  H  N N 152 
HIS HB3  H  N N 153 
HIS HD1  H  N N 154 
HIS HD2  H  N N 155 
HIS HE1  H  N N 156 
HIS HE2  H  N N 157 
HIS HXT  H  N N 158 
HOH O    O  N N 159 
HOH H1   H  N N 160 
HOH H2   H  N N 161 
ILE N    N  N N 162 
ILE CA   C  N S 163 
ILE C    C  N N 164 
ILE O    O  N N 165 
ILE CB   C  N S 166 
ILE CG1  C  N N 167 
ILE CG2  C  N N 168 
ILE CD1  C  N N 169 
ILE OXT  O  N N 170 
ILE H    H  N N 171 
ILE H2   H  N N 172 
ILE HA   H  N N 173 
ILE HB   H  N N 174 
ILE HG12 H  N N 175 
ILE HG13 H  N N 176 
ILE HG21 H  N N 177 
ILE HG22 H  N N 178 
ILE HG23 H  N N 179 
ILE HD11 H  N N 180 
ILE HD12 H  N N 181 
ILE HD13 H  N N 182 
ILE HXT  H  N N 183 
LEU N    N  N N 184 
LEU CA   C  N S 185 
LEU C    C  N N 186 
LEU O    O  N N 187 
LEU CB   C  N N 188 
LEU CG   C  N N 189 
LEU CD1  C  N N 190 
LEU CD2  C  N N 191 
LEU OXT  O  N N 192 
LEU H    H  N N 193 
LEU H2   H  N N 194 
LEU HA   H  N N 195 
LEU HB2  H  N N 196 
LEU HB3  H  N N 197 
LEU HG   H  N N 198 
LEU HD11 H  N N 199 
LEU HD12 H  N N 200 
LEU HD13 H  N N 201 
LEU HD21 H  N N 202 
LEU HD22 H  N N 203 
LEU HD23 H  N N 204 
LEU HXT  H  N N 205 
LYS N    N  N N 206 
LYS CA   C  N S 207 
LYS C    C  N N 208 
LYS O    O  N N 209 
LYS CB   C  N N 210 
LYS CG   C  N N 211 
LYS CD   C  N N 212 
LYS CE   C  N N 213 
LYS NZ   N  N N 214 
LYS OXT  O  N N 215 
LYS H    H  N N 216 
LYS H2   H  N N 217 
LYS HA   H  N N 218 
LYS HB2  H  N N 219 
LYS HB3  H  N N 220 
LYS HG2  H  N N 221 
LYS HG3  H  N N 222 
LYS HD2  H  N N 223 
LYS HD3  H  N N 224 
LYS HE2  H  N N 225 
LYS HE3  H  N N 226 
LYS HZ1  H  N N 227 
LYS HZ2  H  N N 228 
LYS HZ3  H  N N 229 
LYS HXT  H  N N 230 
MET N    N  N N 231 
MET CA   C  N S 232 
MET C    C  N N 233 
MET O    O  N N 234 
MET CB   C  N N 235 
MET CG   C  N N 236 
MET SD   S  N N 237 
MET CE   C  N N 238 
MET OXT  O  N N 239 
MET H    H  N N 240 
MET H2   H  N N 241 
MET HA   H  N N 242 
MET HB2  H  N N 243 
MET HB3  H  N N 244 
MET HG2  H  N N 245 
MET HG3  H  N N 246 
MET HE1  H  N N 247 
MET HE2  H  N N 248 
MET HE3  H  N N 249 
MET HXT  H  N N 250 
PHE N    N  N N 251 
PHE CA   C  N S 252 
PHE C    C  N N 253 
PHE O    O  N N 254 
PHE CB   C  N N 255 
PHE CG   C  Y N 256 
PHE CD1  C  Y N 257 
PHE CD2  C  Y N 258 
PHE CE1  C  Y N 259 
PHE CE2  C  Y N 260 
PHE CZ   C  Y N 261 
PHE OXT  O  N N 262 
PHE H    H  N N 263 
PHE H2   H  N N 264 
PHE HA   H  N N 265 
PHE HB2  H  N N 266 
PHE HB3  H  N N 267 
PHE HD1  H  N N 268 
PHE HD2  H  N N 269 
PHE HE1  H  N N 270 
PHE HE2  H  N N 271 
PHE HZ   H  N N 272 
PHE HXT  H  N N 273 
PRO N    N  N N 274 
PRO CA   C  N S 275 
PRO C    C  N N 276 
PRO O    O  N N 277 
PRO CB   C  N N 278 
PRO CG   C  N N 279 
PRO CD   C  N N 280 
PRO OXT  O  N N 281 
PRO H    H  N N 282 
PRO HA   H  N N 283 
PRO HB2  H  N N 284 
PRO HB3  H  N N 285 
PRO HG2  H  N N 286 
PRO HG3  H  N N 287 
PRO HD2  H  N N 288 
PRO HD3  H  N N 289 
PRO HXT  H  N N 290 
SER N    N  N N 291 
SER CA   C  N S 292 
SER C    C  N N 293 
SER O    O  N N 294 
SER CB   C  N N 295 
SER OG   O  N N 296 
SER OXT  O  N N 297 
SER H    H  N N 298 
SER H2   H  N N 299 
SER HA   H  N N 300 
SER HB2  H  N N 301 
SER HB3  H  N N 302 
SER HG   H  N N 303 
SER HXT  H  N N 304 
THR N    N  N N 305 
THR CA   C  N S 306 
THR C    C  N N 307 
THR O    O  N N 308 
THR CB   C  N R 309 
THR OG1  O  N N 310 
THR CG2  C  N N 311 
THR OXT  O  N N 312 
THR H    H  N N 313 
THR H2   H  N N 314 
THR HA   H  N N 315 
THR HB   H  N N 316 
THR HG1  H  N N 317 
THR HG21 H  N N 318 
THR HG22 H  N N 319 
THR HG23 H  N N 320 
THR HXT  H  N N 321 
TRP N    N  N N 322 
TRP CA   C  N S 323 
TRP C    C  N N 324 
TRP O    O  N N 325 
TRP CB   C  N N 326 
TRP CG   C  Y N 327 
TRP CD1  C  Y N 328 
TRP CD2  C  Y N 329 
TRP NE1  N  Y N 330 
TRP CE2  C  Y N 331 
TRP CE3  C  Y N 332 
TRP CZ2  C  Y N 333 
TRP CZ3  C  Y N 334 
TRP CH2  C  Y N 335 
TRP OXT  O  N N 336 
TRP H    H  N N 337 
TRP H2   H  N N 338 
TRP HA   H  N N 339 
TRP HB2  H  N N 340 
TRP HB3  H  N N 341 
TRP HD1  H  N N 342 
TRP HE1  H  N N 343 
TRP HE3  H  N N 344 
TRP HZ2  H  N N 345 
TRP HZ3  H  N N 346 
TRP HH2  H  N N 347 
TRP HXT  H  N N 348 
TYR N    N  N N 349 
TYR CA   C  N S 350 
TYR C    C  N N 351 
TYR O    O  N N 352 
TYR CB   C  N N 353 
TYR CG   C  Y N 354 
TYR CD1  C  Y N 355 
TYR CD2  C  Y N 356 
TYR CE1  C  Y N 357 
TYR CE2  C  Y N 358 
TYR CZ   C  Y N 359 
TYR OH   O  N N 360 
TYR OXT  O  N N 361 
TYR H    H  N N 362 
TYR H2   H  N N 363 
TYR HA   H  N N 364 
TYR HB2  H  N N 365 
TYR HB3  H  N N 366 
TYR HD1  H  N N 367 
TYR HD2  H  N N 368 
TYR HE1  H  N N 369 
TYR HE2  H  N N 370 
TYR HH   H  N N 371 
TYR HXT  H  N N 372 
VAL N    N  N N 373 
VAL CA   C  N S 374 
VAL C    C  N N 375 
VAL O    O  N N 376 
VAL CB   C  N N 377 
VAL CG1  C  N N 378 
VAL CG2  C  N N 379 
VAL OXT  O  N N 380 
VAL H    H  N N 381 
VAL H2   H  N N 382 
VAL HA   H  N N 383 
VAL HB   H  N N 384 
VAL HG11 H  N N 385 
VAL HG12 H  N N 386 
VAL HG13 H  N N 387 
VAL HG21 H  N N 388 
VAL HG22 H  N N 389 
VAL HG23 H  N N 390 
VAL HXT  H  N N 391 
# 
loop_
_chem_comp_bond.comp_id 
_chem_comp_bond.atom_id_1 
_chem_comp_bond.atom_id_2 
_chem_comp_bond.value_order 
_chem_comp_bond.pdbx_aromatic_flag 
_chem_comp_bond.pdbx_stereo_config 
_chem_comp_bond.pdbx_ordinal 
ALA N   CA   sing N N 1   
ALA N   H    sing N N 2   
ALA N   H2   sing N N 3   
ALA CA  C    sing N N 4   
ALA CA  CB   sing N N 5   
ALA CA  HA   sing N N 6   
ALA C   O    doub N N 7   
ALA C   OXT  sing N N 8   
ALA CB  HB1  sing N N 9   
ALA CB  HB2  sing N N 10  
ALA CB  HB3  sing N N 11  
ALA OXT HXT  sing N N 12  
ARG N   CA   sing N N 13  
ARG N   H    sing N N 14  
ARG N   H2   sing N N 15  
ARG CA  C    sing N N 16  
ARG CA  CB   sing N N 17  
ARG CA  HA   sing N N 18  
ARG C   O    doub N N 19  
ARG C   OXT  sing N N 20  
ARG CB  CG   sing N N 21  
ARG CB  HB2  sing N N 22  
ARG CB  HB3  sing N N 23  
ARG CG  CD   sing N N 24  
ARG CG  HG2  sing N N 25  
ARG CG  HG3  sing N N 26  
ARG CD  NE   sing N N 27  
ARG CD  HD2  sing N N 28  
ARG CD  HD3  sing N N 29  
ARG NE  CZ   sing N N 30  
ARG NE  HE   sing N N 31  
ARG CZ  NH1  sing N N 32  
ARG CZ  NH2  doub N N 33  
ARG NH1 HH11 sing N N 34  
ARG NH1 HH12 sing N N 35  
ARG NH2 HH21 sing N N 36  
ARG NH2 HH22 sing N N 37  
ARG OXT HXT  sing N N 38  
ASN N   CA   sing N N 39  
ASN N   H    sing N N 40  
ASN N   H2   sing N N 41  
ASN CA  C    sing N N 42  
ASN CA  CB   sing N N 43  
ASN CA  HA   sing N N 44  
ASN C   O    doub N N 45  
ASN C   OXT  sing N N 46  
ASN CB  CG   sing N N 47  
ASN CB  HB2  sing N N 48  
ASN CB  HB3  sing N N 49  
ASN CG  OD1  doub N N 50  
ASN CG  ND2  sing N N 51  
ASN ND2 HD21 sing N N 52  
ASN ND2 HD22 sing N N 53  
ASN OXT HXT  sing N N 54  
ASP N   CA   sing N N 55  
ASP N   H    sing N N 56  
ASP N   H2   sing N N 57  
ASP CA  C    sing N N 58  
ASP CA  CB   sing N N 59  
ASP CA  HA   sing N N 60  
ASP C   O    doub N N 61  
ASP C   OXT  sing N N 62  
ASP CB  CG   sing N N 63  
ASP CB  HB2  sing N N 64  
ASP CB  HB3  sing N N 65  
ASP CG  OD1  doub N N 66  
ASP CG  OD2  sing N N 67  
ASP OD2 HD2  sing N N 68  
ASP OXT HXT  sing N N 69  
CYS N   CA   sing N N 70  
CYS N   H    sing N N 71  
CYS N   H2   sing N N 72  
CYS CA  C    sing N N 73  
CYS CA  CB   sing N N 74  
CYS CA  HA   sing N N 75  
CYS C   O    doub N N 76  
CYS C   OXT  sing N N 77  
CYS CB  SG   sing N N 78  
CYS CB  HB2  sing N N 79  
CYS CB  HB3  sing N N 80  
CYS SG  HG   sing N N 81  
CYS OXT HXT  sing N N 82  
GLN N   CA   sing N N 83  
GLN N   H    sing N N 84  
GLN N   H2   sing N N 85  
GLN CA  C    sing N N 86  
GLN CA  CB   sing N N 87  
GLN CA  HA   sing N N 88  
GLN C   O    doub N N 89  
GLN C   OXT  sing N N 90  
GLN CB  CG   sing N N 91  
GLN CB  HB2  sing N N 92  
GLN CB  HB3  sing N N 93  
GLN CG  CD   sing N N 94  
GLN CG  HG2  sing N N 95  
GLN CG  HG3  sing N N 96  
GLN CD  OE1  doub N N 97  
GLN CD  NE2  sing N N 98  
GLN NE2 HE21 sing N N 99  
GLN NE2 HE22 sing N N 100 
GLN OXT HXT  sing N N 101 
GLU N   CA   sing N N 102 
GLU N   H    sing N N 103 
GLU N   H2   sing N N 104 
GLU CA  C    sing N N 105 
GLU CA  CB   sing N N 106 
GLU CA  HA   sing N N 107 
GLU C   O    doub N N 108 
GLU C   OXT  sing N N 109 
GLU CB  CG   sing N N 110 
GLU CB  HB2  sing N N 111 
GLU CB  HB3  sing N N 112 
GLU CG  CD   sing N N 113 
GLU CG  HG2  sing N N 114 
GLU CG  HG3  sing N N 115 
GLU CD  OE1  doub N N 116 
GLU CD  OE2  sing N N 117 
GLU OE2 HE2  sing N N 118 
GLU OXT HXT  sing N N 119 
GLY N   CA   sing N N 120 
GLY N   H    sing N N 121 
GLY N   H2   sing N N 122 
GLY CA  C    sing N N 123 
GLY CA  HA2  sing N N 124 
GLY CA  HA3  sing N N 125 
GLY C   O    doub N N 126 
GLY C   OXT  sing N N 127 
GLY OXT HXT  sing N N 128 
HIS N   CA   sing N N 129 
HIS N   H    sing N N 130 
HIS N   H2   sing N N 131 
HIS CA  C    sing N N 132 
HIS CA  CB   sing N N 133 
HIS CA  HA   sing N N 134 
HIS C   O    doub N N 135 
HIS C   OXT  sing N N 136 
HIS CB  CG   sing N N 137 
HIS CB  HB2  sing N N 138 
HIS CB  HB3  sing N N 139 
HIS CG  ND1  sing Y N 140 
HIS CG  CD2  doub Y N 141 
HIS ND1 CE1  doub Y N 142 
HIS ND1 HD1  sing N N 143 
HIS CD2 NE2  sing Y N 144 
HIS CD2 HD2  sing N N 145 
HIS CE1 NE2  sing Y N 146 
HIS CE1 HE1  sing N N 147 
HIS NE2 HE2  sing N N 148 
HIS OXT HXT  sing N N 149 
HOH O   H1   sing N N 150 
HOH O   H2   sing N N 151 
ILE N   CA   sing N N 152 
ILE N   H    sing N N 153 
ILE N   H2   sing N N 154 
ILE CA  C    sing N N 155 
ILE CA  CB   sing N N 156 
ILE CA  HA   sing N N 157 
ILE C   O    doub N N 158 
ILE C   OXT  sing N N 159 
ILE CB  CG1  sing N N 160 
ILE CB  CG2  sing N N 161 
ILE CB  HB   sing N N 162 
ILE CG1 CD1  sing N N 163 
ILE CG1 HG12 sing N N 164 
ILE CG1 HG13 sing N N 165 
ILE CG2 HG21 sing N N 166 
ILE CG2 HG22 sing N N 167 
ILE CG2 HG23 sing N N 168 
ILE CD1 HD11 sing N N 169 
ILE CD1 HD12 sing N N 170 
ILE CD1 HD13 sing N N 171 
ILE OXT HXT  sing N N 172 
LEU N   CA   sing N N 173 
LEU N   H    sing N N 174 
LEU N   H2   sing N N 175 
LEU CA  C    sing N N 176 
LEU CA  CB   sing N N 177 
LEU CA  HA   sing N N 178 
LEU C   O    doub N N 179 
LEU C   OXT  sing N N 180 
LEU CB  CG   sing N N 181 
LEU CB  HB2  sing N N 182 
LEU CB  HB3  sing N N 183 
LEU CG  CD1  sing N N 184 
LEU CG  CD2  sing N N 185 
LEU CG  HG   sing N N 186 
LEU CD1 HD11 sing N N 187 
LEU CD1 HD12 sing N N 188 
LEU CD1 HD13 sing N N 189 
LEU CD2 HD21 sing N N 190 
LEU CD2 HD22 sing N N 191 
LEU CD2 HD23 sing N N 192 
LEU OXT HXT  sing N N 193 
LYS N   CA   sing N N 194 
LYS N   H    sing N N 195 
LYS N   H2   sing N N 196 
LYS CA  C    sing N N 197 
LYS CA  CB   sing N N 198 
LYS CA  HA   sing N N 199 
LYS C   O    doub N N 200 
LYS C   OXT  sing N N 201 
LYS CB  CG   sing N N 202 
LYS CB  HB2  sing N N 203 
LYS CB  HB3  sing N N 204 
LYS CG  CD   sing N N 205 
LYS CG  HG2  sing N N 206 
LYS CG  HG3  sing N N 207 
LYS CD  CE   sing N N 208 
LYS CD  HD2  sing N N 209 
LYS CD  HD3  sing N N 210 
LYS CE  NZ   sing N N 211 
LYS CE  HE2  sing N N 212 
LYS CE  HE3  sing N N 213 
LYS NZ  HZ1  sing N N 214 
LYS NZ  HZ2  sing N N 215 
LYS NZ  HZ3  sing N N 216 
LYS OXT HXT  sing N N 217 
MET N   CA   sing N N 218 
MET N   H    sing N N 219 
MET N   H2   sing N N 220 
MET CA  C    sing N N 221 
MET CA  CB   sing N N 222 
MET CA  HA   sing N N 223 
MET C   O    doub N N 224 
MET C   OXT  sing N N 225 
MET CB  CG   sing N N 226 
MET CB  HB2  sing N N 227 
MET CB  HB3  sing N N 228 
MET CG  SD   sing N N 229 
MET CG  HG2  sing N N 230 
MET CG  HG3  sing N N 231 
MET SD  CE   sing N N 232 
MET CE  HE1  sing N N 233 
MET CE  HE2  sing N N 234 
MET CE  HE3  sing N N 235 
MET OXT HXT  sing N N 236 
PHE N   CA   sing N N 237 
PHE N   H    sing N N 238 
PHE N   H2   sing N N 239 
PHE CA  C    sing N N 240 
PHE CA  CB   sing N N 241 
PHE CA  HA   sing N N 242 
PHE C   O    doub N N 243 
PHE C   OXT  sing N N 244 
PHE CB  CG   sing N N 245 
PHE CB  HB2  sing N N 246 
PHE CB  HB3  sing N N 247 
PHE CG  CD1  doub Y N 248 
PHE CG  CD2  sing Y N 249 
PHE CD1 CE1  sing Y N 250 
PHE CD1 HD1  sing N N 251 
PHE CD2 CE2  doub Y N 252 
PHE CD2 HD2  sing N N 253 
PHE CE1 CZ   doub Y N 254 
PHE CE1 HE1  sing N N 255 
PHE CE2 CZ   sing Y N 256 
PHE CE2 HE2  sing N N 257 
PHE CZ  HZ   sing N N 258 
PHE OXT HXT  sing N N 259 
PRO N   CA   sing N N 260 
PRO N   CD   sing N N 261 
PRO N   H    sing N N 262 
PRO CA  C    sing N N 263 
PRO CA  CB   sing N N 264 
PRO CA  HA   sing N N 265 
PRO C   O    doub N N 266 
PRO C   OXT  sing N N 267 
PRO CB  CG   sing N N 268 
PRO CB  HB2  sing N N 269 
PRO CB  HB3  sing N N 270 
PRO CG  CD   sing N N 271 
PRO CG  HG2  sing N N 272 
PRO CG  HG3  sing N N 273 
PRO CD  HD2  sing N N 274 
PRO CD  HD3  sing N N 275 
PRO OXT HXT  sing N N 276 
SER N   CA   sing N N 277 
SER N   H    sing N N 278 
SER N   H2   sing N N 279 
SER CA  C    sing N N 280 
SER CA  CB   sing N N 281 
SER CA  HA   sing N N 282 
SER C   O    doub N N 283 
SER C   OXT  sing N N 284 
SER CB  OG   sing N N 285 
SER CB  HB2  sing N N 286 
SER CB  HB3  sing N N 287 
SER OG  HG   sing N N 288 
SER OXT HXT  sing N N 289 
THR N   CA   sing N N 290 
THR N   H    sing N N 291 
THR N   H2   sing N N 292 
THR CA  C    sing N N 293 
THR CA  CB   sing N N 294 
THR CA  HA   sing N N 295 
THR C   O    doub N N 296 
THR C   OXT  sing N N 297 
THR CB  OG1  sing N N 298 
THR CB  CG2  sing N N 299 
THR CB  HB   sing N N 300 
THR OG1 HG1  sing N N 301 
THR CG2 HG21 sing N N 302 
THR CG2 HG22 sing N N 303 
THR CG2 HG23 sing N N 304 
THR OXT HXT  sing N N 305 
TRP N   CA   sing N N 306 
TRP N   H    sing N N 307 
TRP N   H2   sing N N 308 
TRP CA  C    sing N N 309 
TRP CA  CB   sing N N 310 
TRP CA  HA   sing N N 311 
TRP C   O    doub N N 312 
TRP C   OXT  sing N N 313 
TRP CB  CG   sing N N 314 
TRP CB  HB2  sing N N 315 
TRP CB  HB3  sing N N 316 
TRP CG  CD1  doub Y N 317 
TRP CG  CD2  sing Y N 318 
TRP CD1 NE1  sing Y N 319 
TRP CD1 HD1  sing N N 320 
TRP CD2 CE2  doub Y N 321 
TRP CD2 CE3  sing Y N 322 
TRP NE1 CE2  sing Y N 323 
TRP NE1 HE1  sing N N 324 
TRP CE2 CZ2  sing Y N 325 
TRP CE3 CZ3  doub Y N 326 
TRP CE3 HE3  sing N N 327 
TRP CZ2 CH2  doub Y N 328 
TRP CZ2 HZ2  sing N N 329 
TRP CZ3 CH2  sing Y N 330 
TRP CZ3 HZ3  sing N N 331 
TRP CH2 HH2  sing N N 332 
TRP OXT HXT  sing N N 333 
TYR N   CA   sing N N 334 
TYR N   H    sing N N 335 
TYR N   H2   sing N N 336 
TYR CA  C    sing N N 337 
TYR CA  CB   sing N N 338 
TYR CA  HA   sing N N 339 
TYR C   O    doub N N 340 
TYR C   OXT  sing N N 341 
TYR CB  CG   sing N N 342 
TYR CB  HB2  sing N N 343 
TYR CB  HB3  sing N N 344 
TYR CG  CD1  doub Y N 345 
TYR CG  CD2  sing Y N 346 
TYR CD1 CE1  sing Y N 347 
TYR CD1 HD1  sing N N 348 
TYR CD2 CE2  doub Y N 349 
TYR CD2 HD2  sing N N 350 
TYR CE1 CZ   doub Y N 351 
TYR CE1 HE1  sing N N 352 
TYR CE2 CZ   sing Y N 353 
TYR CE2 HE2  sing N N 354 
TYR CZ  OH   sing N N 355 
TYR OH  HH   sing N N 356 
TYR OXT HXT  sing N N 357 
VAL N   CA   sing N N 358 
VAL N   H    sing N N 359 
VAL N   H2   sing N N 360 
VAL CA  C    sing N N 361 
VAL CA  CB   sing N N 362 
VAL CA  HA   sing N N 363 
VAL C   O    doub N N 364 
VAL C   OXT  sing N N 365 
VAL CB  CG1  sing N N 366 
VAL CB  CG2  sing N N 367 
VAL CB  HB   sing N N 368 
VAL CG1 HG11 sing N N 369 
VAL CG1 HG12 sing N N 370 
VAL CG1 HG13 sing N N 371 
VAL CG2 HG21 sing N N 372 
VAL CG2 HG22 sing N N 373 
VAL CG2 HG23 sing N N 374 
VAL OXT HXT  sing N N 375 
# 
loop_
_pdbx_entity_nonpoly.entity_id 
_pdbx_entity_nonpoly.name 
_pdbx_entity_nonpoly.comp_id 
2 'COBALT (II) ION' CO  
3 water             HOH 
# 
_pdbx_initial_refinement_model.id               1 
_pdbx_initial_refinement_model.entity_id_list   ? 
_pdbx_initial_refinement_model.type             'experimental model' 
_pdbx_initial_refinement_model.source_name      PDB 
_pdbx_initial_refinement_model.accession_code   4PDN 
_pdbx_initial_refinement_model.details          ? 
# 
